data_4GSK
#
_entry.id   4GSK
#
_cell.length_a   120.556
_cell.length_b   146.186
_cell.length_c   108.442
_cell.angle_alpha   90.000
_cell.angle_beta   90.000
_cell.angle_gamma   90.000
#
_symmetry.space_group_name_H-M   'P 21 21 2'
#
loop_
_entity.id
_entity.type
_entity.pdbx_description
1 polymer 'Ubiquitin-like modifier-activating enzyme ATG7'
2 polymer 'Ubiquitin-like-conjugating enzyme ATG10'
3 non-polymer 'ZINC ION'
#
loop_
_entity_poly.entity_id
_entity_poly.type
_entity_poly.pdbx_seq_one_letter_code
_entity_poly.pdbx_strand_id
1 'polypeptide(L)'
;GSMSSERVLSYAPAFKSFLDTSFFQELSRLKLDVLKLDSTSQPLTVNLDLHNIPKSADQVPLFLTNRSFEKHNNKRTNEV
PLQGSIFNFNVLDEFKNLDKQLFLHQRALECWEDGIKDINKCVSFVIISFADLKKYRFYYWLGVPCFQRPSSTVLHVRPE
PSLKGLFSKCQKWFDVNYSKWVCILDADDEIVNYDKSIIRKTKVLAIRDTSTMENVPSALTKNFLSVLQYDVPDLIDFKL
LIIRQNEGSFALNATFASIDPQSSSSNPDMKVSGWERNVQGKLAPRVVDLSSLLDPLKIADQSVDLNLKLMKWRILPDLN
LDIIKNTKVLLLGAGTLGCYVSRALIAWGVRKITFVDNGTVSYSNPVRQALYNFEDAGKPKAELAAASLKRIFPLMDATG
VKLSIPMIGHKLVNEEAQHKDFDRLRALIKEHDIIFLLVDSRESRWLPSLLSNIENKTVINAALGFDSYLVMRHGNRDEQ
SSKQLGCYFCHDVVAPTDSLTDRTLDQMCTVTRPGVAMMASSLAVELMTSLLQTKYSGSETTVLGDIPHQIRGFLHNFSI
LKLETPAYEHCPACSPKVIEAFTDLGWEFVKKALEHPLYLEEISGLSVIKQEVER
;
A,B
2 'polypeptide(L)'
;GSGGSGMIPYQEWHSQLQSLYDSQIFHNWALSQDVHLNDEKDGLLLRLIPTRQLQKNTERIENKLLNHIELYLTYSKVYN
EPLLLLRIWEEKSIDGIPMTKLMLPTDIESLLDVQGKFQLGLDTIINLEGSVWYSFHPCDTSSIVGDQAEFMSTYLRRWV
SIFIFSWLGYEDS
;
Y,Z
#
# COMPACT_ATOMS: atom_id res chain seq x y z
N SER A 5 -20.99 -56.85 -57.01
CA SER A 5 -20.20 -56.34 -55.90
C SER A 5 -20.35 -54.83 -55.74
N GLU A 6 -21.60 -54.36 -55.78
CA GLU A 6 -21.88 -52.92 -55.71
C GLU A 6 -22.65 -52.56 -54.45
N ARG A 7 -22.52 -51.30 -54.00
CA ARG A 7 -23.15 -50.85 -52.75
C ARG A 7 -23.65 -49.41 -52.82
N VAL A 8 -24.46 -49.04 -51.83
CA VAL A 8 -24.93 -47.65 -51.69
C VAL A 8 -23.93 -46.86 -50.86
N LEU A 9 -23.73 -45.59 -51.22
CA LEU A 9 -22.73 -44.76 -50.56
C LEU A 9 -23.19 -44.16 -49.24
N SER A 10 -22.44 -44.42 -48.18
CA SER A 10 -22.66 -43.76 -46.90
C SER A 10 -21.61 -42.68 -46.67
N TYR A 11 -21.72 -41.95 -45.57
CA TYR A 11 -20.84 -40.80 -45.32
C TYR A 11 -20.43 -40.67 -43.86
N ALA A 12 -19.21 -40.19 -43.63
CA ALA A 12 -18.76 -39.80 -42.30
C ALA A 12 -19.07 -38.33 -42.06
N PRO A 13 -19.21 -37.92 -40.79
CA PRO A 13 -19.36 -36.50 -40.44
C PRO A 13 -18.18 -35.68 -40.95
N ALA A 14 -18.47 -34.52 -41.52
CA ALA A 14 -17.45 -33.72 -42.20
C ALA A 14 -16.26 -33.36 -41.32
N PHE A 15 -16.52 -32.73 -40.18
CA PHE A 15 -15.46 -32.23 -39.33
C PHE A 15 -15.60 -32.62 -37.86
N LYS A 16 -14.52 -32.42 -37.11
CA LYS A 16 -14.45 -32.71 -35.69
C LYS A 16 -13.91 -31.45 -35.00
N SER A 17 -14.72 -30.78 -34.20
CA SER A 17 -14.33 -29.49 -33.66
C SER A 17 -13.51 -29.55 -32.38
N PHE A 18 -12.52 -28.68 -32.30
CA PHE A 18 -11.77 -28.42 -31.06
C PHE A 18 -11.61 -26.91 -30.92
N LEU A 19 -12.11 -26.34 -29.84
CA LEU A 19 -12.02 -24.89 -29.65
C LEU A 19 -11.10 -24.56 -28.49
N ASP A 20 -9.96 -23.93 -28.79
CA ASP A 20 -9.03 -23.55 -27.74
C ASP A 20 -9.55 -22.37 -26.94
N THR A 21 -9.18 -22.30 -25.66
CA THR A 21 -9.73 -21.31 -24.74
C THR A 21 -9.53 -19.89 -25.24
N SER A 22 -8.53 -19.71 -26.09
CA SER A 22 -8.29 -18.43 -26.74
C SER A 22 -9.50 -17.98 -27.56
N PHE A 23 -10.21 -18.94 -28.13
CA PHE A 23 -11.41 -18.64 -28.92
C PHE A 23 -12.51 -18.05 -28.03
N PHE A 24 -12.67 -18.61 -26.84
CA PHE A 24 -13.68 -18.16 -25.91
C PHE A 24 -13.26 -16.85 -25.24
N GLN A 25 -11.96 -16.71 -25.00
CA GLN A 25 -11.42 -15.46 -24.49
C GLN A 25 -11.60 -14.36 -25.52
N GLU A 26 -11.45 -14.72 -26.80
CA GLU A 26 -11.65 -13.78 -27.89
C GLU A 26 -13.14 -13.52 -28.14
N LEU A 27 -13.96 -14.54 -27.91
CA LEU A 27 -15.41 -14.38 -28.00
C LEU A 27 -15.91 -13.47 -26.88
N SER A 28 -15.34 -13.62 -25.68
CA SER A 28 -15.64 -12.74 -24.55
C SER A 28 -15.29 -11.31 -24.87
N ARG A 29 -14.09 -11.12 -25.42
CA ARG A 29 -13.58 -9.80 -25.73
C ARG A 29 -14.52 -9.02 -26.65
N LEU A 30 -15.18 -9.74 -27.55
CA LEU A 30 -16.06 -9.09 -28.51
C LEU A 30 -17.48 -8.88 -27.99
N LYS A 31 -17.82 -9.54 -26.89
CA LYS A 31 -19.15 -9.37 -26.29
C LYS A 31 -19.21 -8.04 -25.54
N LEU A 32 -18.04 -7.47 -25.28
CA LEU A 32 -17.93 -6.19 -24.60
C LEU A 32 -17.78 -5.03 -25.61
N ASP A 33 -17.84 -5.36 -26.90
CA ASP A 33 -17.71 -4.36 -27.96
C ASP A 33 -19.05 -3.99 -28.58
N VAL A 34 -19.59 -4.89 -29.39
CA VAL A 34 -20.85 -4.64 -30.12
C VAL A 34 -21.91 -5.69 -29.80
N THR A 40 -26.77 -10.97 -35.06
CA THR A 40 -25.66 -10.79 -35.99
C THR A 40 -24.70 -11.96 -35.90
N SER A 41 -23.99 -12.22 -37.00
CA SER A 41 -22.97 -13.25 -37.04
C SER A 41 -21.64 -12.67 -37.48
N GLN A 42 -20.55 -13.27 -37.02
CA GLN A 42 -19.22 -12.81 -37.36
C GLN A 42 -18.47 -13.92 -38.09
N PRO A 43 -17.65 -13.55 -39.09
CA PRO A 43 -16.93 -14.50 -39.94
C PRO A 43 -15.77 -15.20 -39.24
N LEU A 44 -15.57 -16.48 -39.55
CA LEU A 44 -14.47 -17.25 -38.98
C LEU A 44 -13.66 -17.90 -40.09
N THR A 45 -12.36 -18.06 -39.87
CA THR A 45 -11.49 -18.71 -40.83
C THR A 45 -10.54 -19.69 -40.17
N VAL A 46 -10.62 -20.96 -40.57
CA VAL A 46 -9.77 -22.00 -40.01
C VAL A 46 -8.97 -22.70 -41.11
N ASN A 47 -7.69 -22.94 -40.85
CA ASN A 47 -6.86 -23.70 -41.79
C ASN A 47 -6.88 -25.20 -41.48
N LEU A 48 -7.31 -25.99 -42.46
CA LEU A 48 -7.36 -27.44 -42.30
C LEU A 48 -6.07 -28.08 -42.74
N ASP A 49 -5.51 -28.96 -41.91
CA ASP A 49 -4.35 -29.74 -42.31
C ASP A 49 -4.83 -31.14 -42.66
N LEU A 50 -4.87 -31.45 -43.95
CA LEU A 50 -5.38 -32.74 -44.40
C LEU A 50 -4.27 -33.75 -44.65
N HIS A 51 -3.02 -33.29 -44.48
CA HIS A 51 -1.87 -34.18 -44.59
C HIS A 51 -1.62 -34.95 -43.30
N ASN A 52 -1.70 -34.25 -42.16
CA ASN A 52 -1.56 -34.91 -40.88
C ASN A 52 -2.84 -34.86 -40.06
N ILE A 53 -3.52 -36.01 -40.01
CA ILE A 53 -4.73 -36.20 -39.24
C ILE A 53 -4.46 -37.19 -38.12
N PRO A 54 -4.79 -36.84 -36.87
CA PRO A 54 -4.63 -37.80 -35.76
C PRO A 54 -5.35 -39.12 -36.04
N LYS A 55 -4.73 -40.24 -35.65
CA LYS A 55 -5.31 -41.56 -35.87
C LYS A 55 -6.66 -41.73 -35.17
N SER A 56 -6.78 -41.10 -34.01
CA SER A 56 -7.98 -41.17 -33.20
C SER A 56 -9.22 -40.60 -33.89
N ALA A 57 -9.01 -39.79 -34.92
CA ALA A 57 -10.11 -39.05 -35.55
C ALA A 57 -10.56 -39.68 -36.86
N ASP A 58 -11.87 -39.61 -37.12
CA ASP A 58 -12.45 -40.13 -38.35
C ASP A 58 -12.55 -39.08 -39.44
N GLN A 59 -12.26 -37.84 -39.07
CA GLN A 59 -12.30 -36.71 -39.99
C GLN A 59 -11.25 -35.70 -39.58
N VAL A 60 -10.91 -34.78 -40.49
CA VAL A 60 -9.93 -33.75 -40.18
C VAL A 60 -10.40 -32.87 -39.03
N PRO A 61 -9.52 -32.62 -38.05
CA PRO A 61 -9.86 -31.72 -36.94
C PRO A 61 -10.07 -30.28 -37.38
N LEU A 62 -11.16 -29.68 -36.90
CA LEU A 62 -11.43 -28.27 -37.13
C LEU A 62 -11.08 -27.52 -35.84
N PHE A 63 -9.98 -26.77 -35.90
CA PHE A 63 -9.39 -26.18 -34.70
C PHE A 63 -9.58 -24.66 -34.64
N LEU A 64 -10.28 -24.19 -33.62
CA LEU A 64 -10.58 -22.77 -33.49
C LEU A 64 -9.78 -22.10 -32.37
N THR A 65 -9.30 -20.88 -32.67
CA THR A 65 -8.57 -20.06 -31.71
C THR A 65 -9.00 -18.61 -31.83
N ASN A 66 -8.29 -17.73 -31.13
CA ASN A 66 -8.52 -16.30 -31.23
C ASN A 66 -8.23 -15.78 -32.63
N ARG A 67 -7.25 -16.40 -33.28
CA ARG A 67 -6.83 -16.01 -34.62
C ARG A 67 -7.83 -16.46 -35.69
N SER A 68 -8.83 -17.22 -35.28
CA SER A 68 -9.86 -17.68 -36.22
C SER A 68 -10.83 -16.54 -36.55
N PHE A 69 -10.80 -15.49 -35.76
CA PHE A 69 -11.60 -14.29 -36.02
C PHE A 69 -10.95 -13.38 -37.06
N GLU A 70 -9.62 -13.44 -37.14
CA GLU A 70 -8.87 -12.71 -38.16
C GLU A 70 -9.26 -13.23 -39.54
N LYS A 71 -9.64 -12.32 -40.44
CA LYS A 71 -10.14 -12.70 -41.75
C LYS A 71 -9.03 -13.29 -42.64
N HIS A 72 -7.81 -12.80 -42.47
CA HIS A 72 -6.66 -13.37 -43.15
C HIS A 72 -5.52 -13.65 -42.16
N ASN A 73 -5.21 -14.92 -41.96
CA ASN A 73 -4.16 -15.32 -41.02
C ASN A 73 -3.13 -16.23 -41.67
N ASN A 74 -2.11 -16.60 -40.90
CA ASN A 74 -0.98 -17.38 -41.43
C ASN A 74 -1.37 -18.81 -41.79
N LYS A 75 -1.07 -19.19 -43.02
CA LYS A 75 -1.38 -20.51 -43.51
C LYS A 75 -0.08 -21.24 -43.82
N ARG A 76 -0.09 -22.56 -43.67
CA ARG A 76 1.01 -23.37 -44.19
C ARG A 76 0.72 -23.65 -45.65
N THR A 77 1.63 -24.34 -46.34
CA THR A 77 1.56 -24.40 -47.80
C THR A 77 0.41 -25.24 -48.39
N ASN A 78 0.21 -26.43 -47.86
CA ASN A 78 -0.83 -27.32 -48.42
C ASN A 78 -2.17 -27.21 -47.70
N GLU A 79 -2.24 -26.32 -46.70
CA GLU A 79 -3.43 -26.21 -45.86
C GLU A 79 -4.61 -25.56 -46.57
N VAL A 80 -5.81 -25.87 -46.09
CA VAL A 80 -7.04 -25.39 -46.71
C VAL A 80 -7.84 -24.45 -45.79
N PRO A 81 -7.98 -23.18 -46.20
CA PRO A 81 -8.71 -22.15 -45.44
C PRO A 81 -10.23 -22.27 -45.53
N LEU A 82 -10.80 -23.12 -44.67
CA LEU A 82 -12.25 -23.24 -44.55
C LEU A 82 -12.87 -22.01 -43.89
N GLN A 83 -13.95 -21.51 -44.47
CA GLN A 83 -14.63 -20.34 -43.93
C GLN A 83 -15.94 -20.69 -43.24
N GLY A 84 -16.28 -19.90 -42.21
CA GLY A 84 -17.51 -20.09 -41.48
C GLY A 84 -17.94 -18.85 -40.71
N SER A 85 -19.00 -18.98 -39.93
CA SER A 85 -19.53 -17.86 -39.15
C SER A 85 -19.98 -18.31 -37.76
N ILE A 86 -20.05 -17.36 -36.83
CA ILE A 86 -20.51 -17.66 -35.48
C ILE A 86 -21.70 -16.79 -35.09
N PHE A 87 -22.74 -17.42 -34.56
CA PHE A 87 -23.93 -16.70 -34.10
C PHE A 87 -23.94 -16.71 -32.58
N ASN A 88 -23.79 -15.52 -31.98
CA ASN A 88 -23.77 -15.43 -30.52
C ASN A 88 -25.02 -14.80 -29.94
N PHE A 89 -25.81 -15.62 -29.23
CA PHE A 89 -27.03 -15.16 -28.58
C PHE A 89 -26.73 -14.56 -27.20
N ASN A 90 -27.50 -13.54 -26.81
CA ASN A 90 -27.24 -12.83 -25.56
C ASN A 90 -27.97 -13.42 -24.35
N VAL A 91 -28.90 -14.35 -24.61
CA VAL A 91 -29.62 -15.04 -23.54
C VAL A 91 -29.56 -16.55 -23.78
N LEU A 92 -29.30 -17.31 -22.72
CA LEU A 92 -29.23 -18.77 -22.81
C LEU A 92 -30.54 -19.38 -23.31
N ASP A 93 -31.65 -18.80 -22.85
CA ASP A 93 -32.98 -19.29 -23.22
C ASP A 93 -33.19 -19.26 -24.73
N GLU A 94 -32.70 -18.22 -25.39
CA GLU A 94 -32.78 -18.10 -26.84
C GLU A 94 -32.01 -19.24 -27.50
N PHE A 95 -30.79 -19.47 -27.03
CA PHE A 95 -29.92 -20.52 -27.54
C PHE A 95 -30.61 -21.88 -27.52
N LYS A 96 -31.32 -22.17 -26.42
CA LYS A 96 -32.07 -23.41 -26.30
C LYS A 96 -33.23 -23.46 -27.29
N ASN A 97 -34.04 -22.40 -27.30
CA ASN A 97 -35.31 -22.40 -28.02
C ASN A 97 -35.23 -22.29 -29.55
N LEU A 98 -34.05 -21.92 -30.07
CA LEU A 98 -33.86 -21.87 -31.52
C LEU A 98 -34.02 -23.28 -32.08
N ASP A 99 -34.72 -23.40 -33.21
CA ASP A 99 -34.81 -24.70 -33.87
C ASP A 99 -33.52 -24.98 -34.61
N LYS A 100 -32.88 -26.09 -34.26
CA LYS A 100 -31.61 -26.44 -34.87
C LYS A 100 -31.81 -26.94 -36.30
N GLN A 101 -32.87 -27.73 -36.50
CA GLN A 101 -33.13 -28.35 -37.79
C GLN A 101 -33.50 -27.32 -38.86
N LEU A 102 -34.15 -26.25 -38.44
CA LEU A 102 -34.49 -25.15 -39.33
C LEU A 102 -33.29 -24.26 -39.63
N PHE A 103 -32.56 -23.90 -38.57
CA PHE A 103 -31.41 -22.99 -38.67
C PHE A 103 -30.32 -23.52 -39.62
N LEU A 104 -29.92 -24.77 -39.41
CA LEU A 104 -28.89 -25.37 -40.25
C LEU A 104 -29.38 -25.49 -41.70
N HIS A 105 -30.69 -25.58 -41.88
CA HIS A 105 -31.26 -25.65 -43.22
C HIS A 105 -31.08 -24.31 -43.94
N GLN A 106 -31.30 -23.22 -43.22
CA GLN A 106 -31.18 -21.88 -43.78
C GLN A 106 -29.73 -21.54 -44.15
N ARG A 107 -28.79 -22.11 -43.40
CA ARG A 107 -27.37 -21.96 -43.71
C ARG A 107 -27.06 -22.74 -44.98
N ALA A 108 -27.67 -23.91 -45.10
CA ALA A 108 -27.47 -24.77 -46.27
C ALA A 108 -27.99 -24.10 -47.54
N LEU A 109 -29.05 -23.32 -47.41
CA LEU A 109 -29.61 -22.59 -48.55
C LEU A 109 -28.64 -21.54 -49.06
N GLU A 110 -27.92 -20.91 -48.14
CA GLU A 110 -26.86 -19.96 -48.49
C GLU A 110 -25.71 -20.72 -49.15
N CYS A 111 -25.45 -21.93 -48.64
CA CYS A 111 -24.42 -22.80 -49.21
C CYS A 111 -24.83 -23.30 -50.59
N TRP A 112 -26.10 -23.67 -50.73
CA TRP A 112 -26.63 -24.13 -52.00
C TRP A 112 -26.62 -22.99 -53.03
N GLU A 113 -27.00 -21.80 -52.58
CA GLU A 113 -27.03 -20.62 -53.43
C GLU A 113 -25.65 -20.34 -54.00
N ASP A 114 -24.67 -20.16 -53.11
CA ASP A 114 -23.30 -19.87 -53.50
C ASP A 114 -22.67 -21.00 -54.30
N GLY A 115 -23.22 -22.21 -54.16
CA GLY A 115 -22.68 -23.38 -54.84
C GLY A 115 -22.97 -23.40 -56.33
N ILE A 116 -24.08 -22.77 -56.73
CA ILE A 116 -24.43 -22.69 -58.13
C ILE A 116 -23.52 -21.71 -58.85
N LYS A 117 -23.25 -20.57 -58.20
CA LYS A 117 -22.30 -19.59 -58.72
C LYS A 117 -20.92 -20.22 -58.84
N ASP A 118 -20.40 -20.74 -57.73
CA ASP A 118 -19.13 -21.46 -57.73
C ASP A 118 -19.29 -22.72 -56.86
N ILE A 119 -19.03 -23.88 -57.44
CA ILE A 119 -19.18 -25.14 -56.73
C ILE A 119 -18.24 -25.26 -55.53
N ASN A 120 -17.19 -24.44 -55.50
CA ASN A 120 -16.21 -24.49 -54.42
C ASN A 120 -16.59 -23.62 -53.22
N LYS A 121 -17.60 -22.77 -53.38
CA LYS A 121 -18.05 -21.91 -52.28
C LYS A 121 -19.20 -22.52 -51.50
N CYS A 122 -19.57 -23.76 -51.81
CA CYS A 122 -20.72 -24.41 -51.17
C CYS A 122 -20.37 -25.19 -49.90
N VAL A 123 -19.12 -25.09 -49.46
CA VAL A 123 -18.70 -25.73 -48.23
C VAL A 123 -18.35 -24.69 -47.16
N SER A 124 -18.98 -24.83 -45.99
CA SER A 124 -18.66 -23.94 -44.87
C SER A 124 -19.03 -24.59 -43.53
N PHE A 125 -18.95 -23.79 -42.46
CA PHE A 125 -19.34 -24.24 -41.14
C PHE A 125 -20.01 -23.11 -40.37
N VAL A 126 -20.68 -23.45 -39.27
CA VAL A 126 -21.33 -22.46 -38.42
C VAL A 126 -21.22 -22.84 -36.94
N ILE A 127 -21.00 -21.85 -36.10
CA ILE A 127 -20.97 -22.05 -34.65
C ILE A 127 -22.05 -21.23 -34.00
N ILE A 128 -23.06 -21.88 -33.40
CA ILE A 128 -23.99 -21.17 -32.55
C ILE A 128 -23.41 -21.15 -31.14
N SER A 129 -23.56 -20.02 -30.44
CA SER A 129 -22.95 -19.86 -29.14
C SER A 129 -23.74 -19.03 -28.15
N PHE A 130 -23.45 -19.25 -26.87
CA PHE A 130 -23.91 -18.38 -25.80
C PHE A 130 -22.79 -18.18 -24.78
N ALA A 131 -22.44 -16.93 -24.52
CA ALA A 131 -21.39 -16.62 -23.57
C ALA A 131 -21.96 -16.06 -22.27
N ASP A 132 -21.74 -16.79 -21.17
CA ASP A 132 -22.16 -16.32 -19.86
C ASP A 132 -20.91 -15.77 -19.19
N LEU A 133 -20.84 -14.45 -19.05
CA LEU A 133 -19.60 -13.81 -18.60
C LEU A 133 -19.50 -13.65 -17.10
N LYS A 134 -20.60 -13.88 -16.39
CA LYS A 134 -20.59 -13.81 -14.94
C LYS A 134 -20.00 -15.10 -14.35
N LYS A 135 -20.39 -16.24 -14.91
CA LYS A 135 -19.82 -17.52 -14.51
C LYS A 135 -18.69 -18.00 -15.43
N TYR A 136 -18.43 -17.23 -16.49
CA TYR A 136 -17.43 -17.58 -17.49
C TYR A 136 -17.66 -19.00 -18.02
N ARG A 137 -18.89 -19.26 -18.41
CA ARG A 137 -19.29 -20.55 -18.94
C ARG A 137 -19.71 -20.38 -20.39
N PHE A 138 -19.35 -21.33 -21.24
CA PHE A 138 -19.56 -21.19 -22.68
C PHE A 138 -20.27 -22.38 -23.30
N TYR A 139 -21.35 -22.11 -24.02
CA TYR A 139 -22.10 -23.14 -24.75
C TYR A 139 -21.87 -22.96 -26.24
N TYR A 140 -21.40 -24.02 -26.91
CA TYR A 140 -21.23 -23.96 -28.36
C TYR A 140 -21.76 -25.22 -29.05
N TRP A 141 -22.19 -25.06 -30.29
CA TRP A 141 -22.56 -26.19 -31.11
C TRP A 141 -22.06 -25.98 -32.53
N LEU A 142 -21.23 -26.90 -33.01
CA LEU A 142 -20.77 -26.87 -34.39
C LEU A 142 -21.79 -27.52 -35.32
N GLY A 143 -21.87 -27.02 -36.55
CA GLY A 143 -22.58 -27.75 -37.57
C GLY A 143 -22.02 -27.46 -38.95
N VAL A 144 -22.14 -28.46 -39.82
CA VAL A 144 -21.64 -28.36 -41.18
C VAL A 144 -22.83 -28.54 -42.12
N PRO A 145 -23.21 -27.46 -42.82
CA PRO A 145 -24.40 -27.49 -43.67
C PRO A 145 -24.27 -28.44 -44.86
N CYS A 146 -24.41 -29.74 -44.60
CA CYS A 146 -24.45 -30.75 -45.64
C CYS A 146 -25.88 -30.92 -46.15
N PHE A 147 -26.05 -30.85 -47.47
CA PHE A 147 -27.37 -30.91 -48.08
C PHE A 147 -27.45 -31.92 -49.21
N GLN A 148 -28.49 -32.75 -49.20
CA GLN A 148 -28.68 -33.76 -50.24
C GLN A 148 -29.87 -33.37 -51.11
N ARG A 149 -29.57 -32.90 -52.32
CA ARG A 149 -30.60 -32.43 -53.26
C ARG A 149 -30.57 -33.21 -54.59
N PRO A 150 -31.66 -33.90 -54.93
CA PRO A 150 -32.92 -34.06 -54.18
C PRO A 150 -32.77 -35.06 -53.03
N SER A 151 -33.71 -35.01 -52.10
CA SER A 151 -33.69 -35.86 -50.92
C SER A 151 -33.84 -37.35 -51.25
N SER A 152 -34.55 -37.65 -52.33
CA SER A 152 -34.78 -39.04 -52.74
C SER A 152 -33.59 -39.66 -53.47
N THR A 153 -32.84 -38.84 -54.19
CA THR A 153 -31.71 -39.32 -54.98
C THR A 153 -30.53 -39.75 -54.12
N VAL A 154 -30.10 -41.00 -54.32
CA VAL A 154 -28.96 -41.56 -53.59
C VAL A 154 -27.86 -41.87 -54.59
N LEU A 155 -26.79 -42.51 -54.13
CA LEU A 155 -25.70 -42.91 -55.02
C LEU A 155 -25.32 -44.38 -54.84
N HIS A 156 -25.45 -45.15 -55.92
CA HIS A 156 -24.98 -46.53 -55.94
C HIS A 156 -23.56 -46.54 -56.49
N VAL A 157 -22.66 -47.28 -55.83
CA VAL A 157 -21.27 -47.30 -56.25
C VAL A 157 -20.64 -48.69 -56.25
N ARG A 158 -19.77 -48.94 -57.21
CA ARG A 158 -18.90 -50.11 -57.18
C ARG A 158 -17.47 -49.67 -57.49
N PRO A 159 -16.49 -50.27 -56.79
CA PRO A 159 -15.08 -49.88 -56.91
C PRO A 159 -14.52 -50.02 -58.31
N GLU A 160 -13.63 -49.12 -58.68
CA GLU A 160 -12.86 -49.25 -59.92
C GLU A 160 -11.40 -48.89 -59.67
N PRO A 161 -10.60 -49.87 -59.23
CA PRO A 161 -9.18 -49.66 -58.87
C PRO A 161 -8.31 -49.25 -60.05
N SER A 162 -8.80 -49.44 -61.27
CA SER A 162 -8.02 -49.12 -62.49
C SER A 162 -7.70 -47.63 -62.63
N LEU A 163 -8.33 -46.80 -61.80
CA LEU A 163 -8.14 -45.36 -61.86
C LEU A 163 -7.08 -44.84 -60.88
N LYS A 164 -6.40 -45.74 -60.19
CA LYS A 164 -5.45 -45.36 -59.14
C LYS A 164 -4.28 -44.48 -59.63
N GLY A 165 -4.03 -44.47 -60.93
CA GLY A 165 -2.96 -43.65 -61.49
C GLY A 165 -3.27 -42.16 -61.45
N LEU A 166 -4.54 -41.84 -61.24
CA LEU A 166 -4.99 -40.45 -61.20
C LEU A 166 -4.86 -39.83 -59.81
N PHE A 167 -4.59 -40.66 -58.81
CA PHE A 167 -4.56 -40.21 -57.41
C PHE A 167 -3.49 -39.14 -57.15
N SER A 168 -2.25 -39.44 -57.55
CA SER A 168 -1.14 -38.49 -57.37
C SER A 168 -1.41 -37.17 -58.07
N LYS A 169 -1.91 -37.25 -59.32
CA LYS A 169 -2.25 -36.05 -60.07
C LYS A 169 -3.25 -35.19 -59.31
N CYS A 170 -4.19 -35.85 -58.64
CA CYS A 170 -5.20 -35.14 -57.85
C CYS A 170 -4.68 -34.67 -56.49
N GLN A 171 -3.77 -35.42 -55.90
CA GLN A 171 -3.16 -35.04 -54.63
C GLN A 171 -2.35 -33.75 -54.78
N LYS A 172 -1.49 -33.71 -55.79
CA LYS A 172 -0.63 -32.55 -56.00
C LYS A 172 -1.42 -31.36 -56.52
N TRP A 173 -2.60 -31.62 -57.07
CA TRP A 173 -3.44 -30.55 -57.59
C TRP A 173 -4.14 -29.81 -56.47
N PHE A 174 -4.72 -30.56 -55.54
CA PHE A 174 -5.39 -29.96 -54.39
C PHE A 174 -4.41 -29.26 -53.47
N ASP A 175 -3.18 -29.77 -53.41
CA ASP A 175 -2.14 -29.12 -52.62
C ASP A 175 -1.86 -27.73 -53.15
N VAL A 176 -1.69 -27.63 -54.46
CA VAL A 176 -1.41 -26.35 -55.10
C VAL A 176 -2.60 -25.39 -54.96
N ASN A 177 -3.77 -25.81 -55.42
CA ASN A 177 -4.95 -24.95 -55.32
C ASN A 177 -5.68 -25.27 -54.04
N TYR A 178 -5.57 -24.38 -53.06
CA TYR A 178 -6.09 -24.67 -51.73
C TYR A 178 -7.49 -24.12 -51.56
N SER A 179 -7.93 -23.32 -52.53
CA SER A 179 -9.26 -22.73 -52.47
C SER A 179 -10.25 -23.57 -53.24
N LYS A 180 -9.75 -24.63 -53.87
CA LYS A 180 -10.57 -25.46 -54.74
C LYS A 180 -10.87 -26.81 -54.10
N TRP A 181 -12.16 -27.15 -54.03
CA TRP A 181 -12.59 -28.42 -53.44
C TRP A 181 -12.81 -29.57 -54.43
N VAL A 182 -12.86 -29.27 -55.73
CA VAL A 182 -13.14 -30.29 -56.73
C VAL A 182 -12.33 -30.09 -58.01
N CYS A 183 -12.18 -31.16 -58.78
CA CYS A 183 -11.51 -31.09 -60.07
C CYS A 183 -11.99 -32.19 -61.01
N ILE A 184 -11.81 -31.96 -62.31
CA ILE A 184 -12.24 -32.92 -63.31
C ILE A 184 -11.12 -33.21 -64.30
N LEU A 185 -11.43 -34.00 -65.32
CA LEU A 185 -10.50 -34.28 -66.41
C LEU A 185 -10.98 -33.63 -67.70
N ASP A 186 -10.06 -33.13 -68.51
CA ASP A 186 -10.40 -32.70 -69.86
C ASP A 186 -10.17 -33.85 -70.84
N ALA A 187 -10.25 -33.56 -72.14
CA ALA A 187 -10.04 -34.57 -73.16
C ALA A 187 -8.60 -35.09 -73.20
N ASP A 188 -7.68 -34.33 -72.60
CA ASP A 188 -6.27 -34.69 -72.59
C ASP A 188 -5.87 -35.48 -71.34
N ASP A 189 -6.87 -35.81 -70.52
CA ASP A 189 -6.64 -36.51 -69.25
C ASP A 189 -5.74 -35.71 -68.30
N GLU A 190 -5.99 -34.41 -68.25
CA GLU A 190 -5.30 -33.53 -67.32
C GLU A 190 -6.26 -32.98 -66.28
N ILE A 191 -5.74 -32.67 -65.10
CA ILE A 191 -6.57 -32.15 -64.01
C ILE A 191 -6.82 -30.65 -64.18
N VAL A 192 -8.09 -30.27 -64.24
CA VAL A 192 -8.48 -28.86 -64.32
C VAL A 192 -9.66 -28.55 -63.42
N ASN A 193 -10.08 -27.29 -63.42
CA ASN A 193 -11.21 -26.87 -62.60
C ASN A 193 -12.53 -27.43 -63.10
N TYR A 194 -13.50 -27.50 -62.20
CA TYR A 194 -14.83 -27.98 -62.53
C TYR A 194 -15.48 -27.08 -63.56
N ASP A 195 -15.95 -27.70 -64.65
CA ASP A 195 -16.71 -27.00 -65.67
C ASP A 195 -17.84 -27.90 -66.14
N LYS A 196 -19.07 -27.37 -66.14
CA LYS A 196 -20.24 -28.15 -66.50
C LYS A 196 -20.14 -28.71 -67.91
N SER A 197 -19.47 -27.96 -68.79
CA SER A 197 -19.27 -28.39 -70.17
C SER A 197 -18.36 -29.61 -70.25
N ILE A 198 -17.16 -29.48 -69.70
CA ILE A 198 -16.13 -30.51 -69.82
C ILE A 198 -16.47 -31.79 -69.06
N ILE A 199 -17.33 -31.68 -68.05
CA ILE A 199 -17.67 -32.83 -67.22
C ILE A 199 -18.68 -33.78 -67.89
N ARG A 200 -19.59 -33.23 -68.69
CA ARG A 200 -20.60 -34.06 -69.34
C ARG A 200 -19.96 -35.02 -70.34
N LYS A 201 -18.91 -34.56 -71.03
CA LYS A 201 -18.19 -35.40 -71.96
C LYS A 201 -17.34 -36.46 -71.25
N THR A 202 -16.46 -36.03 -70.36
CA THR A 202 -15.46 -36.91 -69.77
C THR A 202 -16.00 -37.79 -68.64
N LYS A 203 -16.95 -37.25 -67.87
CA LYS A 203 -17.63 -37.98 -66.80
C LYS A 203 -16.69 -38.44 -65.67
N VAL A 204 -15.67 -37.64 -65.38
CA VAL A 204 -14.77 -37.94 -64.27
C VAL A 204 -14.65 -36.76 -63.31
N LEU A 205 -15.06 -36.99 -62.06
CA LEU A 205 -15.09 -35.95 -61.04
C LEU A 205 -14.32 -36.38 -59.78
N ALA A 206 -13.47 -35.48 -59.28
CA ALA A 206 -12.72 -35.74 -58.05
C ALA A 206 -13.21 -34.84 -56.92
N ILE A 207 -13.13 -35.35 -55.68
CA ILE A 207 -13.51 -34.59 -54.50
C ILE A 207 -12.41 -34.66 -53.44
N ARG A 208 -12.06 -33.52 -52.86
CA ARG A 208 -11.12 -33.48 -51.76
C ARG A 208 -11.83 -33.96 -50.50
N ASP A 209 -11.30 -35.00 -49.87
CA ASP A 209 -12.00 -35.69 -48.79
C ASP A 209 -11.47 -35.34 -47.39
N THR A 210 -12.39 -35.02 -46.48
CA THR A 210 -12.01 -34.70 -45.12
C THR A 210 -12.13 -35.89 -44.18
N SER A 211 -12.62 -37.02 -44.69
CA SER A 211 -12.77 -38.22 -43.88
C SER A 211 -11.56 -39.15 -43.96
N THR A 212 -11.18 -39.73 -42.82
CA THR A 212 -10.17 -40.79 -42.81
C THR A 212 -10.81 -42.19 -42.72
N MET A 213 -12.14 -42.23 -42.68
CA MET A 213 -12.86 -43.49 -42.63
C MET A 213 -12.72 -44.26 -43.94
N GLU A 214 -12.33 -45.53 -43.83
CA GLU A 214 -12.02 -46.35 -45.00
C GLU A 214 -13.25 -46.59 -45.87
N ASN A 215 -13.15 -46.20 -47.15
CA ASN A 215 -14.25 -46.28 -48.10
C ASN A 215 -15.53 -45.55 -47.67
N VAL A 216 -15.37 -44.54 -46.83
CA VAL A 216 -16.47 -43.70 -46.35
C VAL A 216 -16.09 -42.22 -46.44
N PRO A 217 -16.44 -41.56 -47.56
CA PRO A 217 -16.09 -40.15 -47.80
C PRO A 217 -16.82 -39.20 -46.87
N SER A 218 -16.33 -37.97 -46.77
CA SER A 218 -16.97 -36.94 -45.96
C SER A 218 -18.39 -36.65 -46.43
N ALA A 219 -19.24 -36.22 -45.52
CA ALA A 219 -20.63 -35.91 -45.83
C ALA A 219 -20.71 -34.73 -46.78
N LEU A 220 -19.63 -33.97 -46.87
CA LEU A 220 -19.53 -32.83 -47.77
C LEU A 220 -19.82 -33.23 -49.21
N THR A 221 -19.52 -34.49 -49.54
CA THR A 221 -19.77 -35.04 -50.85
C THR A 221 -21.22 -34.86 -51.29
N LYS A 222 -22.14 -34.93 -50.34
CA LYS A 222 -23.56 -34.68 -50.61
C LYS A 222 -23.77 -33.34 -51.30
N ASN A 223 -23.03 -32.34 -50.88
CA ASN A 223 -23.12 -30.99 -51.44
C ASN A 223 -22.63 -30.94 -52.88
N PHE A 224 -21.53 -31.64 -53.16
CA PHE A 224 -20.94 -31.63 -54.48
C PHE A 224 -21.79 -32.41 -55.49
N LEU A 225 -22.32 -33.55 -55.08
CA LEU A 225 -23.19 -34.36 -55.92
C LEU A 225 -24.51 -33.64 -56.18
N SER A 226 -24.91 -32.76 -55.27
CA SER A 226 -26.15 -32.01 -55.41
C SER A 226 -26.01 -30.91 -56.46
N VAL A 227 -24.85 -30.29 -56.49
CA VAL A 227 -24.58 -29.24 -57.47
C VAL A 227 -24.35 -29.86 -58.85
N LEU A 228 -23.81 -31.07 -58.86
CA LEU A 228 -23.57 -31.78 -60.10
C LEU A 228 -24.88 -32.09 -60.81
N GLN A 229 -25.90 -32.46 -60.04
CA GLN A 229 -27.20 -32.80 -60.61
C GLN A 229 -27.98 -31.59 -61.08
N TYR A 230 -27.66 -30.41 -60.53
CA TYR A 230 -28.28 -29.17 -60.97
C TYR A 230 -27.66 -28.70 -62.28
N ASP A 231 -26.34 -28.76 -62.36
CA ASP A 231 -25.64 -28.32 -63.55
C ASP A 231 -25.80 -29.30 -64.70
N VAL A 232 -25.65 -30.60 -64.42
CA VAL A 232 -25.77 -31.64 -65.44
C VAL A 232 -26.88 -32.64 -65.09
N PRO A 233 -28.14 -32.24 -65.30
CA PRO A 233 -29.30 -33.08 -64.93
C PRO A 233 -29.35 -34.40 -65.71
N ASP A 234 -28.71 -34.45 -66.87
CA ASP A 234 -28.79 -35.62 -67.74
C ASP A 234 -27.70 -36.68 -67.49
N LEU A 235 -26.85 -36.47 -66.49
CA LEU A 235 -25.80 -37.45 -66.21
C LEU A 235 -26.23 -38.43 -65.13
N ILE A 236 -26.54 -39.66 -65.54
CA ILE A 236 -26.86 -40.74 -64.61
C ILE A 236 -25.65 -41.51 -64.08
N ASP A 237 -24.71 -41.83 -64.97
CA ASP A 237 -23.57 -42.66 -64.61
C ASP A 237 -22.23 -41.95 -64.81
N PHE A 238 -21.39 -42.00 -63.78
CA PHE A 238 -20.06 -41.40 -63.87
C PHE A 238 -19.09 -42.08 -62.91
N LYS A 239 -17.84 -41.62 -62.93
CA LYS A 239 -16.83 -42.16 -62.03
C LYS A 239 -16.43 -41.10 -60.99
N LEU A 240 -16.42 -41.50 -59.72
CA LEU A 240 -16.15 -40.56 -58.63
C LEU A 240 -14.87 -40.87 -57.89
N LEU A 241 -13.97 -39.89 -57.83
CA LEU A 241 -12.71 -40.04 -57.12
C LEU A 241 -12.73 -39.34 -55.77
N ILE A 242 -12.58 -40.14 -54.71
CA ILE A 242 -12.45 -39.60 -53.37
C ILE A 242 -10.96 -39.48 -53.07
N ILE A 243 -10.47 -38.25 -53.00
CA ILE A 243 -9.03 -38.03 -52.90
C ILE A 243 -8.56 -37.67 -51.50
N ARG A 244 -7.62 -38.45 -50.99
CA ARG A 244 -7.08 -38.24 -49.66
C ARG A 244 -5.56 -38.14 -49.70
N GLN A 245 -5.01 -37.28 -48.83
CA GLN A 245 -3.56 -37.11 -48.78
C GLN A 245 -2.85 -38.31 -48.14
N ASN A 246 -3.64 -39.21 -47.55
CA ASN A 246 -3.13 -40.48 -47.07
C ASN A 246 -3.17 -41.55 -48.15
N GLU A 247 -2.95 -42.80 -47.77
CA GLU A 247 -2.93 -43.89 -48.74
C GLU A 247 -4.33 -44.41 -49.02
N GLY A 248 -5.33 -43.83 -48.37
CA GLY A 248 -6.68 -44.34 -48.41
C GLY A 248 -7.62 -43.74 -49.44
N SER A 249 -7.06 -43.15 -50.50
CA SER A 249 -7.85 -42.68 -51.63
C SER A 249 -8.44 -43.85 -52.39
N PHE A 250 -9.62 -43.65 -52.97
CA PHE A 250 -10.28 -44.71 -53.72
C PHE A 250 -11.14 -44.17 -54.85
N ALA A 251 -11.32 -44.98 -55.88
CA ALA A 251 -12.14 -44.60 -57.04
C ALA A 251 -13.47 -45.33 -57.00
N LEU A 252 -14.52 -44.70 -57.49
CA LEU A 252 -15.84 -45.31 -57.46
C LEU A 252 -16.62 -45.13 -58.75
N ASN A 253 -17.24 -46.23 -59.20
CA ASN A 253 -18.12 -46.20 -60.36
C ASN A 253 -19.53 -45.94 -59.86
N ALA A 254 -20.08 -44.78 -60.19
CA ALA A 254 -21.30 -44.31 -59.53
C ALA A 254 -22.49 -44.13 -60.45
N THR A 255 -23.68 -44.18 -59.86
CA THR A 255 -24.93 -44.06 -60.59
C THR A 255 -25.97 -43.37 -59.70
N PHE A 256 -26.79 -42.51 -60.29
CA PHE A 256 -27.87 -41.85 -59.55
C PHE A 256 -29.18 -42.64 -59.62
N ALA A 257 -29.80 -42.89 -58.46
CA ALA A 257 -31.06 -43.63 -58.40
C ALA A 257 -32.05 -43.05 -57.39
N SER A 258 -33.28 -42.81 -57.82
CA SER A 258 -34.32 -42.26 -56.95
C SER A 258 -35.03 -43.35 -56.14
N PRO A 268 -37.34 -29.32 -56.23
CA PRO A 268 -37.43 -30.57 -55.44
C PRO A 268 -37.08 -30.37 -53.96
N ASP A 269 -37.06 -31.46 -53.21
CA ASP A 269 -36.87 -31.42 -51.76
C ASP A 269 -35.41 -31.61 -51.35
N MET A 270 -34.94 -30.77 -50.44
CA MET A 270 -33.56 -30.83 -49.95
C MET A 270 -33.50 -31.32 -48.51
N LYS A 271 -32.61 -32.29 -48.27
CA LYS A 271 -32.45 -32.86 -46.94
C LYS A 271 -31.13 -32.39 -46.31
N VAL A 272 -31.23 -31.73 -45.16
CA VAL A 272 -30.06 -31.10 -44.55
C VAL A 272 -29.66 -31.72 -43.21
N SER A 273 -28.43 -32.22 -43.14
CA SER A 273 -27.92 -32.86 -41.93
C SER A 273 -26.60 -32.21 -41.50
N GLY A 274 -25.92 -32.83 -40.53
CA GLY A 274 -24.58 -32.40 -40.18
C GLY A 274 -24.35 -31.62 -38.89
N TRP A 275 -25.32 -31.61 -37.98
CA TRP A 275 -25.04 -31.10 -36.64
C TRP A 275 -24.07 -32.04 -35.95
N GLU A 276 -23.10 -31.50 -35.23
CA GLU A 276 -22.07 -32.32 -34.61
C GLU A 276 -22.52 -32.96 -33.31
N ARG A 277 -22.27 -34.26 -33.18
CA ARG A 277 -22.58 -34.99 -31.97
C ARG A 277 -21.59 -34.64 -30.87
N ASN A 278 -21.97 -34.86 -29.62
CA ASN A 278 -21.07 -34.60 -28.49
C ASN A 278 -20.23 -35.82 -28.08
N VAL A 279 -19.59 -35.71 -26.93
CA VAL A 279 -18.75 -36.78 -26.41
C VAL A 279 -19.52 -38.09 -26.26
N GLN A 280 -20.80 -38.01 -25.92
CA GLN A 280 -21.63 -39.20 -25.71
C GLN A 280 -22.33 -39.70 -26.97
N GLY A 281 -22.11 -39.00 -28.08
CA GLY A 281 -22.69 -39.42 -29.35
C GLY A 281 -24.10 -38.90 -29.55
N LYS A 282 -24.63 -38.25 -28.53
CA LYS A 282 -25.94 -37.62 -28.62
C LYS A 282 -25.85 -36.30 -29.38
N LEU A 283 -26.98 -35.84 -29.93
CA LEU A 283 -26.99 -34.55 -30.60
C LEU A 283 -27.32 -33.50 -29.55
N ALA A 284 -26.33 -32.68 -29.23
CA ALA A 284 -26.40 -31.76 -28.10
C ALA A 284 -25.15 -30.90 -28.05
N PRO A 285 -25.31 -29.64 -27.61
CA PRO A 285 -24.19 -28.68 -27.54
C PRO A 285 -23.07 -29.11 -26.61
N ARG A 286 -21.92 -28.48 -26.76
CA ARG A 286 -20.79 -28.68 -25.86
C ARG A 286 -20.73 -27.53 -24.87
N VAL A 287 -20.30 -27.82 -23.65
CA VAL A 287 -20.16 -26.77 -22.64
C VAL A 287 -18.73 -26.69 -22.14
N VAL A 288 -18.18 -25.48 -22.10
CA VAL A 288 -16.85 -25.26 -21.55
C VAL A 288 -16.95 -24.34 -20.35
N ASP A 289 -16.32 -24.74 -19.25
CA ASP A 289 -16.33 -23.93 -18.04
C ASP A 289 -14.97 -23.27 -17.81
N LEU A 290 -14.91 -21.97 -18.06
CA LEU A 290 -13.66 -21.22 -17.93
C LEU A 290 -13.51 -20.46 -16.61
N SER A 291 -14.46 -20.63 -15.71
CA SER A 291 -14.29 -20.16 -14.35
C SER A 291 -13.11 -20.94 -13.79
N SER A 292 -12.48 -20.39 -12.76
CA SER A 292 -11.13 -20.74 -12.26
C SER A 292 -10.08 -19.93 -12.99
N LEU A 293 -10.50 -19.25 -14.06
CA LEU A 293 -9.71 -18.14 -14.57
C LEU A 293 -10.25 -16.88 -13.90
N LEU A 294 -11.38 -17.06 -13.22
CA LEU A 294 -12.03 -16.00 -12.49
C LEU A 294 -11.63 -16.04 -11.02
N ASP A 295 -10.69 -16.92 -10.70
CA ASP A 295 -10.31 -17.18 -9.32
C ASP A 295 -8.84 -16.89 -9.07
N PRO A 296 -8.46 -15.59 -9.11
CA PRO A 296 -7.05 -15.19 -9.02
C PRO A 296 -6.49 -15.44 -7.62
N LEU A 297 -7.38 -15.52 -6.64
CA LEU A 297 -6.97 -15.83 -5.28
C LEU A 297 -6.31 -17.20 -5.21
N LYS A 298 -6.88 -18.17 -5.93
CA LYS A 298 -6.31 -19.51 -5.96
C LYS A 298 -5.06 -19.59 -6.83
N ILE A 299 -5.08 -18.89 -7.97
CA ILE A 299 -3.91 -18.86 -8.84
C ILE A 299 -2.71 -18.28 -8.10
N ALA A 300 -2.90 -17.13 -7.47
CA ALA A 300 -1.87 -16.46 -6.70
C ALA A 300 -1.36 -17.35 -5.56
N ASP A 301 -2.29 -18.05 -4.92
CA ASP A 301 -1.94 -18.94 -3.83
C ASP A 301 -1.05 -20.09 -4.31
N GLN A 302 -1.37 -20.65 -5.47
CA GLN A 302 -0.62 -21.79 -5.99
C GLN A 302 0.74 -21.42 -6.56
N SER A 303 0.82 -20.30 -7.26
CA SER A 303 2.10 -19.86 -7.81
C SER A 303 3.05 -19.42 -6.70
N VAL A 304 2.52 -18.78 -5.66
CA VAL A 304 3.32 -18.39 -4.51
C VAL A 304 3.92 -19.59 -3.80
N ASP A 305 3.09 -20.58 -3.50
CA ASP A 305 3.58 -21.79 -2.86
C ASP A 305 4.57 -22.51 -3.77
N LEU A 306 4.29 -22.54 -5.06
CA LEU A 306 5.19 -23.18 -6.02
C LEU A 306 6.55 -22.48 -6.13
N ASN A 307 6.56 -21.16 -5.95
CA ASN A 307 7.81 -20.42 -5.80
C ASN A 307 8.60 -20.93 -4.58
N LEU A 308 7.90 -21.10 -3.47
CA LEU A 308 8.49 -21.63 -2.25
C LEU A 308 9.05 -23.04 -2.45
N LYS A 309 8.27 -23.89 -3.11
CA LYS A 309 8.66 -25.28 -3.34
C LYS A 309 9.92 -25.38 -4.19
N LEU A 310 10.15 -24.37 -5.04
CA LEU A 310 11.35 -24.33 -5.86
C LEU A 310 12.64 -24.24 -5.04
N MET A 311 12.55 -23.64 -3.86
CA MET A 311 13.69 -23.56 -2.96
C MET A 311 14.01 -24.93 -2.39
N LYS A 312 12.97 -25.74 -2.22
CA LYS A 312 13.11 -27.07 -1.64
C LYS A 312 13.71 -28.07 -2.63
N TRP A 313 13.03 -28.29 -3.74
CA TRP A 313 13.46 -29.32 -4.70
C TRP A 313 14.78 -28.98 -5.41
N ARG A 314 14.96 -27.73 -5.80
CA ARG A 314 16.16 -27.34 -6.56
C ARG A 314 17.42 -27.12 -5.71
N ILE A 315 17.26 -26.48 -4.55
CA ILE A 315 18.43 -26.10 -3.74
C ILE A 315 18.61 -26.93 -2.46
N LEU A 316 17.63 -26.88 -1.57
CA LEU A 316 17.73 -27.57 -0.26
C LEU A 316 16.61 -28.60 -0.08
N PRO A 317 16.88 -29.85 -0.50
CA PRO A 317 15.88 -30.94 -0.51
C PRO A 317 15.22 -31.25 0.84
N ASP A 318 15.99 -31.23 1.93
CA ASP A 318 15.43 -31.55 3.25
C ASP A 318 14.93 -30.34 4.05
N LEU A 319 14.94 -29.18 3.42
CA LEU A 319 14.35 -27.98 4.00
C LEU A 319 12.87 -28.18 4.28
N ASN A 320 12.44 -27.89 5.51
CA ASN A 320 11.04 -28.07 5.90
C ASN A 320 10.23 -26.79 5.74
N LEU A 321 9.33 -26.78 4.76
CA LEU A 321 8.44 -25.65 4.53
C LEU A 321 7.22 -25.65 5.44
N ASP A 322 6.65 -26.83 5.64
CA ASP A 322 5.38 -26.96 6.36
C ASP A 322 5.38 -26.43 7.79
N ILE A 323 6.51 -26.53 8.47
CA ILE A 323 6.61 -26.06 9.84
C ILE A 323 6.57 -24.52 9.87
N ILE A 324 7.09 -23.89 8.82
CA ILE A 324 7.08 -22.44 8.72
C ILE A 324 5.69 -21.94 8.33
N LYS A 325 5.02 -22.70 7.47
CA LYS A 325 3.66 -22.36 7.05
C LYS A 325 2.68 -22.52 8.20
N ASN A 326 2.96 -23.46 9.08
CA ASN A 326 2.05 -23.78 10.19
C ASN A 326 2.37 -23.04 11.48
N THR A 327 3.44 -22.25 11.45
CA THR A 327 3.86 -21.47 12.61
C THR A 327 2.96 -20.25 12.79
N LYS A 328 2.37 -20.14 13.97
CA LYS A 328 1.58 -18.96 14.31
C LYS A 328 2.48 -17.91 14.94
N VAL A 329 2.53 -16.74 14.31
CA VAL A 329 3.49 -15.71 14.70
C VAL A 329 2.83 -14.52 15.34
N LEU A 330 3.29 -14.17 16.53
CA LEU A 330 2.86 -12.96 17.20
C LEU A 330 3.92 -11.89 17.05
N LEU A 331 3.53 -10.71 16.55
CA LEU A 331 4.43 -9.58 16.45
C LEU A 331 4.07 -8.52 17.48
N LEU A 332 5.02 -8.19 18.35
CA LEU A 332 4.78 -7.14 19.31
C LEU A 332 5.38 -5.84 18.80
N GLY A 333 4.49 -4.95 18.40
CA GLY A 333 4.79 -3.68 17.76
C GLY A 333 4.58 -3.71 16.24
N ALA A 334 3.98 -2.63 15.76
CA ALA A 334 3.66 -2.41 14.35
C ALA A 334 4.60 -1.44 13.63
N GLY A 335 5.68 -1.04 14.27
CA GLY A 335 6.56 -0.02 13.72
C GLY A 335 7.39 -0.52 12.55
N THR A 336 8.49 0.18 12.28
CA THR A 336 9.36 -0.15 11.15
C THR A 336 9.73 -1.63 11.10
N LEU A 337 10.20 -2.17 12.23
CA LEU A 337 10.58 -3.57 12.31
C LEU A 337 9.42 -4.49 12.01
N GLY A 338 8.29 -4.25 12.67
CA GLY A 338 7.10 -5.06 12.49
C GLY A 338 6.63 -5.12 11.06
N CYS A 339 6.68 -3.98 10.37
CA CYS A 339 6.26 -3.90 8.99
C CYS A 339 7.12 -4.74 8.06
N TYR A 340 8.43 -4.65 8.22
CA TYR A 340 9.35 -5.40 7.38
C TYR A 340 9.39 -6.88 7.75
N VAL A 341 9.37 -7.16 9.05
CA VAL A 341 9.37 -8.54 9.55
C VAL A 341 8.19 -9.32 8.98
N SER A 342 7.00 -8.73 9.03
CA SER A 342 5.82 -9.39 8.50
C SER A 342 5.91 -9.59 6.99
N ARG A 343 6.59 -8.67 6.31
CA ARG A 343 6.76 -8.78 4.86
C ARG A 343 7.72 -9.93 4.52
N ALA A 344 8.71 -10.15 5.38
CA ALA A 344 9.65 -11.24 5.17
C ALA A 344 9.01 -12.56 5.60
N LEU A 345 8.00 -12.49 6.46
CA LEU A 345 7.32 -13.68 6.93
C LEU A 345 6.30 -14.21 5.92
N ILE A 346 5.56 -13.33 5.28
CA ILE A 346 4.58 -13.77 4.29
C ILE A 346 5.31 -14.28 3.06
N ALA A 347 6.53 -13.81 2.87
CA ALA A 347 7.36 -14.28 1.77
C ALA A 347 7.85 -15.70 2.02
N TRP A 348 8.04 -16.04 3.30
CA TRP A 348 8.54 -17.36 3.66
C TRP A 348 7.40 -18.37 3.76
N GLY A 349 6.19 -17.92 3.51
CA GLY A 349 5.03 -18.81 3.52
C GLY A 349 4.22 -18.84 4.80
N VAL A 350 4.59 -18.01 5.78
CA VAL A 350 3.83 -17.93 7.03
C VAL A 350 2.43 -17.38 6.75
N ARG A 351 1.40 -18.13 7.12
CA ARG A 351 0.03 -17.69 6.89
C ARG A 351 -0.70 -17.04 8.08
N LYS A 352 -0.16 -17.12 9.28
CA LYS A 352 -0.84 -16.51 10.43
C LYS A 352 0.05 -15.55 11.21
N ILE A 353 -0.33 -14.27 11.18
CA ILE A 353 0.42 -13.22 11.84
C ILE A 353 -0.51 -12.33 12.67
N THR A 354 -0.15 -12.08 13.92
CA THR A 354 -0.94 -11.19 14.77
C THR A 354 -0.12 -10.00 15.24
N PHE A 355 -0.56 -8.81 14.86
CA PHE A 355 0.10 -7.58 15.27
C PHE A 355 -0.43 -7.10 16.61
N VAL A 356 0.45 -6.55 17.43
CA VAL A 356 0.03 -5.87 18.65
C VAL A 356 0.66 -4.49 18.70
N ASP A 357 -0.17 -3.44 18.68
CA ASP A 357 0.34 -2.09 18.76
C ASP A 357 -0.68 -1.17 19.41
N ASN A 358 -0.19 -0.17 20.15
CA ASN A 358 -1.09 0.78 20.80
C ASN A 358 -1.25 2.07 20.00
N GLY A 359 -0.52 2.16 18.90
CA GLY A 359 -0.41 3.40 18.17
C GLY A 359 -1.47 3.67 17.11
N THR A 360 -1.26 4.78 16.39
CA THR A 360 -2.12 5.22 15.32
C THR A 360 -1.21 5.73 14.22
N VAL A 361 -1.57 5.54 12.95
CA VAL A 361 -0.69 5.94 11.87
C VAL A 361 -0.59 7.46 11.77
N SER A 362 0.62 7.99 11.92
CA SER A 362 0.90 9.39 11.66
C SER A 362 1.13 9.63 10.17
N TYR A 363 0.94 10.87 9.72
CA TYR A 363 1.21 11.26 8.35
C TYR A 363 2.65 10.98 7.93
N SER A 364 3.58 11.09 8.88
CA SER A 364 4.99 10.83 8.60
C SER A 364 5.32 9.34 8.56
N ASN A 365 4.51 8.53 9.26
CA ASN A 365 4.75 7.09 9.38
C ASN A 365 5.05 6.28 8.11
N PRO A 366 4.27 6.47 7.03
CA PRO A 366 4.47 5.65 5.83
C PRO A 366 5.89 5.62 5.29
N VAL A 367 6.67 6.68 5.47
CA VAL A 367 7.99 6.76 4.87
C VAL A 367 9.01 5.79 5.49
N ARG A 368 8.94 5.57 6.80
CA ARG A 368 9.75 4.51 7.41
C ARG A 368 9.00 3.23 7.78
N GLN A 369 7.67 3.23 7.65
CA GLN A 369 6.89 2.06 8.07
C GLN A 369 6.10 1.49 6.90
N ALA A 370 6.51 0.30 6.48
CA ALA A 370 6.26 -0.16 5.12
C ALA A 370 4.88 -0.74 4.84
N LEU A 371 4.00 -0.76 5.85
CA LEU A 371 2.62 -1.20 5.61
C LEU A 371 1.62 -0.07 5.42
N TYR A 372 2.04 1.19 5.55
CA TYR A 372 1.09 2.30 5.58
C TYR A 372 1.28 3.30 4.45
N ASN A 373 0.18 4.00 4.13
CA ASN A 373 0.20 5.08 3.15
C ASN A 373 -0.28 6.38 3.78
N PHE A 374 -0.01 7.49 3.10
CA PHE A 374 -0.39 8.81 3.58
C PHE A 374 -1.88 8.89 3.93
N GLU A 375 -2.73 8.36 3.06
CA GLU A 375 -4.17 8.38 3.28
C GLU A 375 -4.59 7.53 4.50
N ASP A 376 -3.65 6.77 5.03
CA ASP A 376 -3.93 5.85 6.14
C ASP A 376 -3.71 6.48 7.51
N ALA A 377 -3.31 7.74 7.54
CA ALA A 377 -3.11 8.44 8.79
C ALA A 377 -4.44 8.62 9.53
N GLY A 378 -4.40 8.49 10.85
CA GLY A 378 -5.59 8.63 11.66
C GLY A 378 -6.24 7.29 12.00
N LYS A 379 -5.88 6.25 11.25
CA LYS A 379 -6.38 4.91 11.50
C LYS A 379 -5.49 4.19 12.52
N PRO A 380 -6.08 3.28 13.31
CA PRO A 380 -5.31 2.46 14.26
C PRO A 380 -4.32 1.55 13.55
N LYS A 381 -3.06 1.55 13.97
CA LYS A 381 -2.00 0.80 13.31
C LYS A 381 -2.24 -0.70 13.25
N ALA A 382 -2.53 -1.31 14.39
CA ALA A 382 -2.62 -2.77 14.49
C ALA A 382 -3.64 -3.36 13.51
N GLU A 383 -4.88 -2.87 13.59
CA GLU A 383 -5.94 -3.31 12.68
C GLU A 383 -5.54 -3.04 11.22
N LEU A 384 -4.82 -1.95 11.00
CA LEU A 384 -4.48 -1.54 9.66
C LEU A 384 -3.32 -2.36 9.09
N ALA A 385 -2.37 -2.72 9.94
CA ALA A 385 -1.23 -3.50 9.51
C ALA A 385 -1.72 -4.85 9.02
N ALA A 386 -2.66 -5.43 9.74
CA ALA A 386 -3.24 -6.72 9.39
C ALA A 386 -4.03 -6.62 8.08
N ALA A 387 -4.76 -5.52 7.93
CA ALA A 387 -5.54 -5.29 6.72
C ALA A 387 -4.61 -5.15 5.53
N SER A 388 -3.44 -4.56 5.77
CA SER A 388 -2.46 -4.31 4.74
C SER A 388 -1.84 -5.63 4.25
N LEU A 389 -1.70 -6.59 5.15
CA LEU A 389 -1.23 -7.92 4.76
C LEU A 389 -2.24 -8.59 3.84
N LYS A 390 -3.52 -8.48 4.18
CA LYS A 390 -4.58 -9.04 3.35
C LYS A 390 -4.64 -8.30 2.02
N ARG A 391 -4.16 -7.07 1.98
CA ARG A 391 -4.16 -6.28 0.76
C ARG A 391 -3.03 -6.73 -0.16
N ILE A 392 -1.93 -7.15 0.43
CA ILE A 392 -0.81 -7.73 -0.31
C ILE A 392 -1.17 -9.13 -0.81
N PHE A 393 -1.57 -9.99 0.12
CA PHE A 393 -1.91 -11.38 -0.18
C PHE A 393 -3.20 -11.81 0.53
N PRO A 394 -4.35 -11.68 -0.16
CA PRO A 394 -5.70 -11.79 0.40
C PRO A 394 -5.99 -13.02 1.26
N LEU A 395 -5.22 -14.10 1.11
CA LEU A 395 -5.39 -15.22 2.02
C LEU A 395 -4.30 -15.08 3.06
N MET A 396 -4.67 -14.61 4.23
CA MET A 396 -3.73 -14.48 5.33
C MET A 396 -4.60 -14.52 6.57
N ASP A 397 -4.15 -15.19 7.62
CA ASP A 397 -4.88 -15.07 8.87
C ASP A 397 -4.16 -13.96 9.62
N ALA A 398 -4.77 -12.78 9.61
CA ALA A 398 -4.08 -11.58 10.08
C ALA A 398 -5.00 -10.72 10.93
N THR A 399 -4.61 -10.49 12.17
CA THR A 399 -5.43 -9.73 13.10
C THR A 399 -4.63 -8.66 13.78
N GLY A 400 -5.19 -7.45 13.87
CA GLY A 400 -4.62 -6.41 14.71
C GLY A 400 -5.22 -6.41 16.10
N VAL A 401 -4.43 -6.05 17.09
CA VAL A 401 -4.94 -5.91 18.45
C VAL A 401 -4.41 -4.63 19.07
N LYS A 402 -5.30 -3.71 19.42
CA LYS A 402 -4.85 -2.46 20.01
C LYS A 402 -4.68 -2.68 21.49
N LEU A 403 -3.43 -2.62 21.93
CA LEU A 403 -3.05 -3.03 23.27
C LEU A 403 -1.78 -2.30 23.69
N SER A 404 -1.68 -2.01 24.98
CA SER A 404 -0.50 -1.33 25.51
C SER A 404 0.39 -2.33 26.25
N ILE A 405 1.69 -2.21 26.05
CA ILE A 405 2.66 -2.98 26.81
C ILE A 405 3.31 -2.07 27.85
N PRO A 406 3.11 -2.37 29.15
CA PRO A 406 3.65 -1.58 30.25
C PRO A 406 5.18 -1.55 30.30
N MET A 407 5.74 -0.34 30.39
CA MET A 407 7.18 -0.17 30.55
C MET A 407 7.58 -0.30 32.02
N ILE A 408 8.66 -1.03 32.26
CA ILE A 408 9.20 -1.17 33.60
C ILE A 408 10.01 0.08 33.97
N GLY A 409 9.84 0.56 35.20
CA GLY A 409 10.51 1.76 35.64
C GLY A 409 9.62 2.98 35.49
N HIS A 410 8.33 2.72 35.33
CA HIS A 410 7.33 3.78 35.19
C HIS A 410 6.15 3.44 36.07
N LYS A 411 5.45 4.45 36.56
CA LYS A 411 4.24 4.21 37.34
C LYS A 411 3.09 4.02 36.36
N LEU A 412 2.18 3.08 36.66
CA LEU A 412 1.08 2.75 35.76
C LEU A 412 0.16 3.95 35.52
N VAL A 413 -0.19 4.18 34.26
CA VAL A 413 -1.10 5.27 33.92
C VAL A 413 -2.56 4.91 34.23
N ASN A 414 -3.00 3.73 33.79
CA ASN A 414 -4.32 3.23 34.15
C ASN A 414 -4.22 1.79 34.64
N GLU A 415 -4.43 1.59 35.94
CA GLU A 415 -4.15 0.29 36.56
C GLU A 415 -5.14 -0.76 36.09
N GLU A 416 -6.42 -0.44 36.15
CA GLU A 416 -7.47 -1.37 35.75
C GLU A 416 -7.35 -1.71 34.27
N ALA A 417 -7.01 -0.70 33.45
CA ALA A 417 -6.92 -0.88 32.01
C ALA A 417 -5.71 -1.73 31.63
N GLN A 418 -4.55 -1.40 32.19
CA GLN A 418 -3.33 -2.14 31.88
C GLN A 418 -3.41 -3.57 32.39
N HIS A 419 -4.23 -3.79 33.41
CA HIS A 419 -4.46 -5.12 33.96
C HIS A 419 -5.15 -5.98 32.90
N LYS A 420 -6.18 -5.44 32.26
CA LYS A 420 -6.87 -6.12 31.17
C LYS A 420 -5.89 -6.38 30.03
N ASP A 421 -5.09 -5.37 29.71
CA ASP A 421 -4.12 -5.49 28.64
C ASP A 421 -3.00 -6.46 29.00
N PHE A 422 -2.72 -6.58 30.30
CA PHE A 422 -1.78 -7.59 30.77
C PHE A 422 -2.34 -9.00 30.53
N ASP A 423 -3.60 -9.19 30.89
CA ASP A 423 -4.28 -10.47 30.70
C ASP A 423 -4.40 -10.85 29.22
N ARG A 424 -4.62 -9.84 28.38
CA ARG A 424 -4.83 -10.04 26.95
C ARG A 424 -3.51 -10.39 26.26
N LEU A 425 -2.41 -9.91 26.83
CA LEU A 425 -1.09 -10.18 26.28
C LEU A 425 -0.69 -11.62 26.53
N ARG A 426 -1.02 -12.14 27.71
CA ARG A 426 -0.69 -13.52 28.03
C ARG A 426 -1.54 -14.48 27.21
N ALA A 427 -2.81 -14.13 27.02
CA ALA A 427 -3.71 -14.92 26.19
C ALA A 427 -3.14 -15.02 24.77
N LEU A 428 -2.66 -13.89 24.27
CA LEU A 428 -2.09 -13.83 22.93
C LEU A 428 -0.78 -14.61 22.80
N ILE A 429 0.08 -14.51 23.81
CA ILE A 429 1.35 -15.22 23.78
C ILE A 429 1.16 -16.74 23.82
N LYS A 430 0.28 -17.21 24.71
CA LYS A 430 0.03 -18.64 24.84
C LYS A 430 -0.48 -19.27 23.55
N GLU A 431 -1.34 -18.55 22.84
CA GLU A 431 -2.00 -19.10 21.67
C GLU A 431 -1.15 -18.98 20.40
N HIS A 432 0.03 -18.36 20.50
CA HIS A 432 0.92 -18.21 19.36
C HIS A 432 2.19 -19.04 19.52
N ASP A 433 2.78 -19.46 18.40
CA ASP A 433 3.95 -20.33 18.43
C ASP A 433 5.28 -19.59 18.67
N ILE A 434 5.48 -18.47 17.99
CA ILE A 434 6.73 -17.72 18.12
C ILE A 434 6.46 -16.23 18.30
N ILE A 435 7.10 -15.63 19.29
CA ILE A 435 6.91 -14.22 19.61
C ILE A 435 8.11 -13.39 19.20
N PHE A 436 7.88 -12.38 18.35
CA PHE A 436 8.91 -11.40 18.02
C PHE A 436 8.76 -10.18 18.92
N LEU A 437 9.86 -9.70 19.49
CA LEU A 437 9.79 -8.46 20.27
C LEU A 437 10.33 -7.31 19.43
N LEU A 438 9.39 -6.55 18.87
CA LEU A 438 9.69 -5.48 17.95
C LEU A 438 9.58 -4.08 18.55
N VAL A 439 9.41 -4.02 19.87
CA VAL A 439 8.99 -2.77 20.49
C VAL A 439 10.06 -1.69 20.44
N ASP A 440 9.69 -0.52 20.95
CA ASP A 440 10.49 0.69 20.77
C ASP A 440 11.64 0.81 21.76
N SER A 441 11.52 0.20 22.93
CA SER A 441 12.45 0.44 24.02
C SER A 441 12.81 -0.82 24.81
N ARG A 442 13.90 -0.74 25.58
CA ARG A 442 14.38 -1.85 26.37
C ARG A 442 13.37 -2.23 27.44
N GLU A 443 12.78 -1.21 28.06
CA GLU A 443 11.86 -1.43 29.16
C GLU A 443 10.54 -2.06 28.72
N SER A 444 10.23 -1.96 27.44
CA SER A 444 9.00 -2.52 26.90
C SER A 444 9.17 -4.00 26.59
N ARG A 445 10.41 -4.47 26.65
CA ARG A 445 10.71 -5.88 26.37
C ARG A 445 10.51 -6.78 27.58
N TRP A 446 10.52 -6.19 28.77
CA TRP A 446 10.55 -7.01 29.99
C TRP A 446 9.30 -7.84 30.24
N LEU A 447 8.15 -7.20 30.26
CA LEU A 447 6.90 -7.92 30.52
C LEU A 447 6.63 -9.04 29.51
N PRO A 448 6.85 -8.78 28.20
CA PRO A 448 6.70 -9.90 27.26
C PRO A 448 7.76 -10.99 27.43
N SER A 449 8.98 -10.62 27.82
CA SER A 449 10.04 -11.60 28.02
C SER A 449 9.70 -12.54 29.16
N LEU A 450 9.07 -11.99 30.20
CA LEU A 450 8.66 -12.77 31.35
C LEU A 450 7.51 -13.72 30.99
N LEU A 451 6.47 -13.17 30.37
CA LEU A 451 5.30 -13.96 29.96
C LEU A 451 5.68 -15.08 29.01
N SER A 452 6.54 -14.77 28.04
CA SER A 452 6.96 -15.74 27.03
C SER A 452 7.85 -16.81 27.64
N ASN A 453 8.53 -16.45 28.72
CA ASN A 453 9.32 -17.41 29.49
C ASN A 453 8.39 -18.42 30.15
N ILE A 454 7.38 -17.90 30.85
CA ILE A 454 6.40 -18.72 31.55
C ILE A 454 5.65 -19.68 30.62
N GLU A 455 5.30 -19.17 29.44
CA GLU A 455 4.48 -19.95 28.51
C GLU A 455 5.33 -20.81 27.57
N ASN A 456 6.64 -20.80 27.78
CA ASN A 456 7.58 -21.62 27.01
C ASN A 456 7.57 -21.35 25.50
N LYS A 457 7.50 -20.08 25.12
CA LYS A 457 7.46 -19.72 23.71
C LYS A 457 8.83 -19.27 23.23
N THR A 458 9.18 -19.69 22.02
CA THR A 458 10.40 -19.23 21.37
C THR A 458 10.28 -17.72 21.09
N VAL A 459 11.33 -16.98 21.40
CA VAL A 459 11.30 -15.53 21.19
C VAL A 459 12.48 -15.04 20.35
N ILE A 460 12.20 -14.17 19.39
CA ILE A 460 13.24 -13.44 18.67
C ILE A 460 13.14 -11.95 19.02
N ASN A 461 14.26 -11.35 19.39
CA ASN A 461 14.33 -9.92 19.63
C ASN A 461 14.96 -9.20 18.46
N ALA A 462 14.51 -7.98 18.21
CA ALA A 462 15.20 -7.07 17.30
C ALA A 462 15.25 -5.69 17.92
N ALA A 463 16.44 -5.15 18.10
CA ALA A 463 16.60 -3.83 18.69
C ALA A 463 17.44 -2.92 17.78
N LEU A 464 17.01 -1.67 17.63
CA LEU A 464 17.70 -0.73 16.75
C LEU A 464 18.49 0.34 17.48
N GLY A 465 19.75 0.49 17.10
CA GLY A 465 20.56 1.64 17.49
C GLY A 465 20.70 2.54 16.28
N PHE A 466 21.47 3.61 16.40
CA PHE A 466 21.63 4.54 15.29
C PHE A 466 22.18 3.86 14.03
N ASP A 467 23.43 3.41 14.08
CA ASP A 467 23.99 2.58 13.03
C ASP A 467 24.06 1.08 13.37
N SER A 468 23.54 0.68 14.52
CA SER A 468 23.66 -0.72 14.93
C SER A 468 22.32 -1.40 15.17
N TYR A 469 22.31 -2.72 15.05
CA TYR A 469 21.10 -3.50 15.32
C TYR A 469 21.42 -4.75 16.13
N LEU A 470 20.41 -5.28 16.80
CA LEU A 470 20.58 -6.48 17.61
C LEU A 470 19.50 -7.49 17.29
N VAL A 471 19.91 -8.73 17.05
CA VAL A 471 18.96 -9.81 16.81
C VAL A 471 19.36 -11.03 17.63
N MET A 472 18.45 -11.53 18.47
CA MET A 472 18.75 -12.69 19.30
C MET A 472 17.52 -13.56 19.58
N ARG A 473 17.78 -14.80 19.99
CA ARG A 473 16.71 -15.74 20.31
C ARG A 473 16.74 -16.15 21.79
N HIS A 474 15.59 -16.09 22.45
CA HIS A 474 15.48 -16.38 23.89
C HIS A 474 15.57 -17.86 24.19
N GLY A 475 14.88 -18.67 23.38
CA GLY A 475 14.68 -20.09 23.62
C GLY A 475 15.82 -20.84 24.29
N GLN A 484 21.65 -23.71 28.62
CA GLN A 484 20.58 -22.75 28.39
C GLN A 484 21.11 -21.40 27.90
N LEU A 485 20.48 -20.85 26.86
CA LEU A 485 20.96 -19.63 26.21
C LEU A 485 20.60 -18.31 26.91
N GLY A 486 19.38 -18.20 27.41
CA GLY A 486 19.05 -17.03 28.20
C GLY A 486 18.62 -15.83 27.38
N CYS A 487 17.82 -14.97 28.01
CA CYS A 487 17.07 -13.93 27.31
C CYS A 487 17.83 -12.62 27.07
N TYR A 488 17.08 -11.62 26.64
CA TYR A 488 17.59 -10.27 26.42
C TYR A 488 18.17 -9.71 27.71
N PHE A 489 17.46 -9.94 28.80
CA PHE A 489 17.81 -9.35 30.10
C PHE A 489 18.77 -10.23 30.88
N CYS A 490 19.12 -11.37 30.29
CA CYS A 490 19.98 -12.34 30.97
C CYS A 490 21.37 -11.77 31.24
N HIS A 491 21.71 -10.68 30.57
CA HIS A 491 22.98 -9.99 30.82
C HIS A 491 22.88 -8.48 30.57
N ARG A 503 25.05 2.54 22.46
CA ARG A 503 24.64 3.67 23.30
C ARG A 503 23.28 4.23 22.91
N THR A 504 22.99 4.24 21.61
CA THR A 504 21.69 4.66 21.10
C THR A 504 20.80 3.44 20.92
N LEU A 505 21.32 2.28 21.31
CA LEU A 505 20.64 1.01 21.09
C LEU A 505 19.40 0.84 21.97
N ASP A 506 18.27 0.58 21.32
CA ASP A 506 17.00 0.29 22.01
C ASP A 506 16.58 1.36 23.00
N GLN A 507 16.53 2.60 22.55
CA GLN A 507 16.08 3.71 23.38
C GLN A 507 14.82 4.33 22.78
N MET A 508 14.02 4.98 23.62
CA MET A 508 12.77 5.59 23.16
C MET A 508 12.98 6.68 22.12
N CYS A 509 14.01 7.49 22.31
CA CYS A 509 14.22 8.68 21.47
C CYS A 509 15.07 8.43 20.24
N THR A 510 15.65 7.23 20.13
CA THR A 510 16.62 6.96 19.07
C THR A 510 16.05 7.11 17.66
N VAL A 511 16.74 7.91 16.85
CA VAL A 511 16.45 8.01 15.44
C VAL A 511 17.54 7.22 14.74
N THR A 512 17.13 6.30 13.86
CA THR A 512 18.07 5.36 13.28
C THR A 512 18.23 5.58 11.80
N ARG A 513 19.36 5.16 11.24
CA ARG A 513 19.53 5.11 9.80
C ARG A 513 18.53 4.12 9.24
N PRO A 514 17.91 4.46 8.09
CA PRO A 514 16.92 3.60 7.43
C PRO A 514 17.39 2.16 7.24
N GLY A 515 18.65 1.99 6.82
CA GLY A 515 19.18 0.66 6.56
C GLY A 515 19.14 -0.30 7.73
N VAL A 516 19.27 0.24 8.95
CA VAL A 516 19.37 -0.59 10.15
C VAL A 516 18.14 -1.47 10.37
N ALA A 517 16.96 -0.90 10.15
CA ALA A 517 15.72 -1.62 10.37
C ALA A 517 15.49 -2.73 9.34
N MET A 518 15.84 -2.45 8.09
CA MET A 518 15.72 -3.44 7.04
C MET A 518 16.63 -4.63 7.35
N MET A 519 17.86 -4.33 7.71
CA MET A 519 18.85 -5.36 8.06
C MET A 519 18.36 -6.25 9.20
N ALA A 520 17.95 -5.63 10.30
CA ALA A 520 17.54 -6.37 11.50
C ALA A 520 16.28 -7.19 11.28
N SER A 521 15.37 -6.69 10.45
CA SER A 521 14.11 -7.38 10.19
C SER A 521 14.31 -8.69 9.46
N SER A 522 15.11 -8.66 8.39
CA SER A 522 15.37 -9.85 7.60
C SER A 522 16.20 -10.89 8.35
N LEU A 523 17.19 -10.43 9.11
CA LEU A 523 18.03 -11.35 9.89
C LEU A 523 17.21 -12.04 10.96
N ALA A 524 16.20 -11.35 11.47
CA ALA A 524 15.30 -11.93 12.45
C ALA A 524 14.52 -13.09 11.84
N VAL A 525 13.90 -12.83 10.70
CA VAL A 525 13.11 -13.85 10.00
C VAL A 525 13.98 -15.01 9.50
N GLU A 526 15.16 -14.70 8.99
CA GLU A 526 16.09 -15.75 8.54
C GLU A 526 16.56 -16.58 9.72
N LEU A 527 16.73 -15.95 10.87
CA LEU A 527 17.09 -16.69 12.08
C LEU A 527 15.94 -17.58 12.50
N MET A 528 14.72 -17.08 12.35
CA MET A 528 13.52 -17.81 12.76
C MET A 528 13.28 -19.03 11.88
N THR A 529 13.43 -18.87 10.57
CA THR A 529 13.24 -19.99 9.65
C THR A 529 14.35 -21.03 9.82
N SER A 530 15.57 -20.55 10.04
CA SER A 530 16.71 -21.42 10.28
C SER A 530 16.55 -22.18 11.60
N LEU A 531 15.78 -21.60 12.52
CA LEU A 531 15.58 -22.16 13.84
C LEU A 531 14.55 -23.29 13.85
N LEU A 532 13.67 -23.28 12.86
CA LEU A 532 12.59 -24.27 12.76
C LEU A 532 13.07 -25.55 12.06
N GLN A 533 14.34 -25.55 11.67
CA GLN A 533 14.93 -26.69 10.97
C GLN A 533 15.62 -27.59 11.97
N THR A 534 15.56 -28.90 11.72
CA THR A 534 16.25 -29.86 12.57
C THR A 534 17.77 -29.68 12.50
N LYS A 535 18.42 -29.76 13.66
CA LYS A 535 19.86 -29.63 13.73
C LYS A 535 20.56 -30.91 13.24
N TYR A 536 21.61 -30.74 12.45
CA TYR A 536 22.41 -31.86 11.98
C TYR A 536 23.07 -32.58 13.15
N SER A 537 23.24 -33.89 13.02
CA SER A 537 23.77 -34.73 14.09
C SER A 537 25.13 -34.27 14.59
N GLY A 538 25.21 -34.02 15.90
CA GLY A 538 26.47 -33.72 16.54
C GLY A 538 26.92 -32.27 16.44
N SER A 539 26.38 -31.52 15.49
CA SER A 539 26.75 -30.11 15.34
C SER A 539 25.57 -29.16 15.60
N GLU A 540 25.87 -27.87 15.62
CA GLU A 540 24.85 -26.85 15.85
C GLU A 540 24.10 -26.47 14.58
N THR A 541 24.73 -26.69 13.43
CA THR A 541 24.22 -26.22 12.15
C THR A 541 22.93 -26.93 11.71
N THR A 542 22.20 -26.29 10.79
CA THR A 542 20.99 -26.87 10.19
C THR A 542 21.11 -26.85 8.66
N VAL A 543 20.01 -27.19 7.98
CA VAL A 543 20.00 -27.20 6.53
C VAL A 543 20.14 -25.78 5.97
N LEU A 544 19.67 -24.80 6.74
CA LEU A 544 19.77 -23.39 6.38
C LEU A 544 21.02 -22.73 6.95
N GLY A 545 21.87 -23.52 7.59
CA GLY A 545 23.13 -23.02 8.11
C GLY A 545 23.12 -22.69 9.59
N ASP A 546 24.08 -21.87 10.00
CA ASP A 546 24.31 -21.55 11.41
C ASP A 546 23.09 -20.95 12.11
N ILE A 547 22.97 -21.26 13.39
CA ILE A 547 21.92 -20.68 14.23
C ILE A 547 22.51 -20.04 15.47
N PRO A 548 23.13 -18.86 15.32
CA PRO A 548 23.80 -18.18 16.43
C PRO A 548 22.82 -17.73 17.49
N HIS A 549 23.32 -17.43 18.68
CA HIS A 549 22.48 -16.94 19.77
C HIS A 549 22.14 -15.46 19.58
N GLN A 550 23.16 -14.64 19.33
CA GLN A 550 22.97 -13.21 19.14
C GLN A 550 23.70 -12.71 17.89
N ILE A 551 23.05 -11.80 17.18
CA ILE A 551 23.68 -11.09 16.06
C ILE A 551 23.67 -9.60 16.35
N ARG A 552 24.84 -8.96 16.25
CA ARG A 552 24.90 -7.51 16.40
C ARG A 552 25.61 -6.89 15.19
N GLY A 553 24.85 -6.17 14.37
CA GLY A 553 25.40 -5.57 13.17
C GLY A 553 25.76 -4.12 13.34
N PHE A 554 26.62 -3.62 12.45
CA PHE A 554 27.06 -2.24 12.47
C PHE A 554 27.17 -1.68 11.07
N LEU A 555 26.59 -0.52 10.85
CA LEU A 555 26.55 0.07 9.51
C LEU A 555 27.84 0.73 9.05
N HIS A 556 28.52 1.44 9.95
CA HIS A 556 29.69 2.23 9.55
C HIS A 556 30.83 1.37 8.98
N ASN A 557 31.11 0.25 9.64
CA ASN A 557 32.15 -0.66 9.16
C ASN A 557 31.66 -1.88 8.36
N PHE A 558 30.34 -1.95 8.16
CA PHE A 558 29.70 -3.10 7.48
C PHE A 558 30.16 -4.45 8.01
N SER A 559 29.88 -4.71 9.29
CA SER A 559 30.36 -5.94 9.93
C SER A 559 29.32 -6.60 10.82
N ILE A 560 29.35 -7.92 10.88
CA ILE A 560 28.44 -8.69 11.72
C ILE A 560 29.20 -9.42 12.81
N LEU A 561 28.80 -9.17 14.06
CA LEU A 561 29.36 -9.88 15.22
C LEU A 561 28.40 -10.97 15.66
N LYS A 562 28.95 -12.08 16.13
CA LYS A 562 28.12 -13.14 16.68
C LYS A 562 28.57 -13.46 18.09
N LEU A 563 27.65 -13.41 19.05
CA LEU A 563 27.98 -13.77 20.43
C LEU A 563 26.98 -14.73 21.08
N GLU A 564 27.50 -15.66 21.87
CA GLU A 564 26.69 -16.67 22.56
C GLU A 564 26.75 -16.40 24.06
N THR A 565 25.59 -16.26 24.67
CA THR A 565 25.50 -15.93 26.09
C THR A 565 24.79 -17.06 26.85
N PRO A 566 25.24 -17.35 28.09
CA PRO A 566 24.61 -18.34 28.97
C PRO A 566 23.40 -17.78 29.72
N ALA A 567 22.52 -18.66 30.18
CA ALA A 567 21.40 -18.25 31.01
C ALA A 567 21.86 -17.96 32.43
N TYR A 568 21.20 -17.03 33.10
CA TYR A 568 21.64 -16.58 34.42
C TYR A 568 20.58 -16.83 35.49
N GLU A 569 21.02 -17.36 36.63
CA GLU A 569 20.14 -17.64 37.76
C GLU A 569 19.61 -16.37 38.43
N HIS A 570 20.28 -15.24 38.22
CA HIS A 570 19.84 -13.97 38.79
C HIS A 570 19.08 -12.99 37.88
N CYS A 571 18.80 -13.41 36.64
CA CYS A 571 18.10 -12.53 35.69
C CYS A 571 16.67 -12.15 36.10
N PRO A 572 16.32 -10.87 35.96
CA PRO A 572 14.98 -10.37 36.27
C PRO A 572 13.84 -11.01 35.48
N ALA A 573 14.07 -11.42 34.23
CA ALA A 573 13.01 -12.05 33.44
C ALA A 573 13.08 -13.59 33.37
N CYS A 574 14.11 -14.16 33.99
CA CYS A 574 14.45 -15.56 33.80
C CYS A 574 14.32 -16.38 35.08
N SER A 575 15.03 -15.92 36.11
CA SER A 575 15.30 -16.67 37.32
C SER A 575 14.09 -17.39 37.89
N PRO A 576 14.28 -18.67 38.26
CA PRO A 576 13.25 -19.47 38.91
C PRO A 576 12.70 -18.75 40.13
N LYS A 577 13.53 -17.93 40.78
CA LYS A 577 13.07 -17.11 41.90
C LYS A 577 11.99 -16.14 41.45
N VAL A 578 12.16 -15.59 40.25
CA VAL A 578 11.19 -14.65 39.68
C VAL A 578 9.98 -15.39 39.11
N ILE A 579 10.23 -16.53 38.47
CA ILE A 579 9.17 -17.33 37.87
C ILE A 579 8.21 -17.86 38.94
N GLU A 580 8.74 -18.32 40.06
CA GLU A 580 7.89 -18.81 41.14
C GLU A 580 7.24 -17.65 41.89
N ALA A 581 7.89 -16.49 41.87
CA ALA A 581 7.30 -15.29 42.45
C ALA A 581 6.09 -14.85 41.62
N PHE A 582 6.21 -14.97 40.31
CA PHE A 582 5.13 -14.61 39.39
C PHE A 582 3.94 -15.57 39.51
N THR A 583 4.23 -16.87 39.51
CA THR A 583 3.18 -17.89 39.58
C THR A 583 2.36 -17.72 40.86
N ASP A 584 3.04 -17.38 41.95
CA ASP A 584 2.37 -17.21 43.23
C ASP A 584 1.56 -15.91 43.33
N LEU A 585 2.18 -14.78 43.03
CA LEU A 585 1.52 -13.48 43.23
C LEU A 585 0.77 -12.91 42.03
N GLY A 586 0.98 -13.48 40.85
CA GLY A 586 0.33 -13.01 39.63
C GLY A 586 0.54 -11.56 39.25
N TRP A 587 -0.54 -10.86 38.95
CA TRP A 587 -0.51 -9.46 38.50
C TRP A 587 0.07 -8.52 39.55
N GLU A 588 -0.03 -8.90 40.83
CA GLU A 588 0.49 -8.07 41.91
C GLU A 588 2.02 -8.04 41.90
N PHE A 589 2.63 -9.16 41.52
CA PHE A 589 4.08 -9.20 41.35
C PHE A 589 4.49 -8.38 40.13
N VAL A 590 3.68 -8.45 39.08
CA VAL A 590 3.91 -7.68 37.86
C VAL A 590 3.84 -6.18 38.13
N LYS A 591 2.80 -5.76 38.84
CA LYS A 591 2.55 -4.35 39.12
C LYS A 591 3.67 -3.72 39.93
N LYS A 592 4.19 -4.46 40.91
CA LYS A 592 5.24 -3.93 41.77
C LYS A 592 6.60 -3.90 41.08
N ALA A 593 6.88 -4.93 40.29
CA ALA A 593 8.13 -5.00 39.53
C ALA A 593 8.23 -3.85 38.53
N LEU A 594 7.11 -3.53 37.89
CA LEU A 594 7.06 -2.43 36.93
C LEU A 594 7.36 -1.10 37.59
N GLU A 595 6.69 -0.82 38.70
CA GLU A 595 6.83 0.47 39.36
C GLU A 595 8.09 0.58 40.21
N HIS A 596 8.59 -0.56 40.69
CA HIS A 596 9.78 -0.57 41.53
C HIS A 596 10.72 -1.71 41.13
N PRO A 597 11.55 -1.49 40.10
CA PRO A 597 12.50 -2.49 39.60
C PRO A 597 13.43 -3.02 40.69
N LEU A 598 13.70 -2.19 41.70
CA LEU A 598 14.52 -2.63 42.83
C LEU A 598 13.89 -3.84 43.50
N TYR A 599 12.57 -3.81 43.64
CA TYR A 599 11.82 -4.92 44.20
C TYR A 599 11.99 -6.18 43.34
N LEU A 600 12.11 -6.00 42.02
CA LEU A 600 12.33 -7.10 41.09
C LEU A 600 13.77 -7.60 41.15
N GLU A 601 14.72 -6.67 41.24
CA GLU A 601 16.13 -7.01 41.34
C GLU A 601 16.44 -7.77 42.64
N GLU A 602 15.71 -7.42 43.71
CA GLU A 602 15.91 -8.05 45.01
C GLU A 602 15.32 -9.45 45.03
N ILE A 603 14.24 -9.66 44.28
CA ILE A 603 13.63 -10.98 44.15
C ILE A 603 14.54 -11.94 43.37
N SER A 604 15.12 -11.43 42.29
CA SER A 604 15.97 -12.24 41.43
C SER A 604 17.37 -12.42 42.03
N GLY A 605 17.68 -11.62 43.04
CA GLY A 605 18.98 -11.68 43.70
C GLY A 605 20.07 -10.98 42.90
N LEU A 606 19.68 -9.96 42.15
CA LEU A 606 20.62 -9.20 41.33
C LEU A 606 21.08 -7.92 42.04
N SER A 607 20.56 -7.69 43.24
CA SER A 607 20.87 -6.48 43.99
C SER A 607 20.48 -6.60 45.47
N SER B 4 -12.75 68.82 47.51
CA SER B 4 -11.41 68.37 47.14
C SER B 4 -11.17 66.95 47.60
N SER B 5 -10.23 66.27 46.94
CA SER B 5 -9.91 64.87 47.20
C SER B 5 -11.12 63.96 46.94
N GLU B 6 -12.03 64.41 46.10
CA GLU B 6 -13.20 63.64 45.72
C GLU B 6 -13.25 63.47 44.20
N ARG B 7 -13.77 62.35 43.73
CA ARG B 7 -13.74 62.02 42.31
C ARG B 7 -15.08 61.48 41.80
N VAL B 8 -15.19 61.41 40.48
CA VAL B 8 -16.24 60.62 39.83
C VAL B 8 -15.63 59.27 39.46
N LEU B 9 -16.24 58.20 39.97
CA LEU B 9 -15.67 56.87 39.84
C LEU B 9 -15.71 56.37 38.39
N SER B 10 -14.55 55.99 37.88
CA SER B 10 -14.48 55.46 36.52
C SER B 10 -14.32 53.95 36.54
N TYR B 11 -14.31 53.34 35.35
CA TYR B 11 -14.37 51.89 35.25
C TYR B 11 -13.46 51.31 34.18
N ALA B 12 -12.74 50.24 34.52
CA ALA B 12 -11.95 49.50 33.54
C ALA B 12 -12.79 48.39 32.91
N PRO B 13 -12.45 47.98 31.67
CA PRO B 13 -13.08 46.81 31.04
C PRO B 13 -13.02 45.57 31.92
N ALA B 14 -14.11 44.82 31.98
CA ALA B 14 -14.22 43.69 32.90
C ALA B 14 -13.26 42.55 32.60
N PHE B 15 -13.14 42.19 31.33
CA PHE B 15 -12.33 41.03 30.95
C PHE B 15 -11.48 41.23 29.69
N LYS B 16 -10.40 40.45 29.59
CA LYS B 16 -9.54 40.39 28.41
C LYS B 16 -9.63 38.97 27.84
N SER B 17 -10.26 38.81 26.68
CA SER B 17 -10.56 37.47 26.16
C SER B 17 -9.44 36.79 25.38
N PHE B 18 -9.18 35.53 25.72
CA PHE B 18 -8.28 34.67 24.96
C PHE B 18 -8.95 33.35 24.65
N LEU B 19 -9.23 33.10 23.37
CA LEU B 19 -9.89 31.86 22.96
C LEU B 19 -8.88 30.89 22.37
N ASP B 20 -8.63 29.80 23.09
CA ASP B 20 -7.68 28.80 22.64
C ASP B 20 -8.20 28.10 21.39
N THR B 21 -7.28 27.54 20.61
CA THR B 21 -7.63 26.88 19.37
C THR B 21 -8.52 25.65 19.62
N SER B 22 -8.35 25.03 20.79
CA SER B 22 -9.16 23.86 21.13
C SER B 22 -10.62 24.22 21.34
N PHE B 23 -10.88 25.50 21.65
CA PHE B 23 -12.25 25.98 21.80
C PHE B 23 -12.97 25.97 20.47
N PHE B 24 -12.24 26.29 19.40
CA PHE B 24 -12.82 26.32 18.07
C PHE B 24 -13.00 24.90 17.54
N GLN B 25 -12.08 24.02 17.90
CA GLN B 25 -12.20 22.60 17.56
C GLN B 25 -13.53 22.08 18.08
N GLU B 26 -13.79 22.31 19.36
CA GLU B 26 -15.03 21.89 19.97
C GLU B 26 -16.23 22.57 19.32
N LEU B 27 -16.02 23.77 18.78
CA LEU B 27 -17.09 24.49 18.10
C LEU B 27 -17.40 23.85 16.76
N SER B 28 -16.37 23.41 16.05
CA SER B 28 -16.58 22.69 14.81
C SER B 28 -17.25 21.36 15.11
N ARG B 29 -16.80 20.71 16.18
CA ARG B 29 -17.26 19.38 16.53
C ARG B 29 -18.74 19.36 16.89
N LEU B 30 -19.20 20.41 17.58
CA LEU B 30 -20.58 20.47 18.03
C LEU B 30 -21.55 20.86 16.91
N LYS B 31 -21.05 21.61 15.94
CA LYS B 31 -21.88 22.01 14.80
C LYS B 31 -22.20 20.80 13.93
N LEU B 32 -21.32 19.80 13.99
CA LEU B 32 -21.50 18.55 13.25
C LEU B 32 -22.15 17.46 14.12
N ASP B 33 -22.52 17.82 15.34
CA ASP B 33 -23.09 16.84 16.28
C ASP B 33 -24.53 17.17 16.66
N SER B 39 -29.35 29.52 13.65
CA SER B 39 -28.61 29.82 14.87
C SER B 39 -29.13 29.03 16.09
N THR B 40 -28.30 28.97 17.13
CA THR B 40 -28.63 28.27 18.36
C THR B 40 -28.01 28.98 19.57
N SER B 41 -28.06 28.34 20.73
CA SER B 41 -27.42 28.86 21.93
C SER B 41 -26.86 27.69 22.74
N GLN B 42 -26.00 27.99 23.72
CA GLN B 42 -25.38 26.94 24.55
C GLN B 42 -24.53 27.56 25.66
N PRO B 43 -24.65 27.00 26.88
CA PRO B 43 -23.93 27.48 28.06
C PRO B 43 -22.41 27.31 27.99
N LEU B 44 -21.69 28.20 28.67
CA LEU B 44 -20.24 28.12 28.79
C LEU B 44 -19.84 28.33 30.25
N THR B 45 -18.68 27.80 30.64
CA THR B 45 -18.16 28.01 31.98
C THR B 45 -16.65 28.20 31.93
N VAL B 46 -16.17 29.24 32.60
CA VAL B 46 -14.76 29.59 32.58
C VAL B 46 -14.31 29.85 34.01
N ASN B 47 -13.10 29.42 34.34
CA ASN B 47 -12.57 29.66 35.66
C ASN B 47 -11.58 30.83 35.69
N LEU B 48 -11.91 31.84 36.48
CA LEU B 48 -11.07 33.02 36.61
C LEU B 48 -10.01 32.81 37.69
N ASP B 49 -8.76 33.10 37.37
CA ASP B 49 -7.72 33.10 38.37
C ASP B 49 -7.46 34.55 38.73
N LEU B 50 -7.93 34.96 39.91
CA LEU B 50 -7.81 36.35 40.34
C LEU B 50 -6.58 36.61 41.20
N HIS B 51 -5.91 35.54 41.61
CA HIS B 51 -4.68 35.67 42.38
C HIS B 51 -3.47 35.95 41.49
N ASN B 52 -3.44 35.33 40.31
CA ASN B 52 -2.33 35.55 39.40
C ASN B 52 -2.81 36.15 38.08
N ILE B 53 -2.53 37.44 37.91
CA ILE B 53 -2.89 38.20 36.71
C ILE B 53 -1.66 38.80 36.04
N PRO B 54 -1.42 38.47 34.75
CA PRO B 54 -0.25 38.98 34.04
C PRO B 54 -0.15 40.49 34.10
N LYS B 55 1.04 41.01 34.37
CA LYS B 55 1.28 42.45 34.52
C LYS B 55 0.93 43.28 33.28
N SER B 56 0.80 42.61 32.14
CA SER B 56 0.48 43.29 30.88
C SER B 56 -1.02 43.50 30.75
N ALA B 57 -1.78 43.02 31.72
CA ALA B 57 -3.24 43.04 31.65
C ALA B 57 -3.87 43.99 32.67
N ASP B 58 -4.89 44.72 32.23
CA ASP B 58 -5.59 45.66 33.11
C ASP B 58 -6.78 44.98 33.76
N GLN B 59 -7.05 43.75 33.34
CA GLN B 59 -8.16 42.98 33.89
C GLN B 59 -7.85 41.50 33.74
N VAL B 60 -8.53 40.67 34.54
CA VAL B 60 -8.32 39.23 34.51
C VAL B 60 -8.61 38.65 33.12
N PRO B 61 -7.67 37.83 32.62
CA PRO B 61 -7.86 37.13 31.34
C PRO B 61 -9.06 36.19 31.40
N LEU B 62 -9.93 36.25 30.40
CA LEU B 62 -11.05 35.32 30.30
C LEU B 62 -10.68 34.25 29.26
N PHE B 63 -10.40 33.05 29.74
CA PHE B 63 -9.77 32.02 28.94
C PHE B 63 -10.70 30.83 28.74
N LEU B 64 -11.16 30.62 27.51
CA LEU B 64 -12.05 29.50 27.24
C LEU B 64 -11.47 28.45 26.29
N THR B 65 -11.71 27.19 26.63
CA THR B 65 -11.17 26.04 25.89
C THR B 65 -12.31 25.11 25.53
N ASN B 66 -11.96 23.92 25.01
CA ASN B 66 -12.97 22.91 24.72
C ASN B 66 -13.75 22.48 25.97
N ARG B 67 -13.09 22.56 27.13
CA ARG B 67 -13.70 22.15 28.39
C ARG B 67 -14.71 23.17 28.90
N SER B 68 -14.78 24.32 28.23
CA SER B 68 -15.71 25.38 28.62
C SER B 68 -17.15 25.05 28.27
N PHE B 69 -17.34 24.08 27.38
CA PHE B 69 -18.68 23.72 26.96
C PHE B 69 -19.37 22.79 27.97
N GLU B 70 -18.57 22.22 28.89
CA GLU B 70 -19.11 21.38 29.95
C GLU B 70 -19.40 22.21 31.20
N LYS B 71 -20.65 22.16 31.64
CA LYS B 71 -21.15 23.01 32.73
C LYS B 71 -20.41 22.82 34.06
N HIS B 72 -19.98 21.59 34.32
CA HIS B 72 -19.20 21.32 35.53
C HIS B 72 -17.83 20.73 35.19
N ASN B 73 -16.79 21.53 35.43
CA ASN B 73 -15.43 21.10 35.18
C ASN B 73 -14.62 21.22 36.46
N ASN B 74 -13.31 20.97 36.38
CA ASN B 74 -12.49 21.04 37.58
C ASN B 74 -11.76 22.36 37.66
N LYS B 75 -12.26 23.22 38.55
CA LYS B 75 -11.59 24.47 38.89
C LYS B 75 -10.56 24.27 39.98
N ARG B 76 -9.55 25.16 40.02
CA ARG B 76 -8.63 25.16 41.15
C ARG B 76 -9.32 25.78 42.36
N THR B 77 -8.63 25.85 43.49
CA THR B 77 -9.28 26.13 44.76
C THR B 77 -9.82 27.55 44.91
N ASN B 78 -9.00 28.55 44.58
CA ASN B 78 -9.41 29.94 44.76
C ASN B 78 -10.03 30.56 43.50
N GLU B 79 -10.21 29.75 42.48
CA GLU B 79 -10.74 30.25 41.21
C GLU B 79 -12.25 30.51 41.29
N VAL B 80 -12.73 31.39 40.41
CA VAL B 80 -14.13 31.78 40.39
C VAL B 80 -14.81 31.35 39.09
N PRO B 81 -15.81 30.46 39.20
CA PRO B 81 -16.61 30.02 38.05
C PRO B 81 -17.46 31.15 37.48
N LEU B 82 -17.42 31.33 36.17
CA LEU B 82 -18.22 32.36 35.52
C LEU B 82 -19.13 31.75 34.47
N GLN B 83 -20.43 31.98 34.62
CA GLN B 83 -21.41 31.41 33.70
C GLN B 83 -21.63 32.35 32.53
N GLY B 84 -21.68 31.77 31.32
CA GLY B 84 -21.90 32.52 30.09
C GLY B 84 -22.50 31.64 29.02
N SER B 85 -22.66 32.18 27.82
CA SER B 85 -23.19 31.40 26.70
C SER B 85 -22.57 31.78 25.37
N ILE B 86 -22.74 30.93 24.36
CA ILE B 86 -22.30 31.26 23.01
C ILE B 86 -23.45 31.13 22.02
N PHE B 87 -23.53 32.07 21.09
CA PHE B 87 -24.54 32.04 20.03
C PHE B 87 -23.86 31.89 18.66
N ASN B 88 -24.02 30.73 18.05
CA ASN B 88 -23.41 30.48 16.74
C ASN B 88 -24.42 30.72 15.62
N PHE B 89 -23.96 31.39 14.57
CA PHE B 89 -24.77 31.63 13.38
C PHE B 89 -24.28 30.76 12.24
N ASN B 90 -25.20 30.33 11.38
CA ASN B 90 -24.83 29.47 10.25
C ASN B 90 -24.47 30.26 9.00
N VAL B 91 -24.72 31.57 9.04
CA VAL B 91 -24.47 32.44 7.89
C VAL B 91 -23.65 33.65 8.31
N LEU B 92 -22.55 33.92 7.60
CA LEU B 92 -21.69 35.06 7.91
C LEU B 92 -22.47 36.36 7.90
N ASP B 93 -23.38 36.50 6.95
CA ASP B 93 -24.16 37.73 6.84
C ASP B 93 -25.09 37.93 8.05
N GLU B 94 -25.61 36.83 8.59
CA GLU B 94 -26.45 36.91 9.79
C GLU B 94 -25.67 37.44 10.98
N PHE B 95 -24.38 37.10 11.03
CA PHE B 95 -23.48 37.56 12.07
C PHE B 95 -23.25 39.07 11.96
N LYS B 96 -22.96 39.53 10.75
CA LYS B 96 -22.74 40.96 10.50
C LYS B 96 -24.01 41.76 10.78
N ASN B 97 -25.14 41.24 10.32
CA ASN B 97 -26.42 41.95 10.38
C ASN B 97 -27.05 42.05 11.77
N LEU B 98 -26.51 41.31 12.73
CA LEU B 98 -27.02 41.34 14.10
C LEU B 98 -26.85 42.74 14.68
N ASP B 99 -27.93 43.28 15.25
CA ASP B 99 -27.84 44.55 15.96
C ASP B 99 -27.14 44.21 17.25
N LYS B 100 -25.97 44.81 17.46
CA LYS B 100 -25.15 44.45 18.60
C LYS B 100 -25.67 45.12 19.85
N GLN B 101 -26.04 46.39 19.72
CA GLN B 101 -26.50 47.17 20.85
C GLN B 101 -27.81 46.62 21.41
N LEU B 102 -28.63 46.08 20.51
CA LEU B 102 -29.90 45.49 20.91
C LEU B 102 -29.70 44.10 21.50
N PHE B 103 -28.78 43.34 20.92
CA PHE B 103 -28.48 41.99 21.39
C PHE B 103 -27.90 42.05 22.81
N LEU B 104 -26.90 42.89 23.01
CA LEU B 104 -26.25 43.01 24.32
C LEU B 104 -27.19 43.60 25.36
N HIS B 105 -28.12 44.42 24.90
CA HIS B 105 -29.10 45.04 25.78
C HIS B 105 -30.07 44.01 26.36
N GLN B 106 -30.49 43.05 25.55
CA GLN B 106 -31.42 42.03 26.02
C GLN B 106 -30.72 40.89 26.75
N ARG B 107 -29.39 40.90 26.73
CA ARG B 107 -28.61 40.05 27.62
C ARG B 107 -28.51 40.70 29.00
N ALA B 108 -28.44 42.03 29.00
CA ALA B 108 -28.39 42.81 30.24
C ALA B 108 -29.69 42.71 31.01
N LEU B 109 -30.81 42.71 30.28
CA LEU B 109 -32.13 42.56 30.90
C LEU B 109 -32.24 41.21 31.59
N GLU B 110 -31.58 40.20 31.02
CA GLU B 110 -31.57 38.88 31.62
C GLU B 110 -30.69 38.86 32.86
N CYS B 111 -29.63 39.68 32.84
CA CYS B 111 -28.76 39.85 33.99
C CYS B 111 -29.44 40.65 35.09
N TRP B 112 -30.30 41.57 34.67
CA TRP B 112 -31.05 42.41 35.61
C TRP B 112 -32.16 41.62 36.30
N GLU B 113 -32.88 40.82 35.53
CA GLU B 113 -33.96 40.00 36.05
C GLU B 113 -33.44 38.94 37.03
N ASP B 114 -32.22 38.46 36.77
CA ASP B 114 -31.52 37.55 37.68
C ASP B 114 -31.00 38.32 38.88
N GLY B 115 -30.44 39.50 38.62
CA GLY B 115 -29.79 40.31 39.64
C GLY B 115 -30.69 40.73 40.80
N ILE B 116 -31.95 41.00 40.51
CA ILE B 116 -32.89 41.37 41.55
C ILE B 116 -33.23 40.19 42.47
N LYS B 117 -33.30 38.98 41.92
CA LYS B 117 -33.49 37.79 42.73
C LYS B 117 -32.24 37.45 43.52
N ASP B 118 -31.12 37.30 42.81
CA ASP B 118 -29.82 37.04 43.44
C ASP B 118 -28.80 37.99 42.85
N ILE B 119 -28.22 38.83 43.71
CA ILE B 119 -27.30 39.85 43.27
C ILE B 119 -26.00 39.25 42.69
N ASN B 120 -25.67 38.04 43.10
CA ASN B 120 -24.46 37.38 42.59
C ASN B 120 -24.61 36.82 41.18
N LYS B 121 -25.84 36.73 40.69
CA LYS B 121 -26.11 36.15 39.38
C LYS B 121 -26.21 37.16 38.23
N CYS B 122 -25.95 38.44 38.51
CA CYS B 122 -26.10 39.49 37.51
C CYS B 122 -24.87 39.66 36.61
N VAL B 123 -23.89 38.78 36.82
CA VAL B 123 -22.65 38.81 36.06
C VAL B 123 -22.52 37.61 35.13
N SER B 124 -22.39 37.89 33.84
CA SER B 124 -22.13 36.84 32.85
C SER B 124 -21.45 37.43 31.63
N PHE B 125 -21.11 36.57 30.68
CA PHE B 125 -20.51 37.01 29.44
C PHE B 125 -21.23 36.33 28.28
N VAL B 126 -20.98 36.82 27.08
CA VAL B 126 -21.62 36.24 25.91
C VAL B 126 -20.66 36.25 24.72
N ILE B 127 -20.70 35.19 23.93
CA ILE B 127 -19.92 35.11 22.71
C ILE B 127 -20.87 34.88 21.53
N ILE B 128 -20.77 35.73 20.51
CA ILE B 128 -21.43 35.47 19.25
C ILE B 128 -20.38 34.97 18.27
N SER B 129 -20.75 34.06 17.38
CA SER B 129 -19.77 33.48 16.48
C SER B 129 -20.31 33.01 15.12
N PHE B 130 -19.41 32.95 14.16
CA PHE B 130 -19.66 32.30 12.88
C PHE B 130 -18.48 31.41 12.53
N ALA B 131 -18.76 30.12 12.35
CA ALA B 131 -17.71 29.17 12.04
C ALA B 131 -17.76 28.77 10.56
N ASP B 132 -16.73 29.15 9.82
CA ASP B 132 -16.63 28.74 8.43
C ASP B 132 -15.83 27.46 8.47
N LEU B 133 -16.51 26.33 8.23
CA LEU B 133 -15.87 25.03 8.33
C LEU B 133 -15.19 24.64 7.03
N LYS B 134 -15.57 25.33 5.96
CA LYS B 134 -14.94 25.12 4.66
C LYS B 134 -13.50 25.61 4.74
N LYS B 135 -13.33 26.86 5.15
CA LYS B 135 -12.01 27.49 5.21
C LYS B 135 -11.36 27.33 6.58
N TYR B 136 -12.10 26.74 7.52
CA TYR B 136 -11.67 26.60 8.91
C TYR B 136 -11.31 27.95 9.53
N ARG B 137 -12.18 28.93 9.29
CA ARG B 137 -11.98 30.29 9.77
C ARG B 137 -13.10 30.64 10.74
N PHE B 138 -12.74 31.32 11.83
CA PHE B 138 -13.70 31.58 12.90
C PHE B 138 -13.83 33.05 13.27
N TYR B 139 -15.07 33.53 13.28
CA TYR B 139 -15.41 34.90 13.67
C TYR B 139 -16.06 34.90 15.04
N TYR B 140 -15.46 35.59 16.00
CA TYR B 140 -16.07 35.69 17.33
C TYR B 140 -16.05 37.11 17.89
N TRP B 141 -17.08 37.45 18.66
CA TRP B 141 -17.10 38.69 19.41
C TRP B 141 -17.61 38.45 20.82
N LEU B 142 -16.77 38.73 21.82
CA LEU B 142 -17.14 38.61 23.22
C LEU B 142 -17.77 39.92 23.72
N GLY B 143 -18.75 39.80 24.60
CA GLY B 143 -19.27 40.97 25.27
C GLY B 143 -19.76 40.65 26.66
N VAL B 144 -19.70 41.66 27.53
CA VAL B 144 -19.92 41.49 28.95
C VAL B 144 -20.95 42.51 29.38
N PRO B 145 -22.22 42.09 29.45
CA PRO B 145 -23.31 43.03 29.74
C PRO B 145 -23.03 43.86 30.99
N CYS B 146 -23.13 45.17 30.83
CA CYS B 146 -22.92 46.11 31.92
C CYS B 146 -24.02 47.14 31.81
N PHE B 147 -24.79 47.30 32.88
CA PHE B 147 -25.96 48.17 32.85
C PHE B 147 -25.97 49.20 33.98
N GLN B 148 -26.44 50.40 33.67
CA GLN B 148 -26.67 51.43 34.68
C GLN B 148 -28.15 51.80 34.78
N ARG B 149 -28.79 51.39 35.88
CA ARG B 149 -30.13 51.87 36.19
C ARG B 149 -30.14 52.63 37.52
N PRO B 150 -30.41 53.95 37.48
CA PRO B 150 -30.66 54.76 36.28
C PRO B 150 -29.38 55.12 35.52
N SER B 151 -29.52 55.36 34.23
CA SER B 151 -28.39 55.75 33.38
C SER B 151 -27.88 57.12 33.80
N SER B 152 -28.75 57.91 34.42
CA SER B 152 -28.40 59.27 34.84
C SER B 152 -27.65 59.28 36.17
N THR B 153 -27.51 58.11 36.79
CA THR B 153 -26.85 58.01 38.09
C THR B 153 -25.34 57.77 37.97
N VAL B 154 -24.56 58.65 38.57
CA VAL B 154 -23.12 58.49 38.62
C VAL B 154 -22.74 58.24 40.07
N LEU B 155 -21.47 58.01 40.35
CA LEU B 155 -21.05 57.73 41.71
C LEU B 155 -19.90 58.62 42.13
N HIS B 156 -20.14 59.50 43.10
CA HIS B 156 -19.10 60.34 43.65
C HIS B 156 -18.45 59.65 44.84
N VAL B 157 -17.12 59.60 44.85
CA VAL B 157 -16.40 58.86 45.88
C VAL B 157 -15.22 59.64 46.43
N ARG B 158 -14.75 59.25 47.60
CA ARG B 158 -13.47 59.72 48.14
C ARG B 158 -12.83 58.61 48.98
N PRO B 159 -11.48 58.60 49.06
CA PRO B 159 -10.75 57.57 49.81
C PRO B 159 -11.20 57.41 51.27
N GLU B 160 -11.11 56.19 51.80
CA GLU B 160 -11.48 55.92 53.18
C GLU B 160 -10.54 54.90 53.82
N PRO B 161 -9.33 55.35 54.19
CA PRO B 161 -8.24 54.47 54.63
C PRO B 161 -8.51 53.77 55.96
N SER B 162 -9.45 54.26 56.74
CA SER B 162 -9.74 53.65 58.05
C SER B 162 -10.33 52.25 57.90
N LEU B 163 -10.91 51.97 56.75
CA LEU B 163 -11.56 50.68 56.51
C LEU B 163 -10.60 49.65 55.93
N LYS B 164 -9.33 50.02 55.80
CA LYS B 164 -8.31 49.13 55.24
C LYS B 164 -8.16 47.83 56.04
N GLY B 165 -8.66 47.82 57.28
CA GLY B 165 -8.60 46.65 58.13
C GLY B 165 -9.51 45.51 57.66
N LEU B 166 -10.53 45.86 56.88
CA LEU B 166 -11.49 44.86 56.39
C LEU B 166 -11.01 44.15 55.12
N PHE B 167 -9.89 44.59 54.55
CA PHE B 167 -9.42 44.03 53.30
C PHE B 167 -9.09 42.55 53.40
N SER B 168 -8.39 42.17 54.46
CA SER B 168 -7.98 40.77 54.65
C SER B 168 -9.17 39.82 54.82
N LYS B 169 -10.16 40.23 55.61
CA LYS B 169 -11.32 39.38 55.87
C LYS B 169 -12.19 39.17 54.62
N CYS B 170 -12.18 40.16 53.73
CA CYS B 170 -12.95 40.04 52.48
C CYS B 170 -12.23 39.19 51.43
N GLN B 171 -10.90 39.26 51.43
CA GLN B 171 -10.10 38.44 50.54
C GLN B 171 -10.35 36.96 50.85
N LYS B 172 -10.25 36.60 52.13
CA LYS B 172 -10.46 35.21 52.53
C LYS B 172 -11.91 34.76 52.33
N TRP B 173 -12.85 35.69 52.52
CA TRP B 173 -14.26 35.36 52.37
C TRP B 173 -14.62 35.13 50.90
N PHE B 174 -14.01 35.92 50.02
CA PHE B 174 -14.25 35.77 48.59
C PHE B 174 -13.56 34.52 48.06
N ASP B 175 -12.42 34.17 48.64
CA ASP B 175 -11.70 32.95 48.30
C ASP B 175 -12.55 31.72 48.56
N VAL B 176 -13.16 31.70 49.73
CA VAL B 176 -13.96 30.55 50.16
C VAL B 176 -15.24 30.44 49.36
N ASN B 177 -16.02 31.52 49.31
CA ASN B 177 -17.23 31.49 48.52
C ASN B 177 -16.90 32.03 47.14
N TYR B 178 -16.78 31.11 46.18
CA TYR B 178 -16.32 31.43 44.84
C TYR B 178 -17.49 31.70 43.91
N SER B 179 -18.70 31.43 44.38
CA SER B 179 -19.91 31.71 43.61
C SER B 179 -20.43 33.10 43.93
N LYS B 180 -19.85 33.72 44.95
CA LYS B 180 -20.32 35.00 45.44
C LYS B 180 -19.47 36.16 44.94
N TRP B 181 -20.12 37.14 44.31
CA TRP B 181 -19.43 38.33 43.82
C TRP B 181 -19.48 39.51 44.79
N VAL B 182 -20.31 39.39 45.83
CA VAL B 182 -20.52 40.50 46.74
C VAL B 182 -20.82 40.03 48.16
N CYS B 183 -20.30 40.78 49.14
CA CYS B 183 -20.62 40.56 50.54
C CYS B 183 -20.76 41.90 51.25
N ILE B 184 -21.41 41.89 52.41
CA ILE B 184 -21.59 43.08 53.23
C ILE B 184 -21.21 42.69 54.65
N LEU B 185 -21.08 43.67 55.54
CA LEU B 185 -20.94 43.30 56.95
C LEU B 185 -22.24 43.54 57.72
N ASP B 186 -22.57 42.60 58.61
CA ASP B 186 -23.81 42.67 59.37
C ASP B 186 -23.65 43.57 60.60
N ALA B 187 -24.66 43.60 61.45
CA ALA B 187 -24.64 44.44 62.65
C ALA B 187 -23.58 43.98 63.64
N ASP B 188 -23.05 42.77 63.43
CA ASP B 188 -22.04 42.21 64.31
C ASP B 188 -20.61 42.48 63.81
N ASP B 189 -20.51 43.27 62.74
CA ASP B 189 -19.23 43.58 62.09
C ASP B 189 -18.51 42.35 61.56
N GLU B 190 -19.26 41.50 60.87
CA GLU B 190 -18.70 40.31 60.25
C GLU B 190 -19.14 40.23 58.81
N ILE B 191 -18.27 39.72 57.95
CA ILE B 191 -18.57 39.61 56.54
C ILE B 191 -19.60 38.50 56.30
N VAL B 192 -20.71 38.85 55.66
CA VAL B 192 -21.80 37.91 55.39
C VAL B 192 -22.29 38.06 53.95
N ASN B 193 -23.09 37.08 53.51
CA ASN B 193 -23.69 37.13 52.19
C ASN B 193 -24.61 38.35 52.07
N TYR B 194 -24.75 38.87 50.86
CA TYR B 194 -25.52 40.10 50.64
C TYR B 194 -26.98 39.92 51.03
N ASP B 195 -27.48 40.85 51.83
CA ASP B 195 -28.88 40.88 52.24
C ASP B 195 -29.36 42.33 52.25
N LYS B 196 -30.46 42.59 51.53
CA LYS B 196 -30.94 43.96 51.34
C LYS B 196 -31.42 44.62 52.63
N SER B 197 -31.91 43.81 53.57
CA SER B 197 -32.34 44.35 54.86
C SER B 197 -31.15 44.70 55.74
N ILE B 198 -30.07 43.92 55.61
CA ILE B 198 -28.87 44.12 56.43
C ILE B 198 -28.02 45.30 55.96
N ILE B 199 -27.82 45.43 54.65
CA ILE B 199 -27.03 46.50 54.07
C ILE B 199 -27.64 47.87 54.38
N ARG B 200 -28.97 47.89 54.52
CA ARG B 200 -29.71 49.10 54.82
C ARG B 200 -29.28 49.70 56.16
N LYS B 201 -29.06 48.84 57.14
CA LYS B 201 -28.58 49.28 58.45
C LYS B 201 -27.08 49.61 58.45
N THR B 202 -26.26 48.68 57.98
CA THR B 202 -24.81 48.78 58.12
C THR B 202 -24.13 49.67 57.07
N LYS B 203 -24.70 49.73 55.87
CA LYS B 203 -24.22 50.59 54.79
C LYS B 203 -22.77 50.35 54.36
N VAL B 204 -22.34 49.09 54.36
CA VAL B 204 -21.01 48.74 53.88
C VAL B 204 -21.04 47.55 52.90
N LEU B 205 -20.49 47.76 51.71
CA LEU B 205 -20.58 46.80 50.62
C LEU B 205 -19.21 46.42 50.07
N ALA B 206 -18.98 45.13 49.88
CA ALA B 206 -17.72 44.66 49.31
C ALA B 206 -17.95 43.95 47.99
N ILE B 207 -17.17 44.32 46.97
CA ILE B 207 -17.31 43.75 45.64
C ILE B 207 -16.00 43.09 45.16
N ARG B 208 -16.13 41.93 44.53
CA ARG B 208 -14.98 41.23 43.97
C ARG B 208 -14.58 41.89 42.66
N ASP B 209 -13.36 42.39 42.59
CA ASP B 209 -12.93 43.19 41.46
C ASP B 209 -12.09 42.38 40.48
N THR B 210 -12.37 42.54 39.19
CA THR B 210 -11.58 41.87 38.15
C THR B 210 -10.50 42.76 37.55
N SER B 211 -10.43 44.02 37.98
CA SER B 211 -9.47 44.96 37.43
C SER B 211 -8.20 45.01 38.28
N THR B 212 -7.05 45.17 37.62
CA THR B 212 -5.79 45.39 38.33
C THR B 212 -5.35 46.85 38.35
N MET B 213 -6.11 47.71 37.68
CA MET B 213 -5.77 49.14 37.60
C MET B 213 -6.14 49.85 38.90
N GLU B 214 -5.20 50.62 39.44
CA GLU B 214 -5.38 51.32 40.72
C GLU B 214 -6.61 52.21 40.70
N ASN B 215 -7.44 52.11 41.74
CA ASN B 215 -8.56 53.01 41.97
C ASN B 215 -9.55 53.08 40.80
N VAL B 216 -9.54 52.03 39.99
CA VAL B 216 -10.45 51.90 38.85
C VAL B 216 -11.06 50.50 38.86
N PRO B 217 -12.23 50.36 39.48
CA PRO B 217 -12.88 49.04 39.53
C PRO B 217 -13.42 48.62 38.16
N SER B 218 -13.61 47.31 38.00
CA SER B 218 -14.17 46.74 36.77
C SER B 218 -15.56 47.28 36.49
N ALA B 219 -15.89 47.38 35.20
CA ALA B 219 -17.17 47.94 34.80
C ALA B 219 -18.34 47.12 35.32
N LEU B 220 -18.06 45.89 35.74
CA LEU B 220 -19.04 45.03 36.39
C LEU B 220 -19.64 45.68 37.64
N THR B 221 -18.89 46.59 38.24
CA THR B 221 -19.36 47.33 39.41
C THR B 221 -20.67 48.07 39.11
N LYS B 222 -20.84 48.47 37.86
CA LYS B 222 -22.08 49.11 37.43
C LYS B 222 -23.28 48.20 37.64
N ASN B 223 -23.11 46.91 37.39
CA ASN B 223 -24.20 45.93 37.53
C ASN B 223 -24.68 45.84 38.97
N PHE B 224 -23.73 45.69 39.89
CA PHE B 224 -24.03 45.53 41.30
C PHE B 224 -24.65 46.78 41.90
N LEU B 225 -24.12 47.94 41.54
CA LEU B 225 -24.64 49.20 42.05
C LEU B 225 -26.03 49.49 41.51
N SER B 226 -26.34 48.96 40.33
CA SER B 226 -27.64 49.15 39.73
C SER B 226 -28.69 48.36 40.50
N VAL B 227 -28.27 47.21 41.03
CA VAL B 227 -29.13 46.37 41.83
C VAL B 227 -29.24 46.94 43.24
N LEU B 228 -28.14 47.51 43.73
CA LEU B 228 -28.14 48.15 45.05
C LEU B 228 -29.11 49.33 45.10
N GLN B 229 -29.25 50.04 43.98
CA GLN B 229 -30.18 51.15 43.91
C GLN B 229 -31.63 50.68 43.81
N TYR B 230 -31.82 49.47 43.31
CA TYR B 230 -33.15 48.88 43.26
C TYR B 230 -33.57 48.29 44.61
N ASP B 231 -32.61 47.70 45.32
CA ASP B 231 -32.89 47.04 46.60
C ASP B 231 -33.06 48.03 47.75
N VAL B 232 -32.15 48.99 47.83
CA VAL B 232 -32.20 50.03 48.88
C VAL B 232 -32.15 51.41 48.24
N PRO B 233 -33.27 51.85 47.63
CA PRO B 233 -33.32 53.08 46.82
C PRO B 233 -32.98 54.35 47.63
N ASP B 234 -33.21 54.31 48.92
CA ASP B 234 -33.00 55.48 49.75
C ASP B 234 -31.58 55.59 50.28
N LEU B 235 -30.69 54.68 49.85
CA LEU B 235 -29.33 54.76 50.34
C LEU B 235 -28.56 55.63 49.36
N ILE B 236 -28.32 56.87 49.78
CA ILE B 236 -27.50 57.81 49.04
C ILE B 236 -26.02 57.67 49.39
N ASP B 237 -25.74 57.49 50.68
CA ASP B 237 -24.37 57.48 51.17
C ASP B 237 -23.99 56.20 51.92
N PHE B 238 -23.00 55.49 51.38
CA PHE B 238 -22.53 54.24 51.96
C PHE B 238 -21.02 54.14 51.79
N LYS B 239 -20.43 53.05 52.29
CA LYS B 239 -19.00 52.81 52.09
C LYS B 239 -18.82 51.70 51.08
N LEU B 240 -18.01 51.94 50.06
CA LEU B 240 -17.77 50.94 49.02
C LEU B 240 -16.37 50.35 49.12
N LEU B 241 -16.30 49.03 49.21
CA LEU B 241 -15.02 48.33 49.23
C LEU B 241 -14.83 47.62 47.90
N ILE B 242 -13.66 47.80 47.30
CA ILE B 242 -13.35 47.10 46.06
C ILE B 242 -12.22 46.11 46.36
N ILE B 243 -12.57 44.83 46.39
CA ILE B 243 -11.65 43.82 46.91
C ILE B 243 -10.85 43.12 45.83
N ARG B 244 -9.53 43.14 45.99
CA ARG B 244 -8.62 42.49 45.07
C ARG B 244 -7.69 41.58 45.85
N GLN B 245 -7.15 40.57 45.17
CA GLN B 245 -6.32 39.56 45.83
C GLN B 245 -4.84 39.93 45.88
N ASN B 246 -4.58 41.19 45.52
CA ASN B 246 -3.24 41.77 45.56
C ASN B 246 -3.31 43.01 46.45
N GLU B 247 -2.26 43.83 46.42
CA GLU B 247 -2.20 45.00 47.29
C GLU B 247 -3.07 46.15 46.77
N GLY B 248 -3.74 45.92 45.64
CA GLY B 248 -4.54 46.94 44.99
C GLY B 248 -5.92 47.22 45.56
N SER B 249 -6.27 46.58 46.67
CA SER B 249 -7.57 46.81 47.29
C SER B 249 -7.72 48.26 47.74
N PHE B 250 -8.95 48.77 47.73
CA PHE B 250 -9.21 50.13 48.18
C PHE B 250 -10.62 50.34 48.72
N ALA B 251 -10.76 51.33 49.60
CA ALA B 251 -12.05 51.63 50.23
C ALA B 251 -12.51 53.04 49.91
N LEU B 252 -13.80 53.23 49.73
CA LEU B 252 -14.33 54.52 49.30
C LEU B 252 -15.52 54.98 50.13
N ASN B 253 -15.57 56.29 50.39
CA ASN B 253 -16.79 56.90 50.90
C ASN B 253 -17.64 57.23 49.68
N ALA B 254 -18.79 56.58 49.57
CA ALA B 254 -19.56 56.61 48.33
C ALA B 254 -20.85 57.40 48.42
N THR B 255 -21.21 58.08 47.33
CA THR B 255 -22.48 58.78 47.25
C THR B 255 -23.08 58.62 45.86
N PHE B 256 -24.35 58.24 45.80
CA PHE B 256 -25.07 58.24 44.53
C PHE B 256 -25.52 59.66 44.22
N ALA B 257 -25.29 60.09 42.99
CA ALA B 257 -25.73 61.42 42.56
C ALA B 257 -26.42 61.35 41.21
N SER B 258 -27.12 62.41 40.85
CA SER B 258 -27.83 62.46 39.58
C SER B 258 -27.29 63.57 38.68
N ILE B 259 -27.46 63.41 37.38
CA ILE B 259 -27.11 64.44 36.40
C ILE B 259 -28.27 64.70 35.43
N PRO B 268 -36.98 52.92 35.22
CA PRO B 268 -36.14 54.03 34.76
C PRO B 268 -35.36 53.69 33.50
N ASP B 269 -34.35 54.50 33.19
CA ASP B 269 -33.55 54.34 31.98
C ASP B 269 -32.35 53.45 32.25
N MET B 270 -32.05 52.54 31.33
CA MET B 270 -30.93 51.62 31.50
C MET B 270 -29.90 51.73 30.36
N LYS B 271 -28.70 52.19 30.68
CA LYS B 271 -27.61 52.27 29.71
C LYS B 271 -26.88 50.94 29.65
N VAL B 272 -26.43 50.54 28.46
CA VAL B 272 -25.78 49.25 28.29
C VAL B 272 -24.52 49.34 27.42
N SER B 273 -23.44 48.69 27.87
CA SER B 273 -22.19 48.66 27.12
C SER B 273 -21.49 47.32 27.36
N GLY B 274 -20.22 47.23 26.94
CA GLY B 274 -19.43 46.04 27.20
C GLY B 274 -19.05 45.10 26.07
N TRP B 275 -19.29 45.48 24.82
CA TRP B 275 -18.67 44.79 23.70
C TRP B 275 -17.16 44.99 23.78
N GLU B 276 -16.41 43.90 23.72
CA GLU B 276 -14.96 44.01 23.85
C GLU B 276 -14.30 44.57 22.60
N ARG B 277 -13.39 45.52 22.80
CA ARG B 277 -12.66 46.12 21.69
C ARG B 277 -11.57 45.19 21.21
N ASN B 278 -11.24 45.27 19.93
CA ASN B 278 -10.24 44.38 19.34
C ASN B 278 -8.81 44.79 19.67
N VAL B 279 -7.85 44.14 19.03
CA VAL B 279 -6.43 44.42 19.23
C VAL B 279 -6.07 45.85 18.84
N GLN B 280 -6.89 46.46 17.99
CA GLN B 280 -6.68 47.84 17.55
C GLN B 280 -7.36 48.86 18.46
N GLY B 281 -8.19 48.37 19.38
CA GLY B 281 -8.91 49.25 20.29
C GLY B 281 -10.22 49.73 19.71
N LYS B 282 -10.72 49.00 18.72
CA LYS B 282 -11.93 49.37 18.00
C LYS B 282 -13.02 48.34 18.24
N LEU B 283 -14.28 48.70 18.03
CA LEU B 283 -15.32 47.73 18.30
C LEU B 283 -15.52 46.95 17.01
N ALA B 284 -14.93 45.76 17.00
CA ALA B 284 -14.96 44.84 15.86
C ALA B 284 -14.83 43.41 16.36
N PRO B 285 -15.31 42.44 15.58
CA PRO B 285 -15.10 41.04 15.95
C PRO B 285 -13.63 40.65 15.81
N ARG B 286 -13.19 39.67 16.58
CA ARG B 286 -11.92 39.01 16.31
C ARG B 286 -12.06 37.94 15.21
N VAL B 287 -10.97 37.61 14.53
CA VAL B 287 -11.00 36.53 13.53
C VAL B 287 -9.80 35.59 13.66
N VAL B 288 -10.08 34.29 13.71
CA VAL B 288 -9.03 33.28 13.83
C VAL B 288 -9.01 32.32 12.64
N ASP B 289 -7.86 32.23 11.97
CA ASP B 289 -7.70 31.37 10.80
C ASP B 289 -6.95 30.08 11.16
N LEU B 290 -7.69 28.98 11.19
CA LEU B 290 -7.12 27.66 11.50
C LEU B 290 -6.81 26.81 10.26
N SER B 291 -6.93 27.41 9.07
CA SER B 291 -6.79 26.71 7.80
C SER B 291 -5.51 25.87 7.64
N SER B 292 -4.43 26.25 8.31
CA SER B 292 -3.17 25.52 8.19
C SER B 292 -3.26 24.08 8.68
N LEU B 293 -4.28 23.78 9.49
CA LEU B 293 -4.52 22.43 9.95
C LEU B 293 -5.09 21.54 8.85
N LEU B 294 -5.58 22.17 7.78
CA LEU B 294 -6.17 21.45 6.66
C LEU B 294 -5.11 21.07 5.62
N ASP B 295 -3.85 21.31 5.95
CA ASP B 295 -2.75 21.00 5.03
C ASP B 295 -1.82 19.96 5.65
N PRO B 296 -2.28 18.69 5.69
CA PRO B 296 -1.46 17.62 6.25
C PRO B 296 -0.25 17.31 5.38
N LEU B 297 -0.35 17.61 4.09
CA LEU B 297 0.77 17.44 3.18
C LEU B 297 1.98 18.24 3.66
N LYS B 298 1.72 19.50 4.03
CA LYS B 298 2.76 20.37 4.55
C LYS B 298 3.22 19.89 5.91
N ILE B 299 2.28 19.40 6.70
CA ILE B 299 2.57 18.86 8.03
C ILE B 299 3.46 17.63 7.91
N ALA B 300 3.09 16.73 7.01
CA ALA B 300 3.88 15.53 6.73
C ALA B 300 5.28 15.88 6.28
N ASP B 301 5.38 16.77 5.29
CA ASP B 301 6.67 17.15 4.72
C ASP B 301 7.62 17.71 5.76
N GLN B 302 7.08 18.51 6.67
CA GLN B 302 7.90 19.10 7.71
C GLN B 302 8.27 18.07 8.76
N SER B 303 7.33 17.18 9.06
CA SER B 303 7.60 16.09 9.99
C SER B 303 8.76 15.23 9.50
N VAL B 304 8.66 14.78 8.25
CA VAL B 304 9.70 13.95 7.64
C VAL B 304 11.04 14.67 7.60
N ASP B 305 11.01 15.97 7.35
CA ASP B 305 12.23 16.75 7.25
C ASP B 305 12.94 16.87 8.59
N LEU B 306 12.20 17.23 9.64
CA LEU B 306 12.80 17.38 10.97
C LEU B 306 13.37 16.07 11.51
N ASN B 307 12.68 14.96 11.23
CA ASN B 307 13.18 13.63 11.56
C ASN B 307 14.55 13.35 10.93
N LEU B 308 14.73 13.78 9.68
CA LEU B 308 16.01 13.66 9.01
C LEU B 308 17.05 14.56 9.68
N LYS B 309 16.62 15.78 10.00
CA LYS B 309 17.51 16.77 10.60
C LYS B 309 18.04 16.31 11.96
N LEU B 310 17.26 15.47 12.64
CA LEU B 310 17.70 14.90 13.92
C LEU B 310 18.96 14.06 13.76
N MET B 311 19.14 13.46 12.60
CA MET B 311 20.33 12.67 12.32
C MET B 311 21.55 13.57 12.18
N LYS B 312 21.32 14.83 11.82
CA LYS B 312 22.41 15.78 11.66
C LYS B 312 22.78 16.47 12.97
N TRP B 313 21.85 17.26 13.50
CA TRP B 313 22.12 18.12 14.65
C TRP B 313 22.40 17.37 15.94
N ARG B 314 21.64 16.30 16.17
CA ARG B 314 21.77 15.52 17.39
C ARG B 314 22.99 14.58 17.36
N ILE B 315 23.25 13.97 16.22
CA ILE B 315 24.23 12.88 16.15
C ILE B 315 25.46 13.13 15.28
N LEU B 316 25.26 13.34 13.98
CA LEU B 316 26.37 13.55 13.05
C LEU B 316 26.27 14.91 12.38
N PRO B 317 26.86 15.94 13.01
CA PRO B 317 26.79 17.34 12.55
C PRO B 317 27.31 17.57 11.14
N ASP B 318 28.30 16.79 10.70
CA ASP B 318 28.91 17.03 9.39
C ASP B 318 28.12 16.41 8.25
N LEU B 319 27.05 15.70 8.58
CA LEU B 319 26.24 15.01 7.58
C LEU B 319 25.54 15.95 6.61
N ASN B 320 25.69 15.71 5.32
CA ASN B 320 25.02 16.52 4.31
C ASN B 320 23.72 15.88 3.87
N LEU B 321 22.59 16.48 4.29
CA LEU B 321 21.29 15.99 3.88
C LEU B 321 20.85 16.55 2.53
N ASP B 322 21.44 17.69 2.16
CA ASP B 322 21.00 18.43 0.98
C ASP B 322 21.46 17.81 -0.32
N ILE B 323 22.66 17.23 -0.31
CA ILE B 323 23.20 16.58 -1.50
C ILE B 323 22.40 15.31 -1.79
N ILE B 324 21.84 14.71 -0.74
CA ILE B 324 21.01 13.51 -0.88
C ILE B 324 19.63 13.90 -1.41
N LYS B 325 19.06 14.95 -0.83
CA LYS B 325 17.75 15.44 -1.26
C LYS B 325 17.74 15.87 -2.73
N ASN B 326 18.86 16.45 -3.18
CA ASN B 326 18.97 16.94 -4.55
C ASN B 326 19.31 15.87 -5.58
N THR B 327 19.75 14.71 -5.11
CA THR B 327 20.17 13.62 -5.98
C THR B 327 19.01 13.07 -6.81
N LYS B 328 19.22 12.99 -8.11
CA LYS B 328 18.28 12.37 -9.03
C LYS B 328 18.69 10.90 -9.25
N VAL B 329 17.82 9.99 -8.84
CA VAL B 329 18.16 8.57 -8.79
C VAL B 329 17.42 7.74 -9.83
N LEU B 330 18.17 7.05 -10.68
CA LEU B 330 17.58 6.15 -11.66
C LEU B 330 17.59 4.72 -11.16
N LEU B 331 16.41 4.10 -11.09
CA LEU B 331 16.32 2.70 -10.68
C LEU B 331 16.04 1.80 -11.87
N LEU B 332 17.02 0.95 -12.21
CA LEU B 332 16.81 0.01 -13.30
C LEU B 332 16.26 -1.29 -12.74
N GLY B 333 14.99 -1.54 -13.06
CA GLY B 333 14.22 -2.68 -12.58
C GLY B 333 13.28 -2.31 -11.44
N ALA B 334 12.08 -2.87 -11.50
CA ALA B 334 11.03 -2.69 -10.49
C ALA B 334 10.88 -3.86 -9.53
N GLY B 335 11.81 -4.80 -9.57
CA GLY B 335 11.64 -6.05 -8.83
C GLY B 335 11.81 -5.88 -7.34
N THR B 336 12.08 -6.98 -6.64
CA THR B 336 12.24 -6.94 -5.20
C THR B 336 13.28 -5.90 -4.78
N LEU B 337 14.40 -5.86 -5.50
CA LEU B 337 15.45 -4.89 -5.24
C LEU B 337 14.96 -3.46 -5.42
N GLY B 338 14.32 -3.20 -6.56
CA GLY B 338 13.79 -1.89 -6.86
C GLY B 338 12.79 -1.37 -5.84
N CYS B 339 12.01 -2.28 -5.27
CA CYS B 339 10.98 -1.90 -4.31
C CYS B 339 11.56 -1.54 -2.95
N TYR B 340 12.54 -2.31 -2.49
CA TYR B 340 13.13 -2.07 -1.19
C TYR B 340 14.12 -0.91 -1.23
N VAL B 341 14.86 -0.79 -2.33
CA VAL B 341 15.82 0.31 -2.49
C VAL B 341 15.08 1.64 -2.47
N SER B 342 14.01 1.73 -3.25
CA SER B 342 13.23 2.97 -3.34
C SER B 342 12.69 3.39 -1.99
N ARG B 343 12.17 2.43 -1.22
CA ARG B 343 11.63 2.72 0.10
C ARG B 343 12.71 3.27 1.03
N ALA B 344 13.90 2.68 0.97
CA ALA B 344 15.01 3.13 1.80
C ALA B 344 15.59 4.45 1.29
N LEU B 345 15.33 4.76 0.03
CA LEU B 345 15.76 6.02 -0.55
C LEU B 345 14.91 7.18 -0.06
N ILE B 346 13.58 7.00 -0.11
CA ILE B 346 12.68 8.06 0.29
C ILE B 346 12.80 8.33 1.78
N ALA B 347 13.25 7.31 2.51
CA ALA B 347 13.49 7.44 3.94
C ALA B 347 14.70 8.33 4.21
N TRP B 348 15.63 8.35 3.27
CA TRP B 348 16.83 9.18 3.39
C TRP B 348 16.59 10.59 2.85
N GLY B 349 15.40 10.85 2.33
CA GLY B 349 15.05 12.17 1.85
C GLY B 349 15.27 12.39 0.37
N VAL B 350 15.51 11.31 -0.37
CA VAL B 350 15.65 11.42 -1.82
C VAL B 350 14.26 11.62 -2.43
N ARG B 351 14.07 12.74 -3.11
CA ARG B 351 12.74 13.06 -3.65
C ARG B 351 12.50 12.73 -5.13
N LYS B 352 13.55 12.42 -5.87
CA LYS B 352 13.40 12.15 -7.31
C LYS B 352 13.84 10.76 -7.73
N ILE B 353 12.87 9.94 -8.15
CA ILE B 353 13.15 8.55 -8.50
C ILE B 353 12.45 8.10 -9.78
N THR B 354 13.24 7.60 -10.72
CA THR B 354 12.71 7.06 -11.97
C THR B 354 12.89 5.55 -12.01
N PHE B 355 11.77 4.83 -12.13
CA PHE B 355 11.80 3.38 -12.25
C PHE B 355 11.88 2.98 -13.72
N VAL B 356 12.71 1.99 -14.03
CA VAL B 356 12.73 1.46 -15.38
C VAL B 356 12.54 -0.05 -15.35
N ASP B 357 11.39 -0.51 -15.84
CA ASP B 357 11.10 -1.94 -15.87
C ASP B 357 10.11 -2.23 -16.97
N ASN B 358 10.22 -3.40 -17.60
CA ASN B 358 9.34 -3.76 -18.70
C ASN B 358 8.16 -4.63 -18.28
N GLY B 359 8.13 -4.99 -17.00
CA GLY B 359 7.19 -5.97 -16.52
C GLY B 359 5.77 -5.49 -16.27
N THR B 360 4.92 -6.45 -15.94
CA THR B 360 3.55 -6.21 -15.52
C THR B 360 3.36 -6.94 -14.20
N VAL B 361 2.53 -6.40 -13.30
CA VAL B 361 2.39 -6.97 -11.97
C VAL B 361 1.69 -8.33 -12.01
N SER B 362 2.37 -9.35 -11.49
CA SER B 362 1.82 -10.68 -11.31
C SER B 362 0.93 -10.75 -10.07
N TYR B 363 0.04 -11.73 -10.03
CA TYR B 363 -0.73 -11.98 -8.81
C TYR B 363 0.20 -12.39 -7.66
N SER B 364 1.26 -13.12 -7.98
CA SER B 364 2.21 -13.56 -6.98
C SER B 364 3.28 -12.51 -6.62
N ASN B 365 3.47 -11.54 -7.51
CA ASN B 365 4.46 -10.47 -7.28
C ASN B 365 4.42 -9.70 -5.94
N PRO B 366 3.23 -9.22 -5.52
CA PRO B 366 3.13 -8.38 -4.32
C PRO B 366 3.81 -8.94 -3.07
N VAL B 367 3.90 -10.27 -2.96
CA VAL B 367 4.44 -10.85 -1.73
C VAL B 367 5.96 -10.69 -1.62
N ARG B 368 6.68 -10.74 -2.74
CA ARG B 368 8.10 -10.43 -2.69
C ARG B 368 8.41 -8.98 -3.04
N GLN B 369 7.44 -8.27 -3.62
CA GLN B 369 7.75 -6.97 -4.20
C GLN B 369 6.92 -5.86 -3.55
N ALA B 370 7.62 -5.03 -2.78
CA ALA B 370 7.01 -4.21 -1.73
C ALA B 370 6.17 -3.01 -2.16
N LEU B 371 6.13 -2.72 -3.45
CA LEU B 371 5.34 -1.58 -3.89
C LEU B 371 3.96 -1.95 -4.41
N TYR B 372 3.65 -3.24 -4.44
CA TYR B 372 2.46 -3.72 -5.15
C TYR B 372 1.48 -4.48 -4.28
N ASN B 373 0.19 -4.32 -4.56
CA ASN B 373 -0.85 -5.11 -3.91
C ASN B 373 -1.41 -6.18 -4.85
N PHE B 374 -2.30 -7.01 -4.31
CA PHE B 374 -2.95 -8.05 -5.09
C PHE B 374 -3.86 -7.46 -6.15
N GLU B 375 -4.46 -6.31 -5.84
CA GLU B 375 -5.40 -5.64 -6.73
C GLU B 375 -4.69 -4.93 -7.88
N ASP B 376 -3.37 -4.88 -7.79
CA ASP B 376 -2.56 -4.13 -8.75
C ASP B 376 -2.07 -5.00 -9.90
N ALA B 377 -2.41 -6.28 -9.86
CA ALA B 377 -1.99 -7.21 -10.91
C ALA B 377 -2.58 -6.81 -12.25
N GLY B 378 -1.76 -6.88 -13.30
CA GLY B 378 -2.20 -6.52 -14.63
C GLY B 378 -1.73 -5.13 -15.05
N LYS B 379 -1.24 -4.35 -14.10
CA LYS B 379 -0.76 -3.00 -14.36
C LYS B 379 0.71 -3.01 -14.73
N PRO B 380 1.16 -2.00 -15.51
CA PRO B 380 2.58 -1.83 -15.82
C PRO B 380 3.39 -1.55 -14.56
N LYS B 381 4.48 -2.29 -14.36
CA LYS B 381 5.26 -2.19 -13.11
C LYS B 381 5.89 -0.82 -12.87
N ALA B 382 6.58 -0.31 -13.88
CA ALA B 382 7.37 0.91 -13.75
C ALA B 382 6.54 2.12 -13.32
N GLU B 383 5.41 2.32 -13.98
CA GLU B 383 4.52 3.43 -13.65
C GLU B 383 3.93 3.26 -12.25
N LEU B 384 3.41 2.06 -11.99
CA LEU B 384 2.74 1.75 -10.73
C LEU B 384 3.68 1.89 -9.53
N ALA B 385 4.93 1.49 -9.72
CA ALA B 385 5.93 1.63 -8.67
C ALA B 385 6.06 3.09 -8.28
N ALA B 386 6.21 3.94 -9.30
CA ALA B 386 6.27 5.38 -9.09
C ALA B 386 4.98 5.86 -8.45
N ALA B 387 3.85 5.39 -8.97
CA ALA B 387 2.54 5.74 -8.43
C ALA B 387 2.42 5.35 -6.97
N SER B 388 3.03 4.23 -6.60
CA SER B 388 3.01 3.76 -5.22
C SER B 388 3.83 4.65 -4.29
N LEU B 389 4.95 5.17 -4.79
CA LEU B 389 5.76 6.09 -3.99
C LEU B 389 4.97 7.33 -3.59
N LYS B 390 4.16 7.85 -4.50
CA LYS B 390 3.32 9.00 -4.21
C LYS B 390 2.19 8.63 -3.26
N ARG B 391 1.89 7.34 -3.16
CA ARG B 391 0.85 6.91 -2.23
C ARG B 391 1.39 6.87 -0.82
N ILE B 392 2.69 6.57 -0.70
CA ILE B 392 3.39 6.66 0.57
C ILE B 392 3.62 8.12 0.97
N PHE B 393 4.26 8.87 0.09
CA PHE B 393 4.59 10.27 0.32
C PHE B 393 4.30 11.16 -0.91
N PRO B 394 3.11 11.75 -0.98
CA PRO B 394 2.57 12.45 -2.16
C PRO B 394 3.49 13.49 -2.80
N LEU B 395 4.44 14.04 -2.06
CA LEU B 395 5.31 15.09 -2.60
C LEU B 395 6.47 14.52 -3.42
N MET B 396 6.54 13.20 -3.49
CA MET B 396 7.60 12.51 -4.22
C MET B 396 7.52 12.82 -5.70
N ASP B 397 8.65 13.16 -6.31
CA ASP B 397 8.68 13.28 -7.76
C ASP B 397 9.15 11.94 -8.30
N ALA B 398 8.23 11.17 -8.86
CA ALA B 398 8.52 9.80 -9.25
C ALA B 398 7.84 9.44 -10.54
N THR B 399 8.62 8.94 -11.50
CA THR B 399 8.06 8.48 -12.76
C THR B 399 8.61 7.10 -13.06
N GLY B 400 8.03 6.47 -14.06
CA GLY B 400 8.53 5.18 -14.48
C GLY B 400 8.31 5.01 -15.97
N VAL B 401 9.15 4.19 -16.57
CA VAL B 401 9.21 4.08 -18.01
C VAL B 401 9.22 2.61 -18.36
N LYS B 402 8.30 2.20 -19.22
CA LYS B 402 8.29 0.82 -19.69
C LYS B 402 9.37 0.73 -20.76
N LEU B 403 10.38 -0.10 -20.49
CA LEU B 403 11.56 -0.16 -21.32
C LEU B 403 12.17 -1.53 -21.25
N SER B 404 12.71 -2.01 -22.37
CA SER B 404 13.40 -3.30 -22.36
C SER B 404 14.89 -3.07 -22.26
N ILE B 405 15.56 -3.90 -21.47
CA ILE B 405 17.01 -3.89 -21.44
C ILE B 405 17.53 -5.20 -22.04
N PRO B 406 18.11 -5.12 -23.24
CA PRO B 406 18.56 -6.27 -24.04
C PRO B 406 19.66 -7.07 -23.36
N MET B 407 19.48 -8.39 -23.33
CA MET B 407 20.45 -9.29 -22.69
C MET B 407 21.58 -9.65 -23.64
N ILE B 408 22.80 -9.57 -23.13
CA ILE B 408 23.97 -9.92 -23.93
C ILE B 408 24.03 -11.44 -24.09
N GLY B 409 24.37 -11.90 -25.29
CA GLY B 409 24.39 -13.31 -25.60
C GLY B 409 23.05 -13.81 -26.10
N HIS B 410 22.28 -12.93 -26.70
CA HIS B 410 20.96 -13.27 -27.21
C HIS B 410 20.70 -12.51 -28.51
N LYS B 411 19.91 -13.10 -29.39
CA LYS B 411 19.52 -12.42 -30.62
C LYS B 411 18.45 -11.40 -30.28
N LEU B 412 18.35 -10.34 -31.10
CA LEU B 412 17.36 -9.29 -30.88
C LEU B 412 16.00 -9.67 -31.47
N VAL B 413 14.96 -9.64 -30.64
CA VAL B 413 13.62 -9.97 -31.10
C VAL B 413 13.05 -8.88 -31.99
N ASN B 414 13.18 -7.63 -31.57
CA ASN B 414 12.76 -6.50 -32.37
C ASN B 414 13.91 -5.50 -32.46
N GLU B 415 14.51 -5.37 -33.65
CA GLU B 415 15.68 -4.54 -33.82
C GLU B 415 15.29 -3.08 -33.72
N GLU B 416 14.21 -2.72 -34.40
CA GLU B 416 13.72 -1.35 -34.45
C GLU B 416 13.35 -0.83 -33.04
N ALA B 417 12.55 -1.61 -32.32
CA ALA B 417 12.06 -1.19 -31.02
C ALA B 417 13.17 -1.14 -29.98
N GLN B 418 14.05 -2.14 -30.00
CA GLN B 418 15.15 -2.20 -29.03
C GLN B 418 16.20 -1.13 -29.31
N HIS B 419 16.18 -0.61 -30.52
CA HIS B 419 17.04 0.50 -30.89
C HIS B 419 16.53 1.75 -30.17
N LYS B 420 15.22 1.99 -30.28
CA LYS B 420 14.59 3.12 -29.61
C LYS B 420 14.84 3.05 -28.10
N ASP B 421 14.55 1.89 -27.52
CA ASP B 421 14.79 1.65 -26.09
C ASP B 421 16.24 1.91 -25.68
N PHE B 422 17.18 1.61 -26.57
CA PHE B 422 18.59 1.86 -26.32
C PHE B 422 18.84 3.35 -26.20
N ASP B 423 18.24 4.12 -27.10
CA ASP B 423 18.38 5.57 -27.08
C ASP B 423 17.72 6.19 -25.85
N ARG B 424 16.54 5.70 -25.49
CA ARG B 424 15.83 6.21 -24.32
C ARG B 424 16.58 5.89 -23.04
N LEU B 425 17.22 4.72 -23.00
CA LEU B 425 17.97 4.31 -21.82
C LEU B 425 19.16 5.23 -21.59
N ARG B 426 19.85 5.59 -22.67
CA ARG B 426 21.02 6.43 -22.58
C ARG B 426 20.62 7.84 -22.15
N ALA B 427 19.51 8.33 -22.71
CA ALA B 427 18.97 9.64 -22.35
C ALA B 427 18.66 9.69 -20.86
N LEU B 428 17.99 8.65 -20.36
CA LEU B 428 17.68 8.55 -18.94
C LEU B 428 18.94 8.53 -18.07
N ILE B 429 19.99 7.85 -18.55
CA ILE B 429 21.24 7.79 -17.81
C ILE B 429 21.91 9.16 -17.74
N LYS B 430 21.77 9.93 -18.81
CA LYS B 430 22.26 11.30 -18.85
C LYS B 430 21.49 12.19 -17.87
N GLU B 431 20.21 11.90 -17.69
CA GLU B 431 19.32 12.73 -16.89
C GLU B 431 19.49 12.56 -15.38
N HIS B 432 20.09 11.46 -14.95
CA HIS B 432 20.11 11.14 -13.52
C HIS B 432 21.53 11.15 -12.95
N ASP B 433 21.63 11.41 -11.65
CA ASP B 433 22.92 11.48 -10.96
C ASP B 433 23.46 10.12 -10.57
N ILE B 434 22.58 9.27 -10.03
CA ILE B 434 22.98 7.96 -9.54
C ILE B 434 22.17 6.86 -10.22
N ILE B 435 22.87 5.82 -10.68
CA ILE B 435 22.21 4.69 -11.32
C ILE B 435 22.29 3.42 -10.47
N PHE B 436 21.17 2.75 -10.27
CA PHE B 436 21.15 1.45 -9.61
C PHE B 436 20.87 0.36 -10.63
N LEU B 437 21.74 -0.63 -10.75
CA LEU B 437 21.39 -1.78 -11.59
C LEU B 437 20.80 -2.83 -10.69
N LEU B 438 19.47 -2.93 -10.76
CA LEU B 438 18.68 -3.87 -9.98
C LEU B 438 18.21 -5.06 -10.81
N VAL B 439 18.73 -5.17 -12.02
CA VAL B 439 18.23 -6.11 -13.03
C VAL B 439 18.38 -7.60 -12.66
N ASP B 440 17.64 -8.44 -13.37
CA ASP B 440 17.49 -9.86 -13.08
C ASP B 440 18.76 -10.71 -13.19
N SER B 441 19.60 -10.44 -14.18
CA SER B 441 20.81 -11.23 -14.36
C SER B 441 22.02 -10.47 -14.87
N ARG B 442 23.14 -11.18 -14.92
CA ARG B 442 24.40 -10.66 -15.42
C ARG B 442 24.22 -10.19 -16.86
N GLU B 443 23.46 -10.96 -17.62
CA GLU B 443 23.23 -10.68 -19.03
C GLU B 443 22.55 -9.34 -19.25
N SER B 444 21.80 -8.87 -18.26
CA SER B 444 21.10 -7.60 -18.37
C SER B 444 21.95 -6.44 -17.86
N ARG B 445 23.06 -6.76 -17.20
CA ARG B 445 23.92 -5.73 -16.59
C ARG B 445 24.88 -5.07 -17.57
N TRP B 446 25.28 -5.80 -18.61
CA TRP B 446 26.33 -5.31 -19.50
C TRP B 446 26.02 -3.95 -20.14
N LEU B 447 24.87 -3.84 -20.79
CA LEU B 447 24.52 -2.62 -21.51
C LEU B 447 24.44 -1.36 -20.62
N PRO B 448 23.72 -1.43 -19.48
CA PRO B 448 23.69 -0.22 -18.65
C PRO B 448 25.04 0.10 -18.02
N SER B 449 25.86 -0.92 -17.76
CA SER B 449 27.20 -0.70 -17.22
C SER B 449 28.05 0.08 -18.21
N LEU B 450 27.92 -0.27 -19.48
CA LEU B 450 28.66 0.39 -20.53
C LEU B 450 28.22 1.84 -20.67
N LEU B 451 26.91 2.04 -20.84
CA LEU B 451 26.35 3.37 -21.03
C LEU B 451 26.70 4.32 -19.87
N SER B 452 26.55 3.82 -18.65
CA SER B 452 26.86 4.60 -17.46
C SER B 452 28.35 4.92 -17.40
N ASN B 453 29.16 4.00 -17.91
CA ASN B 453 30.61 4.21 -17.99
C ASN B 453 30.96 5.31 -18.99
N ILE B 454 30.27 5.31 -20.13
CA ILE B 454 30.47 6.34 -21.15
C ILE B 454 30.02 7.70 -20.64
N GLU B 455 28.87 7.73 -19.96
CA GLU B 455 28.30 8.98 -19.46
C GLU B 455 28.93 9.33 -18.11
N ASN B 456 29.82 8.46 -17.65
CA ASN B 456 30.54 8.64 -16.39
C ASN B 456 29.63 8.98 -15.23
N LYS B 457 28.77 8.04 -14.88
CA LYS B 457 27.84 8.21 -13.78
C LYS B 457 28.15 7.21 -12.68
N THR B 458 27.90 7.61 -11.43
CA THR B 458 28.09 6.73 -10.29
C THR B 458 27.07 5.60 -10.31
N VAL B 459 27.54 4.37 -10.17
CA VAL B 459 26.66 3.20 -10.25
C VAL B 459 26.73 2.30 -9.02
N ILE B 460 25.58 1.85 -8.55
CA ILE B 460 25.54 0.82 -7.51
C ILE B 460 24.95 -0.47 -8.08
N ASN B 461 25.67 -1.58 -7.91
CA ASN B 461 25.18 -2.87 -8.35
C ASN B 461 24.69 -3.72 -7.20
N ALA B 462 23.52 -4.33 -7.35
CA ALA B 462 23.05 -5.28 -6.34
C ALA B 462 22.57 -6.58 -7.00
N ALA B 463 23.26 -7.68 -6.71
CA ALA B 463 22.93 -8.97 -7.29
C ALA B 463 22.60 -9.99 -6.22
N LEU B 464 21.61 -10.84 -6.47
CA LEU B 464 21.16 -11.81 -5.48
C LEU B 464 21.54 -13.25 -5.83
N GLY B 465 22.15 -13.94 -4.88
CA GLY B 465 22.31 -15.38 -4.95
C GLY B 465 21.22 -15.99 -4.08
N PHE B 466 21.22 -17.32 -3.96
CA PHE B 466 20.23 -17.97 -3.12
C PHE B 466 20.37 -17.57 -1.64
N ASP B 467 21.52 -17.85 -1.05
CA ASP B 467 21.82 -17.37 0.30
C ASP B 467 22.75 -16.16 0.37
N SER B 468 23.15 -15.62 -0.78
CA SER B 468 24.17 -14.58 -0.82
C SER B 468 23.76 -13.37 -1.66
N TYR B 469 24.46 -12.25 -1.46
CA TYR B 469 24.22 -11.06 -2.26
C TYR B 469 25.51 -10.32 -2.51
N LEU B 470 25.53 -9.53 -3.58
CA LEU B 470 26.68 -8.71 -3.91
C LEU B 470 26.22 -7.28 -4.12
N VAL B 471 26.85 -6.36 -3.39
CA VAL B 471 26.62 -4.93 -3.57
C VAL B 471 27.94 -4.26 -3.88
N MET B 472 28.03 -3.54 -5.00
CA MET B 472 29.26 -2.88 -5.38
C MET B 472 29.02 -1.57 -6.14
N ARG B 473 30.07 -0.75 -6.24
CA ARG B 473 29.98 0.56 -6.88
C ARG B 473 31.00 0.79 -8.01
N HIS B 474 30.52 1.25 -9.16
CA HIS B 474 31.41 1.68 -10.25
C HIS B 474 31.97 3.06 -9.91
N GLY B 475 33.25 3.26 -10.18
CA GLY B 475 33.93 4.50 -9.83
C GLY B 475 33.53 5.70 -10.66
N ASN B 476 34.29 6.79 -10.50
CA ASN B 476 34.03 8.02 -11.24
C ASN B 476 35.17 8.33 -12.22
N LYS B 483 44.64 5.50 -10.20
CA LYS B 483 44.10 4.18 -9.87
C LYS B 483 42.57 4.15 -9.83
N GLN B 484 41.98 3.17 -10.51
CA GLN B 484 40.53 3.08 -10.68
C GLN B 484 39.94 1.83 -10.03
N LEU B 485 38.65 1.90 -9.68
CA LEU B 485 37.97 0.79 -9.04
C LEU B 485 37.50 -0.32 -9.99
N GLY B 486 36.97 0.05 -11.14
CA GLY B 486 36.54 -0.95 -12.09
C GLY B 486 35.18 -1.55 -11.77
N CYS B 487 34.52 -2.06 -12.81
CA CYS B 487 33.10 -2.36 -12.76
C CYS B 487 32.76 -3.80 -12.36
N TYR B 488 31.48 -4.13 -12.52
CA TYR B 488 30.94 -5.44 -12.22
C TYR B 488 31.59 -6.54 -13.05
N PHE B 489 31.94 -6.22 -14.29
CA PHE B 489 32.44 -7.21 -15.23
C PHE B 489 33.95 -7.39 -15.21
N CYS B 490 34.63 -6.56 -14.43
CA CYS B 490 36.10 -6.59 -14.35
C CYS B 490 36.66 -7.98 -14.07
N HIS B 491 36.18 -8.63 -13.02
CA HIS B 491 36.65 -9.99 -12.75
C HIS B 491 35.51 -10.98 -12.48
N ARG B 503 27.59 -18.94 -6.81
CA ARG B 503 27.48 -19.70 -8.05
C ARG B 503 26.06 -19.65 -8.61
N THR B 504 25.08 -19.46 -7.73
CA THR B 504 23.70 -19.24 -8.14
C THR B 504 23.41 -17.74 -8.23
N LEU B 505 24.44 -16.94 -8.01
CA LEU B 505 24.34 -15.49 -7.98
C LEU B 505 23.96 -14.89 -9.34
N ASP B 506 22.91 -14.06 -9.35
CA ASP B 506 22.53 -13.27 -10.52
C ASP B 506 22.16 -14.13 -11.74
N GLN B 507 21.55 -15.29 -11.50
CA GLN B 507 21.36 -16.28 -12.56
C GLN B 507 20.06 -16.22 -13.39
N MET B 508 19.08 -15.46 -12.91
CA MET B 508 17.81 -15.24 -13.61
C MET B 508 16.83 -16.44 -13.57
N CYS B 509 17.34 -17.63 -13.28
CA CYS B 509 16.48 -18.77 -12.96
C CYS B 509 16.43 -18.93 -11.45
N THR B 510 17.17 -18.06 -10.77
CA THR B 510 17.45 -18.24 -9.35
C THR B 510 16.34 -17.73 -8.43
N VAL B 511 15.84 -18.62 -7.58
CA VAL B 511 14.88 -18.25 -6.55
C VAL B 511 15.61 -18.08 -5.23
N THR B 512 15.47 -16.90 -4.63
CA THR B 512 16.33 -16.47 -3.55
C THR B 512 15.59 -16.43 -2.21
N ARG B 513 16.32 -16.71 -1.13
CA ARG B 513 15.78 -16.57 0.23
C ARG B 513 15.38 -15.12 0.48
N PRO B 514 14.16 -14.91 1.00
CA PRO B 514 13.53 -13.59 1.13
C PRO B 514 14.41 -12.55 1.82
N GLY B 515 15.21 -12.98 2.79
CA GLY B 515 16.04 -12.06 3.54
C GLY B 515 17.12 -11.39 2.73
N VAL B 516 17.60 -12.08 1.71
CA VAL B 516 18.71 -11.60 0.87
C VAL B 516 18.45 -10.23 0.25
N ALA B 517 17.27 -10.04 -0.30
CA ALA B 517 16.94 -8.82 -1.02
C ALA B 517 16.85 -7.60 -0.10
N MET B 518 16.23 -7.78 1.06
CA MET B 518 16.18 -6.74 2.08
C MET B 518 17.59 -6.32 2.48
N MET B 519 18.43 -7.30 2.78
CA MET B 519 19.81 -7.06 3.16
C MET B 519 20.56 -6.30 2.07
N ALA B 520 20.44 -6.76 0.83
CA ALA B 520 21.13 -6.15 -0.29
C ALA B 520 20.67 -4.71 -0.51
N SER B 521 19.36 -4.51 -0.48
CA SER B 521 18.78 -3.19 -0.72
C SER B 521 19.22 -2.16 0.32
N SER B 522 19.16 -2.53 1.59
CA SER B 522 19.55 -1.59 2.63
C SER B 522 21.03 -1.20 2.51
N LEU B 523 21.90 -2.17 2.24
CA LEU B 523 23.32 -1.89 2.07
C LEU B 523 23.59 -1.09 0.79
N ALA B 524 22.73 -1.25 -0.20
CA ALA B 524 22.87 -0.53 -1.46
C ALA B 524 22.68 0.97 -1.23
N VAL B 525 21.68 1.30 -0.42
CA VAL B 525 21.35 2.69 -0.16
C VAL B 525 22.31 3.30 0.85
N GLU B 526 22.68 2.52 1.86
CA GLU B 526 23.61 2.99 2.86
C GLU B 526 24.97 3.29 2.24
N LEU B 527 25.33 2.50 1.24
CA LEU B 527 26.56 2.73 0.50
C LEU B 527 26.43 4.03 -0.31
N MET B 528 25.22 4.32 -0.79
CA MET B 528 25.01 5.49 -1.62
C MET B 528 25.13 6.79 -0.84
N THR B 529 24.39 6.89 0.27
CA THR B 529 24.39 8.11 1.07
C THR B 529 25.76 8.37 1.67
N SER B 530 26.50 7.31 2.01
CA SER B 530 27.87 7.44 2.46
C SER B 530 28.73 8.08 1.37
N LEU B 531 28.50 7.63 0.14
CA LEU B 531 29.30 8.04 -1.01
C LEU B 531 29.16 9.52 -1.34
N LEU B 532 28.03 10.11 -0.96
CA LEU B 532 27.74 11.52 -1.28
C LEU B 532 28.42 12.46 -0.27
N GLN B 533 29.13 11.89 0.68
CA GLN B 533 29.78 12.66 1.72
C GLN B 533 31.26 12.83 1.41
N THR B 534 31.80 13.97 1.81
CA THR B 534 33.23 14.25 1.63
C THR B 534 34.08 13.19 2.34
N LYS B 535 35.06 12.63 1.64
CA LYS B 535 35.88 11.59 2.23
C LYS B 535 37.07 12.16 3.02
N GLU B 540 40.07 6.65 3.08
CA GLU B 540 38.86 6.81 2.28
C GLU B 540 37.63 6.42 3.09
N THR B 541 37.25 7.28 4.02
CA THR B 541 36.04 7.09 4.82
C THR B 541 35.26 8.40 4.91
N THR B 542 33.98 8.31 5.24
CA THR B 542 33.14 9.49 5.33
C THR B 542 32.59 9.65 6.74
N VAL B 543 31.76 10.66 6.92
CA VAL B 543 31.11 10.92 8.20
C VAL B 543 30.20 9.75 8.58
N LEU B 544 29.74 9.00 7.58
CA LEU B 544 28.87 7.85 7.79
C LEU B 544 29.63 6.53 7.90
N GLY B 545 30.96 6.57 7.88
CA GLY B 545 31.74 5.36 7.92
C GLY B 545 32.35 4.94 6.59
N ASP B 546 32.82 3.70 6.53
CA ASP B 546 33.56 3.20 5.38
C ASP B 546 32.77 3.15 4.07
N ILE B 547 33.49 3.27 2.96
CA ILE B 547 32.89 3.21 1.63
C ILE B 547 33.58 2.18 0.72
N PRO B 548 33.39 0.88 1.02
CA PRO B 548 34.10 -0.19 0.30
C PRO B 548 33.72 -0.26 -1.18
N HIS B 549 34.51 -0.99 -1.96
CA HIS B 549 34.19 -1.20 -3.36
C HIS B 549 33.12 -2.27 -3.53
N GLN B 550 33.28 -3.39 -2.83
CA GLN B 550 32.35 -4.51 -2.93
C GLN B 550 31.94 -5.02 -1.56
N ILE B 551 30.66 -5.31 -1.40
CA ILE B 551 30.17 -5.94 -0.18
C ILE B 551 29.47 -7.25 -0.52
N ARG B 552 30.03 -8.36 -0.03
CA ARG B 552 29.38 -9.66 -0.19
C ARG B 552 28.91 -10.18 1.16
N GLY B 553 27.60 -10.28 1.34
CA GLY B 553 27.06 -10.95 2.51
C GLY B 553 26.60 -12.38 2.23
N PHE B 554 26.54 -13.18 3.29
CA PHE B 554 26.09 -14.56 3.21
C PHE B 554 25.16 -14.85 4.38
N LEU B 555 24.08 -15.55 4.13
CA LEU B 555 23.13 -15.89 5.18
C LEU B 555 23.55 -17.07 6.06
N HIS B 556 24.17 -18.08 5.45
CA HIS B 556 24.42 -19.34 6.15
C HIS B 556 25.32 -19.20 7.38
N ASN B 557 26.44 -18.48 7.25
CA ASN B 557 27.23 -18.15 8.43
C ASN B 557 26.97 -16.76 8.99
N PHE B 558 26.00 -16.05 8.41
CA PHE B 558 25.66 -14.68 8.81
C PHE B 558 26.88 -13.77 8.79
N SER B 559 27.58 -13.76 7.66
CA SER B 559 28.83 -13.02 7.54
C SER B 559 28.81 -12.00 6.43
N ILE B 560 29.75 -11.07 6.47
CA ILE B 560 29.90 -10.05 5.45
C ILE B 560 31.37 -9.86 5.12
N LEU B 561 31.70 -9.93 3.84
CA LEU B 561 33.06 -9.65 3.40
C LEU B 561 33.12 -8.35 2.61
N LYS B 562 34.24 -7.64 2.74
CA LYS B 562 34.47 -6.41 1.98
C LYS B 562 35.75 -6.55 1.17
N LEU B 563 35.62 -6.54 -0.15
CA LEU B 563 36.79 -6.67 -1.01
C LEU B 563 36.88 -5.56 -2.05
N GLU B 564 38.12 -5.24 -2.43
CA GLU B 564 38.36 -4.27 -3.48
C GLU B 564 38.80 -5.03 -4.73
N THR B 565 39.09 -4.30 -5.79
CA THR B 565 39.50 -4.87 -7.06
C THR B 565 39.83 -3.71 -7.97
N PRO B 566 40.95 -3.80 -8.70
CA PRO B 566 41.35 -2.77 -9.66
C PRO B 566 40.58 -2.90 -10.98
N ALA B 567 40.51 -1.81 -11.73
CA ALA B 567 39.90 -1.85 -13.06
C ALA B 567 40.72 -2.79 -13.95
N TYR B 568 40.07 -3.79 -14.52
CA TYR B 568 40.76 -4.76 -15.36
C TYR B 568 40.97 -4.22 -16.76
N GLU B 569 42.10 -4.59 -17.36
CA GLU B 569 42.50 -4.05 -18.65
C GLU B 569 41.67 -4.62 -19.79
N HIS B 570 41.36 -5.90 -19.69
CA HIS B 570 40.62 -6.61 -20.75
C HIS B 570 39.12 -6.77 -20.52
N CYS B 571 38.59 -6.18 -19.45
CA CYS B 571 37.15 -6.26 -19.16
C CYS B 571 36.34 -5.74 -20.33
N PRO B 572 35.30 -6.48 -20.74
CA PRO B 572 34.52 -5.97 -21.86
C PRO B 572 33.42 -5.01 -21.42
N ALA B 573 33.78 -4.10 -20.52
CA ALA B 573 32.93 -2.99 -20.11
C ALA B 573 33.74 -1.70 -20.05
N CYS B 574 34.74 -1.70 -19.17
CA CYS B 574 35.61 -0.55 -18.93
C CYS B 574 36.73 -0.33 -19.95
N SER B 575 37.27 -1.41 -20.51
CA SER B 575 38.49 -1.35 -21.31
C SER B 575 38.45 -0.30 -22.40
N PRO B 576 39.51 0.53 -22.48
CA PRO B 576 39.59 1.65 -23.42
C PRO B 576 39.31 1.23 -24.86
N LYS B 577 39.66 -0.01 -25.21
CA LYS B 577 39.35 -0.55 -26.53
C LYS B 577 37.85 -0.71 -26.74
N VAL B 578 37.13 -1.08 -25.69
CA VAL B 578 35.68 -1.20 -25.75
C VAL B 578 35.01 0.18 -25.81
N ILE B 579 35.50 1.10 -24.98
CA ILE B 579 35.02 2.49 -25.00
C ILE B 579 35.28 3.11 -26.36
N GLU B 580 36.47 2.84 -26.90
CA GLU B 580 36.85 3.29 -28.24
C GLU B 580 35.88 2.73 -29.25
N ALA B 581 35.55 1.44 -29.09
CA ALA B 581 34.67 0.73 -30.01
C ALA B 581 33.25 1.28 -30.06
N PHE B 582 32.69 1.60 -28.89
CA PHE B 582 31.34 2.13 -28.83
C PHE B 582 31.26 3.55 -29.42
N THR B 583 32.26 4.37 -29.10
CA THR B 583 32.26 5.77 -29.48
C THR B 583 32.25 5.90 -30.99
N ASP B 584 33.08 5.10 -31.65
CA ASP B 584 33.17 5.13 -33.10
C ASP B 584 31.94 4.50 -33.75
N LEU B 585 31.61 3.28 -33.34
CA LEU B 585 30.61 2.49 -34.05
C LEU B 585 29.16 2.67 -33.58
N GLY B 586 28.97 3.32 -32.44
CA GLY B 586 27.64 3.55 -31.89
C GLY B 586 26.82 2.28 -31.64
N TRP B 587 25.57 2.32 -32.11
CA TRP B 587 24.62 1.23 -31.93
C TRP B 587 24.98 -0.03 -32.69
N GLU B 588 25.72 0.12 -33.78
CA GLU B 588 26.16 -1.02 -34.59
C GLU B 588 27.09 -1.94 -33.79
N PHE B 589 27.90 -1.34 -32.92
CA PHE B 589 28.79 -2.10 -32.05
C PHE B 589 28.00 -2.85 -30.98
N VAL B 590 27.01 -2.18 -30.42
CA VAL B 590 26.19 -2.76 -29.37
C VAL B 590 25.39 -3.95 -29.89
N LYS B 591 24.77 -3.79 -31.05
CA LYS B 591 23.96 -4.84 -31.64
C LYS B 591 24.79 -6.11 -31.86
N LYS B 592 26.05 -5.92 -32.24
CA LYS B 592 26.93 -7.04 -32.55
C LYS B 592 27.47 -7.69 -31.27
N ALA B 593 27.82 -6.88 -30.29
CA ALA B 593 28.36 -7.38 -29.02
C ALA B 593 27.30 -8.13 -28.23
N LEU B 594 26.04 -7.73 -28.42
CA LEU B 594 24.92 -8.40 -27.77
C LEU B 594 24.70 -9.78 -28.36
N GLU B 595 24.60 -9.85 -29.69
CA GLU B 595 24.31 -11.11 -30.36
C GLU B 595 25.53 -12.04 -30.49
N HIS B 596 26.72 -11.46 -30.43
CA HIS B 596 27.95 -12.25 -30.50
C HIS B 596 28.97 -11.76 -29.49
N PRO B 597 28.87 -12.25 -28.24
CA PRO B 597 29.79 -11.87 -27.17
C PRO B 597 31.24 -12.25 -27.48
N LEU B 598 31.42 -13.20 -28.40
CA LEU B 598 32.74 -13.58 -28.87
C LEU B 598 33.42 -12.38 -29.53
N TYR B 599 32.64 -11.63 -30.31
CA TYR B 599 33.13 -10.41 -30.95
C TYR B 599 33.55 -9.39 -29.90
N LEU B 600 32.87 -9.39 -28.76
CA LEU B 600 33.17 -8.44 -27.70
C LEU B 600 34.50 -8.75 -27.02
N GLU B 601 34.80 -10.04 -26.88
CA GLU B 601 36.04 -10.48 -26.25
C GLU B 601 37.26 -10.12 -27.11
N GLU B 602 37.07 -10.08 -28.43
CA GLU B 602 38.12 -9.71 -29.37
C GLU B 602 38.55 -8.27 -29.16
N ILE B 603 37.57 -7.36 -29.21
CA ILE B 603 37.82 -5.94 -29.01
C ILE B 603 38.49 -5.69 -27.67
N SER B 604 37.95 -6.31 -26.63
CA SER B 604 38.44 -6.10 -25.27
C SER B 604 39.83 -6.68 -25.07
N GLY B 605 40.25 -7.54 -25.98
CA GLY B 605 41.54 -8.18 -25.87
C GLY B 605 41.54 -9.27 -24.82
N LEU B 606 40.35 -9.66 -24.38
CA LEU B 606 40.21 -10.74 -23.41
C LEU B 606 40.27 -12.09 -24.13
N SER B 607 40.09 -12.06 -25.44
CA SER B 607 40.14 -13.25 -26.28
C SER B 607 41.47 -13.98 -26.13
N VAL B 608 42.55 -13.21 -26.12
CA VAL B 608 43.90 -13.75 -26.00
C VAL B 608 44.15 -14.34 -24.61
N ILE B 609 43.30 -13.98 -23.65
CA ILE B 609 43.44 -14.47 -22.28
C ILE B 609 42.75 -15.83 -22.08
N MET C 7 15.51 12.38 34.03
CA MET C 7 14.15 12.05 34.41
C MET C 7 13.77 12.60 35.78
N ILE C 8 12.48 12.53 36.12
CA ILE C 8 11.94 13.06 37.37
C ILE C 8 10.46 12.70 37.47
N PRO C 9 10.04 12.23 38.67
CA PRO C 9 8.70 11.66 38.87
C PRO C 9 7.57 12.63 38.53
N TYR C 10 6.44 12.08 38.06
CA TYR C 10 5.30 12.88 37.65
C TYR C 10 4.79 13.78 38.78
N GLN C 11 4.82 13.28 40.00
CA GLN C 11 4.31 14.04 41.14
C GLN C 11 5.27 15.14 41.61
N GLU C 12 6.55 14.99 41.34
CA GLU C 12 7.52 16.03 41.65
C GLU C 12 7.37 17.19 40.67
N TRP C 13 7.04 16.85 39.43
CA TRP C 13 6.88 17.84 38.39
C TRP C 13 5.54 18.56 38.55
N HIS C 14 4.54 17.85 39.06
CA HIS C 14 3.22 18.41 39.27
C HIS C 14 3.27 19.48 40.36
N SER C 15 4.08 19.25 41.38
CA SER C 15 4.21 20.18 42.49
C SER C 15 4.98 21.42 42.07
N GLN C 16 6.07 21.21 41.35
CA GLN C 16 6.93 22.30 40.92
C GLN C 16 6.29 23.18 39.84
N LEU C 17 5.40 22.60 39.05
CA LEU C 17 4.69 23.37 38.03
C LEU C 17 3.74 24.35 38.69
N GLN C 18 3.01 23.88 39.69
CA GLN C 18 2.04 24.71 40.40
C GLN C 18 2.75 25.80 41.20
N SER C 19 3.91 25.47 41.76
CA SER C 19 4.72 26.44 42.48
C SER C 19 5.25 27.53 41.54
N LEU C 20 5.79 27.11 40.41
CA LEU C 20 6.30 28.03 39.40
C LEU C 20 5.19 28.93 38.87
N TYR C 21 4.02 28.33 38.65
CA TYR C 21 2.82 29.07 38.25
C TYR C 21 2.43 30.11 39.30
N ASP C 22 2.29 29.67 40.55
CA ASP C 22 1.90 30.56 41.65
C ASP C 22 3.00 31.56 42.03
N SER C 23 4.24 31.26 41.64
CA SER C 23 5.36 32.16 41.91
C SER C 23 5.21 33.44 41.09
N GLN C 24 4.32 33.38 40.11
CA GLN C 24 4.02 34.50 39.21
C GLN C 24 5.24 34.95 38.42
N ILE C 25 6.23 34.07 38.28
CA ILE C 25 7.43 34.39 37.53
C ILE C 25 7.07 34.56 36.04
N PHE C 26 6.07 33.80 35.59
CA PHE C 26 5.58 33.94 34.23
C PHE C 26 4.63 35.13 34.09
N HIS C 27 3.87 35.37 35.15
CA HIS C 27 2.91 36.47 35.15
C HIS C 27 3.62 37.83 35.13
N ASN C 28 4.75 37.91 35.81
CA ASN C 28 5.54 39.14 35.87
C ASN C 28 6.45 39.30 34.66
N TRP C 29 6.45 38.30 33.79
CA TRP C 29 7.22 38.37 32.55
C TRP C 29 6.58 39.39 31.62
N ALA C 30 7.40 40.22 31.00
CA ALA C 30 6.91 41.27 30.11
C ALA C 30 6.33 40.71 28.80
N LEU C 31 6.74 39.50 28.45
CA LEU C 31 6.29 38.88 27.20
C LEU C 31 4.89 38.26 27.29
N SER C 32 4.47 37.87 28.48
CA SER C 32 3.26 37.05 28.60
C SER C 32 1.95 37.83 28.50
N GLN C 33 1.11 37.43 27.55
CA GLN C 33 -0.25 37.92 27.44
C GLN C 33 -1.16 37.18 28.40
N ASP C 34 -0.93 35.87 28.54
CA ASP C 34 -1.74 35.03 29.38
C ASP C 34 -0.93 33.85 29.92
N VAL C 35 -1.21 33.44 31.16
CA VAL C 35 -0.59 32.25 31.73
C VAL C 35 -1.66 31.35 32.35
N HIS C 36 -1.76 30.12 31.87
CA HIS C 36 -2.83 29.23 32.35
C HIS C 36 -2.46 27.75 32.41
N LEU C 37 -2.96 27.09 33.45
CA LEU C 37 -2.91 25.64 33.56
C LEU C 37 -4.04 25.00 32.74
N ASN C 38 -3.82 23.75 32.31
CA ASN C 38 -4.82 23.02 31.54
C ASN C 38 -5.98 22.52 32.42
N ASP C 39 -6.84 21.68 31.87
CA ASP C 39 -7.95 21.11 32.64
C ASP C 39 -7.44 20.31 33.82
N GLU C 40 -6.29 19.67 33.65
CA GLU C 40 -5.54 19.08 34.74
C GLU C 40 -4.62 20.15 35.31
N LYS C 41 -3.85 19.83 36.33
CA LYS C 41 -2.84 20.76 36.79
C LYS C 41 -1.46 20.42 36.22
N ASP C 42 -1.44 19.46 35.31
CA ASP C 42 -0.22 18.89 34.74
C ASP C 42 0.32 19.58 33.47
N GLY C 43 -0.23 20.74 33.13
CA GLY C 43 0.32 21.50 32.03
C GLY C 43 0.19 23.00 32.17
N LEU C 44 1.06 23.73 31.47
CA LEU C 44 1.08 25.18 31.54
C LEU C 44 1.18 25.79 30.15
N LEU C 45 0.18 26.58 29.77
CA LEU C 45 0.18 27.22 28.46
C LEU C 45 0.58 28.70 28.55
N LEU C 46 1.64 29.06 27.82
CA LEU C 46 2.16 30.43 27.83
C LEU C 46 1.88 31.16 26.53
N ARG C 47 1.00 32.15 26.57
CA ARG C 47 0.81 33.00 25.40
C ARG C 47 1.77 34.19 25.51
N LEU C 48 2.62 34.35 24.50
CA LEU C 48 3.71 35.32 24.58
C LEU C 48 3.71 36.38 23.49
N ILE C 49 4.12 37.59 23.86
CA ILE C 49 4.39 38.67 22.92
C ILE C 49 5.71 38.35 22.22
N PRO C 50 5.75 38.50 20.89
CA PRO C 50 6.99 38.23 20.15
C PRO C 50 8.12 39.18 20.53
N THR C 51 9.33 38.66 20.72
CA THR C 51 10.51 39.51 20.90
C THR C 51 10.81 40.21 19.58
N ARG C 52 11.58 41.30 19.64
CA ARG C 52 11.89 42.06 18.43
C ARG C 52 12.64 41.20 17.41
N GLN C 53 13.52 40.34 17.89
CA GLN C 53 14.32 39.50 17.01
C GLN C 53 13.44 38.52 16.24
N LEU C 54 12.49 37.90 16.91
CA LEU C 54 11.54 37.01 16.25
C LEU C 54 10.74 37.77 15.21
N GLN C 55 10.36 38.99 15.56
CA GLN C 55 9.59 39.84 14.65
C GLN C 55 10.42 40.16 13.40
N LYS C 56 11.71 40.43 13.59
CA LYS C 56 12.62 40.73 12.49
C LYS C 56 12.80 39.53 11.58
N ASN C 57 12.85 38.34 12.18
CA ASN C 57 13.08 37.11 11.43
C ASN C 57 11.89 36.68 10.58
N THR C 58 10.69 36.80 11.14
CA THR C 58 9.48 36.42 10.40
C THR C 58 9.23 37.35 9.23
N GLU C 59 9.72 38.59 9.32
CA GLU C 59 9.62 39.52 8.21
C GLU C 59 10.68 39.19 7.17
N ARG C 60 11.87 38.81 7.64
CA ARG C 60 12.94 38.42 6.73
C ARG C 60 12.67 37.06 6.08
N ILE C 61 12.43 36.05 6.91
CA ILE C 61 12.27 34.68 6.43
C ILE C 61 10.90 34.38 5.83
N GLU C 62 9.84 34.70 6.57
CA GLU C 62 8.48 34.38 6.11
C GLU C 62 7.75 35.56 5.46
N ASN C 63 8.35 36.75 5.51
CA ASN C 63 7.70 37.97 5.02
C ASN C 63 6.33 38.26 5.65
N LYS C 64 6.15 37.82 6.90
CA LYS C 64 4.85 37.94 7.58
C LYS C 64 5.02 38.63 8.92
N LEU C 65 3.92 39.06 9.51
CA LEU C 65 3.97 39.70 10.83
C LEU C 65 3.45 38.75 11.91
N LEU C 66 4.21 38.64 13.01
CA LEU C 66 3.90 37.71 14.07
C LEU C 66 3.01 38.34 15.14
N ASN C 67 1.84 37.73 15.38
CA ASN C 67 0.92 38.21 16.41
C ASN C 67 1.33 37.80 17.83
N HIS C 68 1.67 36.52 17.99
CA HIS C 68 2.08 35.97 19.28
C HIS C 68 2.50 34.52 19.11
N ILE C 69 3.17 33.96 20.11
CA ILE C 69 3.52 32.55 20.10
C ILE C 69 2.98 31.85 21.34
N GLU C 70 2.75 30.56 21.23
CA GLU C 70 2.25 29.77 22.33
C GLU C 70 3.27 28.72 22.76
N LEU C 71 3.61 28.73 24.04
CA LEU C 71 4.47 27.69 24.62
C LEU C 71 3.64 26.84 25.58
N TYR C 72 3.74 25.53 25.43
CA TYR C 72 3.03 24.59 26.29
C TYR C 72 4.06 23.72 26.99
N LEU C 73 4.15 23.87 28.31
CA LEU C 73 5.02 22.99 29.08
C LEU C 73 4.20 21.78 29.47
N THR C 74 4.61 20.61 28.97
CA THR C 74 3.88 19.37 29.23
C THR C 74 4.80 18.32 29.82
N TYR C 75 4.19 17.30 30.41
CA TYR C 75 4.93 16.16 30.92
C TYR C 75 4.61 14.92 30.10
N SER C 76 5.63 14.30 29.53
CA SER C 76 5.43 13.03 28.83
C SER C 76 5.63 11.90 29.82
N LYS C 77 4.64 11.03 29.93
CA LYS C 77 4.68 9.94 30.87
C LYS C 77 5.50 8.80 30.29
N VAL C 78 5.98 9.00 29.07
CA VAL C 78 6.87 8.06 28.40
C VAL C 78 8.33 8.39 28.71
N TYR C 79 8.78 9.57 28.28
CA TYR C 79 10.16 10.00 28.51
C TYR C 79 10.43 10.34 29.97
N ASN C 80 9.37 10.47 30.76
CA ASN C 80 9.46 10.92 32.15
C ASN C 80 10.14 12.27 32.29
N GLU C 81 10.02 13.09 31.25
CA GLU C 81 10.68 14.40 31.22
C GLU C 81 9.73 15.44 30.66
N PRO C 82 9.99 16.73 30.95
CA PRO C 82 9.22 17.83 30.35
C PRO C 82 9.42 17.96 28.84
N LEU C 83 8.34 18.27 28.13
CA LEU C 83 8.38 18.45 26.69
C LEU C 83 7.76 19.81 26.35
N LEU C 84 8.47 20.63 25.58
CA LEU C 84 7.96 21.96 25.26
C LEU C 84 7.36 22.03 23.86
N LEU C 85 6.04 22.15 23.80
CA LEU C 85 5.34 22.30 22.53
C LEU C 85 5.25 23.78 22.14
N LEU C 86 5.36 24.06 20.85
CA LEU C 86 5.33 25.45 20.38
C LEU C 86 4.31 25.63 19.26
N ARG C 87 3.67 26.80 19.24
CA ARG C 87 2.75 27.17 18.18
C ARG C 87 2.94 28.63 17.79
N ILE C 88 2.99 28.89 16.48
CA ILE C 88 3.26 30.24 16.00
C ILE C 88 2.07 30.83 15.25
N TRP C 89 1.73 32.08 15.56
CA TRP C 89 0.57 32.74 14.96
C TRP C 89 0.96 33.96 14.12
N GLU C 90 0.27 34.15 13.01
CA GLU C 90 0.54 35.24 12.09
C GLU C 90 -0.45 36.37 12.28
N GLU C 91 0.01 37.61 12.12
CA GLU C 91 -0.87 38.77 12.11
C GLU C 91 -1.32 39.05 10.67
N LYS C 92 -2.63 39.15 10.48
CA LYS C 92 -3.19 39.31 9.14
C LYS C 92 -4.44 40.17 9.19
N SER C 93 -5.18 40.21 8.09
CA SER C 93 -6.44 40.94 8.02
C SER C 93 -7.33 40.42 6.89
N ILE C 94 -8.63 40.67 6.99
CA ILE C 94 -9.56 40.25 5.95
C ILE C 94 -10.31 41.43 5.34
N ASP C 95 -11.29 41.93 6.09
CA ASP C 95 -12.17 43.00 5.64
C ASP C 95 -11.70 44.36 6.15
N GLY C 96 -10.52 44.38 6.73
CA GLY C 96 -10.02 45.55 7.43
C GLY C 96 -9.99 45.22 8.91
N ILE C 97 -10.55 44.07 9.24
CA ILE C 97 -10.48 43.51 10.58
C ILE C 97 -9.19 42.72 10.71
N PRO C 98 -8.36 43.07 11.71
CA PRO C 98 -7.13 42.28 11.93
C PRO C 98 -7.44 40.84 12.30
N MET C 99 -6.79 39.91 11.61
CA MET C 99 -7.03 38.49 11.79
C MET C 99 -5.75 37.83 12.29
N THR C 100 -5.90 36.74 13.04
CA THR C 100 -4.74 35.99 13.48
C THR C 100 -4.78 34.60 12.84
N LYS C 101 -3.62 34.11 12.42
CA LYS C 101 -3.56 32.84 11.69
C LYS C 101 -2.42 31.95 12.17
N LEU C 102 -2.78 30.76 12.62
CA LEU C 102 -1.79 29.76 13.02
C LEU C 102 -1.00 29.34 11.79
N MET C 103 0.32 29.47 11.85
CA MET C 103 1.13 29.24 10.67
C MET C 103 2.14 28.13 10.85
N LEU C 104 2.54 27.54 9.73
CA LEU C 104 3.49 26.44 9.72
C LEU C 104 4.71 26.86 8.92
N PRO C 105 5.67 27.50 9.61
CA PRO C 105 6.88 28.11 9.02
C PRO C 105 7.65 27.17 8.10
N THR C 106 8.08 27.70 6.96
CA THR C 106 8.91 26.96 6.02
C THR C 106 10.21 26.53 6.70
N ASP C 107 10.85 27.47 7.38
CA ASP C 107 12.01 27.17 8.19
C ASP C 107 11.74 27.73 9.58
N ILE C 108 11.50 26.84 10.55
CA ILE C 108 11.24 27.26 11.92
C ILE C 108 12.51 27.26 12.77
N GLU C 109 13.57 26.65 12.22
CA GLU C 109 14.85 26.62 12.92
C GLU C 109 15.45 28.01 12.89
N SER C 110 15.38 28.63 11.72
CA SER C 110 15.98 29.95 11.51
C SER C 110 15.07 31.07 11.99
N LEU C 111 13.78 30.78 12.12
CA LEU C 111 12.82 31.77 12.62
C LEU C 111 13.21 32.17 14.03
N LEU C 112 13.61 31.18 14.84
CA LEU C 112 14.20 31.43 16.14
C LEU C 112 15.72 31.40 15.98
N ASP C 113 16.44 31.46 17.09
CA ASP C 113 17.88 31.22 17.04
C ASP C 113 18.18 29.94 17.81
N VAL C 114 18.51 28.87 17.09
CA VAL C 114 18.78 27.57 17.72
C VAL C 114 19.83 26.79 16.96
N GLY C 130 4.48 16.19 19.21
CA GLY C 130 3.13 16.65 19.49
C GLY C 130 2.21 16.41 18.32
N SER C 131 0.92 16.23 18.59
CA SER C 131 -0.07 15.96 17.55
C SER C 131 -0.21 17.13 16.58
N VAL C 132 -0.65 18.27 17.11
CA VAL C 132 -0.80 19.49 16.31
C VAL C 132 0.30 20.56 16.48
N TRP C 133 1.33 20.23 17.26
CA TRP C 133 2.33 21.20 17.70
C TRP C 133 3.75 20.90 17.23
N TYR C 134 4.57 21.94 17.14
CA TYR C 134 6.02 21.77 17.04
C TYR C 134 6.53 21.39 18.42
N SER C 135 7.67 20.73 18.50
CA SER C 135 8.17 20.28 19.80
C SER C 135 9.68 20.33 19.95
N PHE C 136 10.14 20.80 21.10
CA PHE C 136 11.54 20.74 21.47
C PHE C 136 11.86 19.35 22.02
N HIS C 137 13.10 18.89 21.85
CA HIS C 137 13.41 17.49 22.10
C HIS C 137 14.36 17.27 23.29
N PRO C 138 14.15 16.19 24.05
CA PRO C 138 14.90 15.87 25.26
C PRO C 138 16.01 14.82 25.05
N MET C 152 17.87 19.15 43.08
CA MET C 152 16.77 18.46 42.44
C MET C 152 15.43 19.15 42.73
N SER C 153 15.36 19.82 43.87
CA SER C 153 14.16 20.59 44.20
C SER C 153 14.03 21.79 43.28
N THR C 154 15.16 22.19 42.70
CA THR C 154 15.24 23.34 41.80
C THR C 154 15.09 22.94 40.34
N TYR C 155 14.80 21.67 40.09
CA TYR C 155 14.83 21.09 38.74
C TYR C 155 14.05 21.87 37.67
N LEU C 156 12.76 22.11 37.90
CA LEU C 156 11.94 22.76 36.88
C LEU C 156 12.33 24.22 36.65
N ARG C 157 12.65 24.92 37.74
CA ARG C 157 13.00 26.34 37.64
C ARG C 157 14.26 26.52 36.82
N ARG C 158 15.18 25.57 36.92
CA ARG C 158 16.42 25.62 36.14
C ARG C 158 16.16 25.23 34.69
N TRP C 159 15.25 24.28 34.49
CA TRP C 159 14.88 23.81 33.16
C TRP C 159 14.36 24.96 32.31
N VAL C 160 13.48 25.77 32.91
CA VAL C 160 12.90 26.92 32.24
C VAL C 160 13.99 27.93 31.86
N SER C 161 14.99 28.09 32.71
CA SER C 161 16.09 29.00 32.41
C SER C 161 16.82 28.62 31.12
N ILE C 162 17.13 27.33 30.97
CA ILE C 162 17.86 26.83 29.81
C ILE C 162 16.98 26.70 28.56
N PHE C 163 15.82 26.07 28.70
CA PHE C 163 14.95 25.76 27.55
C PHE C 163 13.99 26.88 27.16
N ILE C 164 13.88 27.91 28.01
CA ILE C 164 12.98 29.04 27.72
C ILE C 164 13.67 30.39 27.87
N PHE C 165 14.10 30.71 29.08
CA PHE C 165 14.70 32.01 29.38
C PHE C 165 16.03 32.28 28.68
N SER C 166 16.61 31.25 28.09
CA SER C 166 17.89 31.42 27.38
C SER C 166 17.71 32.20 26.09
N TRP C 167 16.80 31.74 25.23
CA TRP C 167 16.61 32.35 23.91
C TRP C 167 15.51 33.42 23.87
N LEU C 168 14.85 33.64 25.01
CA LEU C 168 13.89 34.72 25.12
C LEU C 168 14.29 35.59 26.30
N GLY C 169 14.12 36.91 26.17
CA GLY C 169 14.57 37.83 27.20
C GLY C 169 13.76 37.81 28.50
N TYR C 170 14.47 37.76 29.63
CA TYR C 170 13.82 37.97 30.93
C TYR C 170 14.63 38.97 31.77
N GLU C 171 13.97 39.96 32.36
CA GLU C 171 12.53 40.16 32.28
C GLU C 171 12.15 40.87 30.98
N ILE D 8 20.02 -24.07 -27.35
CA ILE D 8 19.55 -24.26 -28.72
C ILE D 8 19.07 -22.95 -29.35
N PRO D 9 19.58 -22.62 -30.54
CA PRO D 9 19.18 -21.42 -31.29
C PRO D 9 17.69 -21.44 -31.61
N TYR D 10 17.10 -20.26 -31.80
CA TYR D 10 15.67 -20.16 -32.11
C TYR D 10 15.32 -20.87 -33.41
N GLN D 11 16.00 -20.51 -34.50
CA GLN D 11 15.70 -21.05 -35.81
C GLN D 11 15.99 -22.56 -35.93
N GLU D 12 17.00 -23.04 -35.20
CA GLU D 12 17.25 -24.47 -35.17
C GLU D 12 16.08 -25.19 -34.49
N TRP D 13 15.45 -24.53 -33.53
CA TRP D 13 14.29 -25.07 -32.85
C TRP D 13 13.02 -24.96 -33.71
N HIS D 14 12.95 -23.91 -34.53
CA HIS D 14 11.83 -23.71 -35.43
C HIS D 14 11.78 -24.77 -36.53
N SER D 15 12.96 -25.18 -36.99
CA SER D 15 13.06 -26.22 -38.01
C SER D 15 12.72 -27.60 -37.45
N GLN D 16 13.20 -27.90 -36.26
CA GLN D 16 12.99 -29.20 -35.65
C GLN D 16 11.56 -29.35 -35.15
N LEU D 17 10.88 -28.24 -34.90
CA LEU D 17 9.49 -28.27 -34.48
C LEU D 17 8.59 -28.63 -35.65
N GLN D 18 8.91 -28.10 -36.83
CA GLN D 18 8.15 -28.40 -38.04
C GLN D 18 8.44 -29.80 -38.58
N SER D 19 9.66 -30.29 -38.36
CA SER D 19 10.01 -31.66 -38.73
C SER D 19 9.33 -32.64 -37.80
N LEU D 20 9.32 -32.29 -36.51
CA LEU D 20 8.69 -33.12 -35.49
C LEU D 20 7.19 -33.24 -35.74
N TYR D 21 6.58 -32.13 -36.09
CA TYR D 21 5.16 -32.08 -36.41
C TYR D 21 4.85 -32.91 -37.65
N ASP D 22 5.63 -32.69 -38.71
CA ASP D 22 5.38 -33.34 -39.99
C ASP D 22 5.69 -34.84 -40.01
N SER D 23 6.45 -35.32 -39.02
CA SER D 23 6.79 -36.74 -38.95
C SER D 23 5.58 -37.58 -38.54
N GLN D 24 4.50 -36.90 -38.16
CA GLN D 24 3.28 -37.54 -37.69
C GLN D 24 3.50 -38.40 -36.45
N ILE D 25 4.56 -38.13 -35.70
CA ILE D 25 4.88 -38.91 -34.52
C ILE D 25 3.82 -38.73 -33.43
N PHE D 26 3.33 -37.49 -33.28
CA PHE D 26 2.27 -37.20 -32.32
C PHE D 26 0.91 -37.59 -32.88
N HIS D 27 0.76 -37.48 -34.20
CA HIS D 27 -0.50 -37.82 -34.84
C HIS D 27 -0.74 -39.33 -34.79
N ASN D 28 0.35 -40.09 -34.77
CA ASN D 28 0.28 -41.54 -34.71
C ASN D 28 0.34 -42.04 -33.28
N TRP D 29 0.37 -41.11 -32.33
CA TRP D 29 0.24 -41.45 -30.92
C TRP D 29 -1.22 -41.80 -30.64
N ALA D 30 -1.44 -42.68 -29.68
CA ALA D 30 -2.80 -43.11 -29.35
C ALA D 30 -3.52 -42.08 -28.48
N LEU D 31 -2.77 -41.26 -27.77
CA LEU D 31 -3.33 -40.32 -26.80
C LEU D 31 -3.89 -39.04 -27.41
N SER D 32 -3.31 -38.60 -28.52
CA SER D 32 -3.65 -37.27 -29.05
C SER D 32 -5.00 -37.21 -29.74
N GLN D 33 -5.85 -36.32 -29.25
CA GLN D 33 -7.12 -36.02 -29.92
C GLN D 33 -6.80 -35.07 -31.06
N ASP D 34 -5.87 -34.16 -30.81
CA ASP D 34 -5.52 -33.13 -31.77
C ASP D 34 -4.06 -32.68 -31.64
N VAL D 35 -3.45 -32.35 -32.79
CA VAL D 35 -2.12 -31.77 -32.83
C VAL D 35 -2.16 -30.56 -33.77
N HIS D 36 -1.70 -29.40 -33.30
CA HIS D 36 -1.67 -28.20 -34.14
C HIS D 36 -0.54 -27.22 -33.79
N LEU D 37 0.01 -26.59 -34.82
CA LEU D 37 0.92 -25.44 -34.64
C LEU D 37 0.11 -24.15 -34.46
N ASN D 38 0.70 -23.17 -33.77
CA ASN D 38 0.02 -21.90 -33.50
C ASN D 38 -0.02 -20.99 -34.73
N ASP D 39 -0.44 -19.75 -34.55
CA ASP D 39 -0.54 -18.80 -35.66
C ASP D 39 0.82 -18.64 -36.35
N GLU D 40 1.83 -18.23 -35.60
CA GLU D 40 3.18 -18.33 -36.09
C GLU D 40 3.60 -19.79 -35.90
N LYS D 41 4.78 -20.18 -36.35
CA LYS D 41 5.17 -21.59 -36.25
C LYS D 41 5.97 -21.92 -34.99
N ASP D 42 6.02 -20.97 -34.07
CA ASP D 42 6.79 -21.08 -32.83
C ASP D 42 6.33 -22.14 -31.83
N GLY D 43 5.18 -22.76 -32.03
CA GLY D 43 4.66 -23.63 -31.00
C GLY D 43 3.79 -24.80 -31.41
N LEU D 44 3.73 -25.81 -30.55
CA LEU D 44 2.96 -27.00 -30.83
C LEU D 44 1.98 -27.33 -29.70
N LEU D 45 0.70 -27.26 -29.99
CA LEU D 45 -0.33 -27.59 -29.00
C LEU D 45 -0.78 -29.05 -29.12
N LEU D 46 -0.52 -29.82 -28.07
CA LEU D 46 -0.92 -31.21 -28.01
C LEU D 46 -2.13 -31.41 -27.11
N ARG D 47 -3.28 -31.76 -27.69
CA ARG D 47 -4.43 -32.13 -26.88
C ARG D 47 -4.46 -33.65 -26.72
N LEU D 48 -4.24 -34.12 -25.50
CA LEU D 48 -4.07 -35.55 -25.26
C LEU D 48 -5.21 -36.14 -24.46
N ILE D 49 -5.47 -37.41 -24.71
CA ILE D 49 -6.41 -38.18 -23.90
C ILE D 49 -5.67 -38.63 -22.66
N PRO D 50 -6.33 -38.51 -21.49
CA PRO D 50 -5.70 -38.87 -20.22
C PRO D 50 -5.33 -40.34 -20.19
N THR D 51 -4.11 -40.65 -19.75
CA THR D 51 -3.71 -42.04 -19.58
C THR D 51 -4.51 -42.65 -18.45
N ARG D 52 -4.57 -43.97 -18.43
CA ARG D 52 -5.36 -44.68 -17.43
C ARG D 52 -4.77 -44.37 -16.06
N GLN D 53 -3.45 -44.24 -16.00
CA GLN D 53 -2.73 -43.98 -14.75
C GLN D 53 -3.06 -42.60 -14.19
N LEU D 54 -3.21 -41.62 -15.06
CA LEU D 54 -3.60 -40.28 -14.64
C LEU D 54 -5.02 -40.26 -14.12
N GLN D 55 -5.91 -40.95 -14.82
CA GLN D 55 -7.32 -41.02 -14.44
C GLN D 55 -7.48 -41.58 -13.02
N LYS D 56 -6.70 -42.59 -12.69
CA LYS D 56 -6.70 -43.15 -11.35
C LYS D 56 -6.25 -42.09 -10.35
N ASN D 57 -5.15 -41.43 -10.67
CA ASN D 57 -4.55 -40.42 -9.80
C ASN D 57 -5.49 -39.29 -9.43
N THR D 58 -6.07 -38.65 -10.43
CA THR D 58 -6.89 -37.47 -10.18
C THR D 58 -8.16 -37.83 -9.43
N GLU D 59 -8.63 -39.06 -9.60
CA GLU D 59 -9.81 -39.52 -8.87
C GLU D 59 -9.44 -39.94 -7.44
N ARG D 60 -8.22 -40.44 -7.27
CA ARG D 60 -7.70 -40.80 -5.96
C ARG D 60 -7.43 -39.57 -5.10
N ILE D 61 -6.87 -38.54 -5.74
CA ILE D 61 -6.48 -37.30 -5.06
C ILE D 61 -7.57 -36.23 -5.08
N GLU D 62 -7.94 -35.78 -6.26
CA GLU D 62 -8.90 -34.70 -6.41
C GLU D 62 -10.35 -35.17 -6.40
N ASN D 63 -10.53 -36.49 -6.49
CA ASN D 63 -11.86 -37.09 -6.60
C ASN D 63 -12.65 -36.55 -7.80
N LYS D 64 -11.95 -36.35 -8.92
CA LYS D 64 -12.56 -35.83 -10.13
C LYS D 64 -12.20 -36.66 -11.35
N LEU D 65 -13.06 -36.62 -12.36
CA LEU D 65 -12.78 -37.28 -13.64
C LEU D 65 -12.02 -36.37 -14.59
N LEU D 66 -10.97 -36.90 -15.19
CA LEU D 66 -10.19 -36.15 -16.15
C LEU D 66 -10.83 -36.21 -17.54
N ASN D 67 -10.92 -35.05 -18.19
CA ASN D 67 -11.42 -34.98 -19.56
C ASN D 67 -10.30 -35.15 -20.57
N HIS D 68 -9.29 -34.29 -20.48
CA HIS D 68 -8.18 -34.30 -21.42
C HIS D 68 -7.08 -33.35 -20.97
N ILE D 69 -5.91 -33.52 -21.57
CA ILE D 69 -4.74 -32.74 -21.20
C ILE D 69 -4.23 -31.93 -22.39
N GLU D 70 -3.95 -30.65 -22.16
CA GLU D 70 -3.36 -29.81 -23.19
C GLU D 70 -1.89 -29.54 -22.88
N LEU D 71 -1.00 -30.01 -23.74
CA LEU D 71 0.41 -29.66 -23.63
C LEU D 71 0.76 -28.64 -24.71
N TYR D 72 1.51 -27.62 -24.32
CA TYR D 72 1.92 -26.57 -25.25
C TYR D 72 3.44 -26.52 -25.31
N LEU D 73 3.99 -26.85 -26.48
CA LEU D 73 5.43 -26.86 -26.69
C LEU D 73 5.84 -25.50 -27.21
N THR D 74 6.59 -24.76 -26.40
CA THR D 74 6.95 -23.40 -26.75
C THR D 74 8.45 -23.16 -26.62
N TYR D 75 8.92 -22.05 -27.20
CA TYR D 75 10.30 -21.66 -27.07
C TYR D 75 10.41 -20.50 -26.09
N SER D 76 11.24 -20.66 -25.07
CA SER D 76 11.47 -19.60 -24.11
C SER D 76 12.65 -18.76 -24.58
N LYS D 77 12.39 -17.50 -24.92
CA LYS D 77 13.44 -16.64 -25.45
C LYS D 77 14.34 -16.09 -24.35
N VAL D 78 13.92 -16.27 -23.11
CA VAL D 78 14.73 -15.89 -21.96
C VAL D 78 15.91 -16.84 -21.80
N TYR D 79 15.62 -18.12 -21.71
CA TYR D 79 16.66 -19.13 -21.48
C TYR D 79 17.14 -19.81 -22.77
N ASN D 80 16.59 -19.36 -23.91
CA ASN D 80 16.90 -19.96 -25.21
C ASN D 80 16.75 -21.48 -25.20
N GLU D 81 15.75 -21.95 -24.45
CA GLU D 81 15.50 -23.38 -24.31
C GLU D 81 14.00 -23.66 -24.35
N PRO D 82 13.61 -24.91 -24.68
CA PRO D 82 12.18 -25.25 -24.76
C PRO D 82 11.46 -25.18 -23.41
N LEU D 83 10.16 -24.91 -23.46
CA LEU D 83 9.36 -24.83 -22.25
C LEU D 83 8.03 -25.56 -22.45
N LEU D 84 7.74 -26.53 -21.59
CA LEU D 84 6.51 -27.30 -21.71
C LEU D 84 5.43 -26.75 -20.77
N LEU D 85 4.31 -26.37 -21.36
CA LEU D 85 3.20 -25.81 -20.59
C LEU D 85 2.07 -26.83 -20.49
N LEU D 86 1.36 -26.81 -19.36
CA LEU D 86 0.37 -27.84 -19.07
C LEU D 86 -0.96 -27.28 -18.56
N ARG D 87 -2.04 -27.70 -19.21
CA ARG D 87 -3.39 -27.38 -18.77
C ARG D 87 -4.20 -28.64 -18.61
N ILE D 88 -4.91 -28.76 -17.50
CA ILE D 88 -5.68 -29.96 -17.19
C ILE D 88 -7.18 -29.68 -17.18
N TRP D 89 -7.97 -30.58 -17.78
CA TRP D 89 -9.41 -30.36 -17.87
C TRP D 89 -10.20 -31.46 -17.18
N GLU D 90 -11.35 -31.07 -16.63
CA GLU D 90 -12.18 -31.94 -15.82
C GLU D 90 -13.47 -32.31 -16.55
N GLU D 91 -13.97 -33.51 -16.30
CA GLU D 91 -15.27 -33.94 -16.82
C GLU D 91 -16.35 -33.71 -15.77
N LYS D 92 -17.38 -32.95 -16.14
CA LYS D 92 -18.57 -32.79 -15.30
C LYS D 92 -19.79 -32.69 -16.21
N SER D 93 -20.92 -32.31 -15.62
CA SER D 93 -22.13 -32.03 -16.41
C SER D 93 -22.89 -30.84 -15.84
N ILE D 94 -23.84 -30.33 -16.61
CA ILE D 94 -24.76 -29.30 -16.13
C ILE D 94 -26.20 -29.82 -16.14
N ASP D 95 -26.74 -29.98 -17.34
CA ASP D 95 -28.13 -30.39 -17.52
C ASP D 95 -28.29 -31.89 -17.75
N GLY D 96 -27.19 -32.64 -17.63
CA GLY D 96 -27.18 -34.03 -18.02
C GLY D 96 -26.41 -34.22 -19.32
N ILE D 97 -25.78 -33.15 -19.77
CA ILE D 97 -24.89 -33.17 -20.92
C ILE D 97 -23.48 -32.83 -20.43
N PRO D 98 -22.45 -33.41 -21.08
CA PRO D 98 -21.05 -33.24 -20.64
C PRO D 98 -20.55 -31.79 -20.67
N MET D 99 -19.93 -31.38 -19.57
CA MET D 99 -19.28 -30.07 -19.50
C MET D 99 -17.80 -30.25 -19.16
N THR D 100 -16.94 -29.57 -19.91
CA THR D 100 -15.51 -29.60 -19.62
C THR D 100 -15.12 -28.33 -18.86
N LYS D 101 -14.19 -28.47 -17.92
CA LYS D 101 -13.82 -27.36 -17.05
C LYS D 101 -12.31 -27.31 -16.80
N LEU D 102 -11.72 -26.13 -17.03
CA LEU D 102 -10.31 -25.93 -16.72
C LEU D 102 -10.13 -25.95 -15.22
N MET D 103 -9.27 -26.84 -14.74
CA MET D 103 -9.08 -27.00 -13.30
C MET D 103 -7.68 -26.60 -12.87
N LEU D 104 -7.57 -26.24 -11.60
CA LEU D 104 -6.29 -25.91 -10.99
C LEU D 104 -6.09 -26.87 -9.84
N PRO D 105 -5.46 -28.02 -10.12
CA PRO D 105 -5.27 -29.10 -9.15
C PRO D 105 -4.68 -28.64 -7.82
N THR D 106 -5.30 -29.07 -6.74
CA THR D 106 -4.85 -28.75 -5.39
C THR D 106 -3.44 -29.25 -5.16
N ASP D 107 -3.13 -30.43 -5.71
CA ASP D 107 -1.76 -30.89 -5.82
C ASP D 107 -1.53 -31.30 -7.28
N ILE D 108 -0.74 -30.52 -8.00
CA ILE D 108 -0.43 -30.82 -9.40
C ILE D 108 0.73 -31.79 -9.51
N GLU D 109 1.67 -31.69 -8.58
CA GLU D 109 2.93 -32.42 -8.65
C GLU D 109 2.74 -33.92 -8.44
N SER D 110 1.79 -34.28 -7.59
CA SER D 110 1.53 -35.69 -7.28
C SER D 110 0.47 -36.28 -8.21
N LEU D 111 -0.11 -35.44 -9.05
CA LEU D 111 -1.09 -35.90 -10.03
C LEU D 111 -0.40 -36.68 -11.14
N LEU D 112 0.86 -36.33 -11.40
CA LEU D 112 1.62 -36.99 -12.45
C LEU D 112 2.73 -37.86 -11.84
N SER D 131 -1.32 -15.04 -18.71
CA SER D 131 -1.37 -16.38 -19.33
C SER D 131 -1.33 -17.47 -18.26
N VAL D 132 -2.47 -18.13 -18.03
CA VAL D 132 -2.53 -19.12 -16.96
C VAL D 132 -2.23 -20.53 -17.50
N TRP D 133 -1.04 -21.02 -17.17
CA TRP D 133 -0.56 -22.31 -17.58
C TRP D 133 0.39 -22.79 -16.50
N TYR D 134 0.46 -24.10 -16.30
CA TYR D 134 1.53 -24.65 -15.50
C TYR D 134 2.76 -24.76 -16.40
N SER D 135 3.94 -24.66 -15.82
CA SER D 135 5.18 -24.72 -16.60
C SER D 135 6.17 -25.68 -15.95
N PHE D 136 6.90 -26.42 -16.78
CA PHE D 136 7.81 -27.44 -16.26
C PHE D 136 9.17 -26.89 -15.84
N HIS D 137 9.54 -27.19 -14.61
CA HIS D 137 10.83 -26.78 -14.06
C HIS D 137 11.68 -28.01 -13.75
N MET D 152 22.94 -32.37 -31.61
CA MET D 152 22.34 -31.05 -31.54
C MET D 152 21.14 -30.95 -32.48
N SER D 153 21.17 -31.73 -33.56
CA SER D 153 20.07 -31.79 -34.50
C SER D 153 19.03 -32.80 -34.03
N THR D 154 19.42 -33.59 -33.04
CA THR D 154 18.54 -34.56 -32.41
C THR D 154 17.93 -33.98 -31.15
N TYR D 155 18.21 -32.70 -30.89
CA TYR D 155 17.85 -32.06 -29.64
C TYR D 155 16.37 -32.17 -29.24
N LEU D 156 15.48 -31.77 -30.13
CA LEU D 156 14.06 -31.73 -29.79
C LEU D 156 13.46 -33.12 -29.60
N ARG D 157 13.94 -34.10 -30.36
CA ARG D 157 13.44 -35.47 -30.23
C ARG D 157 13.80 -36.07 -28.87
N ARG D 158 15.02 -35.82 -28.42
CA ARG D 158 15.46 -36.25 -27.09
C ARG D 158 14.60 -35.57 -26.04
N TRP D 159 14.58 -34.24 -26.07
CA TRP D 159 13.86 -33.43 -25.10
C TRP D 159 12.39 -33.81 -25.00
N VAL D 160 11.85 -34.32 -26.10
CA VAL D 160 10.47 -34.81 -26.10
C VAL D 160 10.38 -36.11 -25.32
N SER D 161 11.29 -37.04 -25.60
CA SER D 161 11.30 -38.33 -24.91
C SER D 161 11.46 -38.17 -23.39
N ILE D 162 12.33 -37.26 -22.99
CA ILE D 162 12.57 -37.01 -21.57
C ILE D 162 11.43 -36.26 -20.89
N PHE D 163 11.02 -35.13 -21.46
CA PHE D 163 10.05 -34.25 -20.81
C PHE D 163 8.59 -34.61 -21.09
N ILE D 164 8.35 -35.51 -22.03
CA ILE D 164 6.99 -35.90 -22.40
C ILE D 164 6.76 -37.41 -22.43
N PHE D 165 7.46 -38.11 -23.32
CA PHE D 165 7.27 -39.55 -23.51
C PHE D 165 7.64 -40.39 -22.30
N SER D 166 8.43 -39.82 -21.39
CA SER D 166 8.88 -40.54 -20.21
C SER D 166 7.73 -40.86 -19.26
N TRP D 167 7.01 -39.83 -18.82
CA TRP D 167 5.91 -40.03 -17.89
C TRP D 167 4.60 -40.48 -18.55
N LEU D 168 4.32 -39.96 -19.75
CA LEU D 168 3.09 -40.33 -20.45
C LEU D 168 3.19 -41.68 -21.16
N GLY D 169 4.35 -41.96 -21.76
CA GLY D 169 4.58 -43.23 -22.44
C GLY D 169 4.15 -43.21 -23.90
N TYR D 170 4.85 -43.97 -24.74
CA TYR D 170 4.58 -43.97 -26.18
C TYR D 170 4.13 -45.35 -26.66
#